data_7XSS
#
_entry.id   7XSS
#
_cell.length_a   1.00
_cell.length_b   1.00
_cell.length_c   1.00
_cell.angle_alpha   90.00
_cell.angle_beta   90.00
_cell.angle_gamma   90.00
#
_symmetry.space_group_name_H-M   'P 1'
#
loop_
_entity.id
_entity.type
_entity.pdbx_description
1 polymer 'CHAT domain protein'
2 polymer "RNA (5'-R(P*GP*GP*GP*GP*CP*AP*GP*AP*AP*AP*AP*UP*UP*GP*GP*AP*CP*GP*AP*U)-3')"
3 polymer 'RNA (34-MER)'
4 polymer 'RAMP superfamily protein'
5 non-polymer 'ZINC ION'
#
loop_
_entity_poly.entity_id
_entity_poly.type
_entity_poly.pdbx_seq_one_letter_code
_entity_poly.pdbx_strand_id
1 'polypeptide(L)'
;MNNTEENIDRIQEPTREDIDRKEAERLLDEAFNPRTKPVDRKKIINSALKILIGLYKEKKDDLTSASFISIARAYYLVSI
TILPKGTTIPEKKKEALRKGIEFIDRAINKFNGSILDSQRAFRIKSVLSIEFNRIDREKCDNIKLKNLLNEAVDKGCTDF
DTYEWDIQIAIRLCELGVDMEGHFDNLIKSNKANDLQKAKAYYFIKKDDHKAKEHMDKCTASLKYTPCSHRLWDETVGFI
ERLKGDSSTLWRDFAIKTYRSCRVQEKETGTLRLRWYWSRHRVLYDMAFLAVKEQADDEEPDVNVKQAKIKKLAEISDSL
KSRFSLRLSDMEKMPKSDDESNHEFKKFLDKCVTAYQDGYVINRSEDKEGQGENKSTTSKQPEPRPQAKLLELTQVPEGW
VVVHFYLNKLEGMGNAIVFDKCANSWQYKEFQYKELFEVFLTWQANYNLYKENAAEHLVTLCKKIGETMPFLFCDNFIPN
GKDVLFVPHDFLHRLPLHGSIENKTNGKLFLENHSCCYLPAWSFASEKEASTSDEYVLLKNFDQGHFETLQNNQIWGTQS
VKDGASSDDLENIRNNPRLLTILCHGEANMSNPFRSMLKLANGGITYLEILNSVKGLKGSQVILGACETDLVPPLSDVMD
EHYSVATALLLIGAAGVVGTMWKVRSNKTKSLIEWKLENIEYKLNEWQKETGGAAYKDHPPTFYRSIAFRSIGFPL
;
C
2 'polyribonucleotide' CUCUAGUAACAGCCGUGGAGUCCGGGGCAGAAAAUUGGACGAUUAA A
3 'polyribonucleotide' GUUAUGAAACAAGAGAAGGACUUAAUGUCACGGUACCCAAUUUUCUGCCCCGGACUCCACGGCUGUUACUAGAG D
4 'polypeptide(L)'
;MKSNDMNITVELTFFEPYRLVEWFDWDARKKSHSAMRGQAFAQWTWKGKGRTAGKSFITGTLVRSAVIKAVEELLSLNNG
KWEGVPCCNGSFQTDESKGKKPSFLRKRHTLQWQANNKNICDKEEACPFCILLGRFDNAGKVHERNKDYDIHFSNFDLDH
KQEKNDLRLVDIASGRILNRVDFDTGKAKDYFRTWEADYETYGTYTGRITLRNEHAKKLLLASLGFVDKLCGALCRIEVI
KKSESPLPSDTKEQSYTKDDTVEVLSEDHNDELRKQAEVIVEAFKQNDKLEKIRILADAIRTLRLHGEGVIEKDELPDGK
EERDKGHHLWDIKVQGTALRTKLKELWQSNKDIGWRKFTEMLGSNLYLIYKKETGGVSTRFRILGDTEYYSKAHDSEGSD
LFIPVTPPEGIETKEWIIVGRLKAATPFYFGVQQPSDSIPGKEKKSEDSLVINEHTSFNILLDKENRYRIPRSALRGALR
RDLRTAFGSGCNVSLGGQILCNCKVCIEMRRITLKDSVSDFSEPPEIRYRIAKNPGTATVEDGSLFDIEVGPEGLTFPFV
LRYRGHKFPEQLSSVIRYWEENDGKNGMAWLGGLDSTGKGRFALKDIKIFEWDLNQKINEYIKERGMRGKEKELLEMGES
SLPDGLIPYKFFEERECLFPYKENLKPQWSEVQYTIEVGSPLLTADTISALTEPGNRDAIAYKKRVYNDGNNAIEPEPRF
AVKSETHRGIFRTAVGRRTGDLGKEDHEDCTCDMCIIFGNEHESSKIRFEDLELINGNEFEKLEKHIDHVAIDRFTGGAL
DKAKFDTYPLAGSPKKPLKLKGRFWIKKGFSGDHKLLITTALSDIRDGLYPLGSKGGVGYGWVAGISIDDNVPDDFKEMI
NKTEMPLPEEVEESNNGPINNDYVHPGHQSPKQDHKNKNIYYPHYFLDSGSKVYREKDIITHEEFTEELLSGKINCKLET
LTPLIIPDTSDENGLKLQGNKPGHKNYKFFNINGELMIPGSELRGMLRTHFEALTKSCFAIFGEDSTLSWRMNADEKDYK
IDSNSIRKMESQRNPKYRIPDELQKELRNSGNGLFNRLYTSERRFWSDVSNKFENSIDYKREILRCAGRPKNYKGGIIRQ
RKDSLMAEELKVHRLPLYDNFDIPDSAYKANDHCRKSATCSTSRGCRERFTCGIKVRDKNRVFLNAANNNRQYLNNIKKS
NHDLYLQYLKGEKKIRFNSKVITGSERSPIDVIAELNERGRQTGFIKLSGLNNSNKSQGNTGTTFNSGWDRFELNILLDD
LETRPSKSDYPRPRLLFTKDQYEYNITKRCERVFEIDKGNKTGYPVDDQIKKNYEDILDSYDGIKDQEVAERFDTFTRGS
KLKVGDLVYFHIDGDNKIDSLIPVRISRKCASKTLGGKLDKALHPCTGLSDGLCPGCHLFGTTDYKGRVKFGFAKYENGP
EWLITRGNNPERSLTLGVLESPRPAFSIPDDESEIPGRKFYLHHNGWRIIRQKQLEIRETVQPERNVTTEVMDKGNVFSF
DVRFENLREWELGLLLQSLDPGKNIAHKLGKGKPYGFGSVKIKIDSLHTFKINSNNDKIKRVPQSDIREYINKGYQKLIE
WSGNNSIQKGNVLPQWHVIPHIDKLYKLLWVPFLNDSKLEPDVRYPVLNEESKGYIEGSDYTYKKLGDKDNLPYKTRVKG
LTTPWSPWNPFQVIAEHEEQEVNVTGSRPSVTDKIERDGKMV
;
B
#
# COMPACT_ATOMS: atom_id res chain seq x y z
N THR A 15 -25.99 -29.33 -26.32
CA THR A 15 -25.84 -30.37 -25.31
C THR A 15 -24.67 -30.06 -24.38
N ARG A 16 -24.35 -28.77 -24.24
CA ARG A 16 -23.26 -28.31 -23.40
C ARG A 16 -23.82 -27.49 -22.24
N GLU A 17 -23.36 -27.80 -21.03
CA GLU A 17 -23.80 -27.06 -19.85
C GLU A 17 -23.32 -25.62 -19.92
N ASP A 18 -24.16 -24.70 -19.44
CA ASP A 18 -23.80 -23.29 -19.47
C ASP A 18 -22.62 -22.99 -18.55
N ILE A 19 -22.46 -23.77 -17.49
CA ILE A 19 -21.36 -23.60 -16.53
C ILE A 19 -20.49 -24.84 -16.65
N ASP A 20 -19.42 -24.73 -17.44
CA ASP A 20 -18.50 -25.83 -17.69
C ASP A 20 -17.10 -25.48 -17.18
N ARG A 21 -16.37 -26.52 -16.78
CA ARG A 21 -15.01 -26.36 -16.28
C ARG A 21 -13.97 -27.03 -17.18
N LYS A 22 -14.36 -27.45 -18.39
CA LYS A 22 -13.43 -28.11 -19.29
C LYS A 22 -12.25 -27.22 -19.66
N GLU A 23 -12.46 -25.90 -19.74
CA GLU A 23 -11.37 -24.99 -20.04
C GLU A 23 -10.26 -25.03 -18.99
N ALA A 24 -10.62 -25.08 -17.71
CA ALA A 24 -9.64 -25.21 -16.64
C ALA A 24 -8.97 -26.58 -16.62
N GLU A 25 -9.73 -27.65 -16.88
CA GLU A 25 -9.15 -28.98 -16.94
C GLU A 25 -8.13 -29.11 -18.06
N ARG A 26 -8.45 -28.58 -19.25
CA ARG A 26 -7.49 -28.57 -20.35
C ARG A 26 -6.26 -27.77 -19.97
N LEU A 27 -6.44 -26.63 -19.31
CA LEU A 27 -5.32 -25.78 -18.96
C LEU A 27 -4.38 -26.48 -17.98
N LEU A 28 -4.95 -27.12 -16.95
CA LEU A 28 -4.15 -27.87 -15.98
C LEU A 28 -3.49 -29.07 -16.63
N ASP A 29 -4.18 -29.75 -17.55
CA ASP A 29 -3.57 -30.87 -18.24
C ASP A 29 -2.38 -30.44 -19.08
N GLU A 30 -2.49 -29.32 -19.78
CA GLU A 30 -1.35 -28.81 -20.53
C GLU A 30 -0.21 -28.40 -19.60
N ALA A 31 -0.54 -27.79 -18.46
CA ALA A 31 0.50 -27.40 -17.50
C ALA A 31 1.14 -28.60 -16.82
N PHE A 32 0.49 -29.77 -16.85
CA PHE A 32 1.03 -30.93 -16.15
C PHE A 32 2.24 -31.50 -16.87
N ASN A 33 2.17 -31.66 -18.19
CA ASN A 33 3.25 -32.30 -18.93
C ASN A 33 4.49 -31.40 -18.95
N PRO A 34 5.70 -32.01 -18.94
CA PRO A 34 6.96 -31.24 -18.94
C PRO A 34 7.33 -30.70 -20.33
N ARG A 35 6.35 -30.12 -21.01
CA ARG A 35 6.58 -29.43 -22.28
C ARG A 35 6.44 -27.92 -22.16
N THR A 36 6.42 -27.41 -20.93
CA THR A 36 6.22 -25.99 -20.67
C THR A 36 7.40 -25.45 -19.90
N LYS A 37 7.69 -24.17 -20.12
CA LYS A 37 8.79 -23.50 -19.45
C LYS A 37 8.49 -23.38 -17.95
N PRO A 38 9.46 -23.73 -17.10
CA PRO A 38 9.25 -23.54 -15.64
C PRO A 38 8.89 -22.11 -15.26
N VAL A 39 9.46 -21.12 -15.95
CA VAL A 39 9.18 -19.72 -15.61
C VAL A 39 7.74 -19.33 -15.94
N ASP A 40 7.14 -19.91 -16.97
CA ASP A 40 5.80 -19.54 -17.41
C ASP A 40 4.72 -20.45 -16.84
N ARG A 41 5.07 -21.38 -15.94
CA ARG A 41 4.09 -22.32 -15.41
C ARG A 41 3.16 -21.69 -14.39
N LYS A 42 3.62 -20.70 -13.63
CA LYS A 42 2.83 -20.14 -12.53
C LYS A 42 1.69 -19.24 -13.00
N LYS A 43 1.93 -18.37 -13.99
CA LYS A 43 0.90 -17.44 -14.42
C LYS A 43 -0.32 -18.16 -14.99
N ILE A 44 -0.08 -19.21 -15.79
CA ILE A 44 -1.17 -19.90 -16.47
C ILE A 44 -2.03 -20.69 -15.48
N ILE A 45 -1.39 -21.36 -14.52
CA ILE A 45 -2.15 -22.05 -13.49
C ILE A 45 -2.87 -21.05 -12.59
N ASN A 46 -2.28 -19.86 -12.38
CA ASN A 46 -2.99 -18.83 -11.62
C ASN A 46 -4.23 -18.37 -12.38
N SER A 47 -4.15 -18.24 -13.70
CA SER A 47 -5.32 -17.90 -14.49
C SER A 47 -6.40 -18.98 -14.40
N ALA A 48 -5.98 -20.25 -14.48
CA ALA A 48 -6.95 -21.34 -14.34
C ALA A 48 -7.62 -21.32 -12.97
N LEU A 49 -6.83 -21.10 -11.91
CA LEU A 49 -7.40 -20.99 -10.57
C LEU A 49 -8.34 -19.80 -10.45
N LYS A 50 -8.02 -18.69 -11.09
CA LYS A 50 -8.92 -17.53 -11.09
C LYS A 50 -10.25 -17.88 -11.77
N ILE A 51 -10.19 -18.58 -12.90
CA ILE A 51 -11.42 -18.99 -13.59
C ILE A 51 -12.25 -19.90 -12.69
N LEU A 52 -11.60 -20.89 -12.06
CA LEU A 52 -12.32 -21.81 -11.19
C LEU A 52 -12.92 -21.11 -9.98
N ILE A 53 -12.18 -20.17 -9.37
CA ILE A 53 -12.68 -19.46 -8.20
C ILE A 53 -13.83 -18.55 -8.57
N GLY A 54 -13.76 -17.90 -9.74
CA GLY A 54 -14.88 -17.12 -10.21
C GLY A 54 -16.12 -17.98 -10.43
N LEU A 55 -15.94 -19.16 -11.02
CA LEU A 55 -17.05 -20.09 -11.20
C LEU A 55 -17.64 -20.51 -9.86
N TYR A 56 -16.78 -20.77 -8.86
CA TYR A 56 -17.26 -21.13 -7.53
C TYR A 56 -18.00 -19.98 -6.86
N LYS A 57 -17.53 -18.74 -7.05
CA LYS A 57 -18.23 -17.60 -6.47
C LYS A 57 -19.58 -17.36 -7.14
N GLU A 58 -19.68 -17.67 -8.44
CA GLU A 58 -20.96 -17.49 -9.13
C GLU A 58 -22.02 -18.42 -8.57
N LYS A 59 -21.68 -19.68 -8.32
CA LYS A 59 -22.59 -20.66 -7.73
C LYS A 59 -22.01 -21.11 -6.40
N LYS A 60 -22.62 -20.66 -5.30
CA LYS A 60 -22.02 -20.80 -3.98
C LYS A 60 -21.92 -22.26 -3.53
N ASP A 61 -23.07 -22.93 -3.38
CA ASP A 61 -23.09 -24.28 -2.84
C ASP A 61 -23.76 -25.29 -3.75
N ASP A 62 -24.23 -24.88 -4.93
CA ASP A 62 -24.84 -25.79 -5.89
C ASP A 62 -23.85 -26.27 -6.95
N LEU A 63 -22.56 -25.98 -6.77
CA LEU A 63 -21.55 -26.37 -7.73
C LEU A 63 -21.35 -27.88 -7.72
N THR A 64 -21.02 -28.44 -8.88
CA THR A 64 -20.86 -29.87 -9.01
C THR A 64 -19.52 -30.32 -8.39
N SER A 65 -19.40 -31.63 -8.20
CA SER A 65 -18.21 -32.20 -7.56
C SER A 65 -16.98 -32.11 -8.44
N ALA A 66 -17.14 -32.23 -9.76
CA ALA A 66 -15.99 -32.21 -10.66
C ALA A 66 -15.25 -30.88 -10.61
N SER A 67 -15.98 -29.77 -10.51
CA SER A 67 -15.33 -28.47 -10.36
C SER A 67 -14.52 -28.40 -9.08
N PHE A 68 -15.06 -28.97 -7.99
CA PHE A 68 -14.31 -29.03 -6.74
C PHE A 68 -13.05 -29.87 -6.90
N ILE A 69 -13.14 -30.98 -7.63
CA ILE A 69 -11.98 -31.82 -7.88
C ILE A 69 -10.91 -31.04 -8.64
N SER A 70 -11.33 -30.30 -9.68
CA SER A 70 -10.36 -29.51 -10.45
C SER A 70 -9.74 -28.41 -9.59
N ILE A 71 -10.54 -27.78 -8.72
CA ILE A 71 -10.00 -26.76 -7.82
C ILE A 71 -8.95 -27.35 -6.89
N ALA A 72 -9.24 -28.52 -6.31
CA ALA A 72 -8.27 -29.17 -5.44
C ALA A 72 -7.02 -29.57 -6.20
N ARG A 73 -7.17 -30.04 -7.43
CA ARG A 73 -6.00 -30.37 -8.25
C ARG A 73 -5.14 -29.15 -8.53
N ALA A 74 -5.79 -28.02 -8.86
CA ALA A 74 -5.05 -26.79 -9.10
C ALA A 74 -4.32 -26.33 -7.84
N TYR A 75 -4.97 -26.44 -6.68
CA TYR A 75 -4.32 -26.08 -5.43
C TYR A 75 -3.13 -27.00 -5.15
N TYR A 76 -3.27 -28.29 -5.40
CA TYR A 76 -2.16 -29.21 -5.18
C TYR A 76 -0.97 -28.86 -6.08
N LEU A 77 -1.25 -28.56 -7.35
CA LEU A 77 -0.18 -28.16 -8.26
C LEU A 77 0.46 -26.84 -7.85
N VAL A 78 -0.34 -25.86 -7.42
CA VAL A 78 0.22 -24.58 -7.00
C VAL A 78 1.05 -24.74 -5.73
N SER A 79 0.73 -25.75 -4.91
CA SER A 79 1.60 -26.04 -3.78
C SER A 79 2.90 -26.68 -4.23
N ILE A 80 2.84 -27.61 -5.18
CA ILE A 80 4.08 -28.25 -5.64
C ILE A 80 4.98 -27.31 -6.43
N THR A 81 4.43 -26.25 -7.02
CA THR A 81 5.26 -25.29 -7.76
C THR A 81 5.89 -24.24 -6.84
N ILE A 82 5.86 -24.46 -5.54
CA ILE A 82 6.46 -23.55 -4.56
C ILE A 82 7.56 -24.31 -3.84
N LEU A 83 8.75 -23.69 -3.75
CA LEU A 83 9.92 -24.32 -3.17
C LEU A 83 10.16 -23.81 -1.75
N PRO A 84 10.68 -24.66 -0.86
CA PRO A 84 10.91 -24.24 0.53
C PRO A 84 12.20 -23.47 0.71
N LYS A 85 12.16 -22.16 0.43
CA LYS A 85 13.36 -21.33 0.54
C LYS A 85 13.82 -21.22 1.99
N GLY A 86 15.13 -21.16 2.17
CA GLY A 86 15.70 -20.95 3.49
C GLY A 86 15.42 -22.12 4.41
N THR A 87 15.37 -21.83 5.71
CA THR A 87 15.05 -22.83 6.72
C THR A 87 13.59 -22.81 7.16
N THR A 88 12.83 -21.79 6.79
CA THR A 88 11.41 -21.69 7.13
C THR A 88 10.59 -21.76 5.85
N ILE A 89 9.61 -22.67 5.85
CA ILE A 89 8.77 -22.85 4.65
C ILE A 89 7.79 -21.68 4.54
N PRO A 90 7.55 -21.15 3.35
CA PRO A 90 6.57 -20.07 3.20
C PRO A 90 5.16 -20.54 3.54
N GLU A 91 4.35 -19.58 4.01
CA GLU A 91 3.00 -19.88 4.45
C GLU A 91 2.04 -20.16 3.30
N LYS A 92 2.35 -19.69 2.09
CA LYS A 92 1.45 -19.86 0.97
C LYS A 92 1.26 -21.34 0.60
N LYS A 93 2.34 -22.12 0.68
CA LYS A 93 2.21 -23.56 0.41
C LYS A 93 1.28 -24.23 1.40
N LYS A 94 1.44 -23.95 2.69
CA LYS A 94 0.59 -24.54 3.72
C LYS A 94 -0.86 -24.11 3.53
N GLU A 95 -1.09 -22.83 3.22
CA GLU A 95 -2.44 -22.34 3.02
C GLU A 95 -3.09 -22.99 1.80
N ALA A 96 -2.33 -23.14 0.72
CA ALA A 96 -2.85 -23.80 -0.47
C ALA A 96 -3.22 -25.25 -0.19
N LEU A 97 -2.36 -25.96 0.56
CA LEU A 97 -2.69 -27.34 0.91
C LEU A 97 -3.95 -27.40 1.79
N ARG A 98 -4.07 -26.50 2.76
CA ARG A 98 -5.26 -26.49 3.61
C ARG A 98 -6.53 -26.25 2.80
N LYS A 99 -6.48 -25.27 1.88
CA LYS A 99 -7.64 -25.00 1.05
C LYS A 99 -7.96 -26.19 0.14
N GLY A 100 -6.93 -26.84 -0.40
CA GLY A 100 -7.16 -27.99 -1.26
C GLY A 100 -7.78 -29.16 -0.52
N ILE A 101 -7.30 -29.44 0.71
CA ILE A 101 -7.88 -30.55 1.47
C ILE A 101 -9.29 -30.21 1.90
N GLU A 102 -9.57 -28.94 2.21
CA GLU A 102 -10.95 -28.57 2.55
C GLU A 102 -11.86 -28.76 1.35
N PHE A 103 -11.42 -28.34 0.17
CA PHE A 103 -12.23 -28.50 -1.04
C PHE A 103 -12.44 -29.97 -1.37
N ILE A 104 -11.41 -30.79 -1.21
CA ILE A 104 -11.56 -32.23 -1.44
C ILE A 104 -12.49 -32.88 -0.43
N ASP A 105 -12.47 -32.44 0.83
CA ASP A 105 -13.42 -32.97 1.81
C ASP A 105 -14.85 -32.59 1.46
N ARG A 106 -15.04 -31.34 1.02
CA ARG A 106 -16.37 -30.91 0.60
C ARG A 106 -16.85 -31.71 -0.61
N ALA A 107 -15.96 -31.97 -1.57
CA ALA A 107 -16.33 -32.78 -2.72
C ALA A 107 -16.64 -34.22 -2.32
N ILE A 108 -15.89 -34.77 -1.37
CA ILE A 108 -16.11 -36.15 -0.95
C ILE A 108 -17.43 -36.29 -0.20
N ASN A 109 -17.80 -35.28 0.60
CA ASN A 109 -18.97 -35.39 1.48
C ASN A 109 -20.24 -35.67 0.66
N LYS A 110 -20.46 -34.92 -0.41
CA LYS A 110 -21.60 -35.14 -1.29
C LYS A 110 -21.09 -35.55 -2.66
N PHE A 111 -21.61 -36.67 -3.18
CA PHE A 111 -21.12 -37.25 -4.42
C PHE A 111 -22.27 -37.51 -5.38
N ASN A 112 -22.00 -37.29 -6.67
CA ASN A 112 -22.99 -37.60 -7.71
C ASN A 112 -23.06 -39.10 -7.95
N GLY A 113 -21.93 -39.80 -7.81
CA GLY A 113 -21.86 -41.23 -8.03
C GLY A 113 -21.12 -41.59 -9.30
N SER A 114 -19.86 -41.99 -9.15
CA SER A 114 -19.02 -42.38 -10.28
C SER A 114 -17.85 -43.20 -9.76
N ILE A 115 -17.11 -43.81 -10.68
CA ILE A 115 -15.93 -44.61 -10.36
C ILE A 115 -14.65 -43.81 -10.56
N LEU A 116 -14.43 -43.29 -11.77
CA LEU A 116 -13.24 -42.50 -12.04
C LEU A 116 -13.21 -41.23 -11.21
N ASP A 117 -14.36 -40.58 -11.03
CA ASP A 117 -14.41 -39.37 -10.20
C ASP A 117 -14.01 -39.67 -8.76
N SER A 118 -14.52 -40.76 -8.19
CA SER A 118 -14.16 -41.13 -6.83
C SER A 118 -12.68 -41.49 -6.73
N GLN A 119 -12.15 -42.23 -7.70
CA GLN A 119 -10.74 -42.58 -7.68
C GLN A 119 -9.86 -41.35 -7.73
N ARG A 120 -10.19 -40.40 -8.62
CA ARG A 120 -9.42 -39.17 -8.73
C ARG A 120 -9.54 -38.32 -7.46
N ALA A 121 -10.74 -38.24 -6.88
CA ALA A 121 -10.92 -37.47 -5.65
C ALA A 121 -10.07 -38.03 -4.52
N PHE A 122 -10.09 -39.35 -4.35
CA PHE A 122 -9.28 -39.96 -3.31
C PHE A 122 -7.79 -39.83 -3.60
N ARG A 123 -7.41 -39.88 -4.88
CA ARG A 123 -6.01 -39.67 -5.25
C ARG A 123 -5.54 -38.28 -4.84
N ILE A 124 -6.33 -37.25 -5.17
CA ILE A 124 -5.96 -35.88 -4.83
C ILE A 124 -5.93 -35.68 -3.32
N LYS A 125 -6.92 -36.23 -2.62
CA LYS A 125 -6.92 -36.12 -1.16
C LYS A 125 -5.69 -36.80 -0.56
N SER A 126 -5.32 -37.98 -1.07
CA SER A 126 -4.19 -38.70 -0.54
C SER A 126 -2.88 -37.94 -0.78
N VAL A 127 -2.70 -37.40 -1.98
CA VAL A 127 -1.45 -36.68 -2.25
C VAL A 127 -1.39 -35.39 -1.45
N LEU A 128 -2.52 -34.69 -1.29
CA LEU A 128 -2.53 -33.50 -0.46
C LEU A 128 -2.20 -33.82 0.99
N SER A 129 -2.77 -34.91 1.51
CA SER A 129 -2.47 -35.32 2.88
C SER A 129 -1.01 -35.71 3.05
N ILE A 130 -0.44 -36.39 2.05
CA ILE A 130 0.98 -36.78 2.13
C ILE A 130 1.86 -35.53 2.17
N GLU A 131 1.58 -34.56 1.30
CA GLU A 131 2.36 -33.32 1.32
C GLU A 131 2.20 -32.58 2.64
N PHE A 132 0.97 -32.51 3.15
CA PHE A 132 0.73 -31.82 4.42
C PHE A 132 1.47 -32.49 5.57
N ASN A 133 1.46 -33.82 5.63
CA ASN A 133 2.17 -34.53 6.68
C ASN A 133 3.68 -34.37 6.54
N ARG A 134 4.19 -34.40 5.31
CA ARG A 134 5.62 -34.19 5.10
C ARG A 134 6.04 -32.82 5.57
N ILE A 135 5.23 -31.79 5.30
CA ILE A 135 5.57 -30.44 5.74
C ILE A 135 5.51 -30.33 7.26
N ASP A 136 4.44 -30.84 7.87
CA ASP A 136 4.33 -30.82 9.33
C ASP A 136 3.50 -32.02 9.76
N ARG A 137 3.88 -32.64 10.88
CA ARG A 137 3.22 -33.84 11.37
C ARG A 137 2.25 -33.54 12.51
N GLU A 138 2.23 -32.31 13.04
CA GLU A 138 1.37 -32.02 14.18
C GLU A 138 -0.10 -32.01 13.77
N LYS A 139 -0.44 -31.32 12.67
CA LYS A 139 -1.82 -31.23 12.25
C LYS A 139 -2.32 -32.55 11.65
N CYS A 140 -1.51 -33.18 10.82
CA CYS A 140 -1.84 -34.46 10.18
C CYS A 140 -0.89 -35.51 10.72
N ASP A 141 -1.28 -36.18 11.80
CA ASP A 141 -0.44 -37.20 12.41
C ASP A 141 -0.38 -38.44 11.53
N ASN A 142 0.46 -39.40 11.93
CA ASN A 142 0.69 -40.59 11.12
C ASN A 142 -0.52 -41.52 11.08
N ILE A 143 -1.31 -41.56 12.16
CA ILE A 143 -2.44 -42.49 12.20
C ILE A 143 -3.52 -42.09 11.21
N LYS A 144 -3.89 -40.80 11.17
CA LYS A 144 -4.90 -40.35 10.22
C LYS A 144 -4.42 -40.53 8.78
N LEU A 145 -3.15 -40.24 8.52
CA LEU A 145 -2.60 -40.46 7.18
C LEU A 145 -2.67 -41.93 6.80
N LYS A 146 -2.31 -42.82 7.74
CA LYS A 146 -2.37 -44.25 7.47
C LYS A 146 -3.79 -44.69 7.16
N ASN A 147 -4.76 -44.23 7.95
CA ASN A 147 -6.14 -44.63 7.70
C ASN A 147 -6.64 -44.12 6.37
N LEU A 148 -6.37 -42.85 6.05
CA LEU A 148 -6.81 -42.28 4.78
C LEU A 148 -6.17 -43.00 3.60
N LEU A 149 -4.87 -43.28 3.69
CA LEU A 149 -4.17 -43.93 2.60
C LEU A 149 -4.60 -45.38 2.44
N ASN A 150 -4.88 -46.08 3.55
CA ASN A 150 -5.41 -47.44 3.47
C ASN A 150 -6.78 -47.45 2.82
N GLU A 151 -7.64 -46.49 3.17
CA GLU A 151 -8.93 -46.38 2.50
C GLU A 151 -8.77 -46.10 1.00
N ALA A 152 -7.83 -45.22 0.64
CA ALA A 152 -7.59 -44.92 -0.77
C ALA A 152 -7.12 -46.15 -1.52
N VAL A 153 -6.18 -46.90 -0.96
CA VAL A 153 -5.70 -48.12 -1.63
C VAL A 153 -6.78 -49.20 -1.65
N ASP A 154 -7.71 -49.18 -0.69
CA ASP A 154 -8.88 -50.06 -0.76
C ASP A 154 -9.77 -49.66 -1.94
N LYS A 155 -9.93 -48.36 -2.18
CA LYS A 155 -10.77 -47.90 -3.28
C LYS A 155 -10.32 -48.44 -4.63
N GLY A 156 -9.02 -48.72 -4.78
CA GLY A 156 -8.55 -49.39 -5.98
C GLY A 156 -7.65 -48.57 -6.88
N CYS A 157 -6.94 -47.59 -6.32
CA CYS A 157 -6.00 -46.77 -7.09
C CYS A 157 -4.65 -47.47 -7.09
N THR A 158 -4.51 -48.48 -7.95
CA THR A 158 -3.29 -49.28 -8.02
C THR A 158 -2.74 -49.35 -9.44
N ASP A 159 -3.25 -48.53 -10.35
CA ASP A 159 -2.77 -48.51 -11.73
C ASP A 159 -1.44 -47.76 -11.76
N PHE A 160 -0.35 -48.50 -11.67
CA PHE A 160 0.97 -47.94 -11.47
C PHE A 160 1.64 -47.50 -12.76
N ASP A 161 1.06 -47.83 -13.92
CA ASP A 161 1.67 -47.56 -15.21
C ASP A 161 1.17 -46.27 -15.85
N THR A 162 0.29 -45.52 -15.18
CA THR A 162 -0.31 -44.33 -15.76
C THR A 162 0.05 -43.05 -15.02
N TYR A 163 -0.11 -43.04 -13.69
CA TYR A 163 0.09 -41.84 -12.89
C TYR A 163 1.11 -42.09 -11.80
N GLU A 164 1.97 -41.09 -11.56
CA GLU A 164 3.00 -41.21 -10.54
C GLU A 164 2.47 -40.96 -9.14
N TRP A 165 1.26 -40.40 -9.02
CA TRP A 165 0.67 -40.24 -7.69
C TRP A 165 0.44 -41.58 -7.02
N ASP A 166 0.04 -42.60 -7.80
CA ASP A 166 -0.05 -43.96 -7.25
C ASP A 166 1.33 -44.46 -6.83
N ILE A 167 2.37 -44.09 -7.57
CA ILE A 167 3.73 -44.46 -7.16
C ILE A 167 4.03 -43.88 -5.78
N GLN A 168 3.70 -42.60 -5.59
CA GLN A 168 3.92 -41.96 -4.29
C GLN A 168 3.08 -42.62 -3.20
N ILE A 169 1.83 -42.95 -3.51
CA ILE A 169 0.97 -43.60 -2.52
C ILE A 169 1.57 -44.94 -2.10
N ALA A 170 2.04 -45.73 -3.06
CA ALA A 170 2.63 -47.02 -2.75
C ALA A 170 3.91 -46.87 -1.93
N ILE A 171 4.77 -45.91 -2.29
CA ILE A 171 6.02 -45.74 -1.56
C ILE A 171 5.75 -45.29 -0.13
N ARG A 172 4.80 -44.35 0.06
CA ARG A 172 4.49 -43.92 1.41
C ARG A 172 3.81 -45.03 2.21
N LEU A 173 3.01 -45.86 1.55
CA LEU A 173 2.38 -47.00 2.20
C LEU A 173 3.44 -47.99 2.68
N CYS A 174 4.46 -48.22 1.86
CA CYS A 174 5.58 -49.06 2.26
C CYS A 174 6.32 -48.46 3.44
N GLU A 175 6.53 -47.14 3.41
CA GLU A 175 7.22 -46.46 4.51
C GLU A 175 6.45 -46.58 5.80
N LEU A 176 5.11 -46.49 5.75
CA LEU A 176 4.30 -46.39 6.95
C LEU A 176 4.28 -47.67 7.78
N GLY A 177 4.34 -48.84 7.15
CA GLY A 177 4.43 -50.08 7.92
C GLY A 177 3.68 -51.28 7.38
N VAL A 178 2.63 -51.05 6.58
CA VAL A 178 1.83 -52.18 6.08
C VAL A 178 2.62 -52.97 5.04
N ASP A 179 2.13 -54.17 4.75
CA ASP A 179 2.76 -55.05 3.78
C ASP A 179 2.08 -54.88 2.43
N MET A 180 2.88 -54.77 1.38
CA MET A 180 2.42 -54.65 0.00
C MET A 180 3.18 -55.62 -0.91
N GLU A 181 3.24 -56.88 -0.50
CA GLU A 181 3.97 -57.88 -1.25
C GLU A 181 3.35 -58.19 -2.61
N GLY A 182 2.11 -57.78 -2.84
CA GLY A 182 1.42 -58.13 -4.07
C GLY A 182 1.68 -57.18 -5.23
N HIS A 183 1.78 -55.88 -4.92
CA HIS A 183 1.94 -54.86 -5.95
C HIS A 183 3.39 -54.61 -6.35
N PHE A 184 4.33 -55.39 -5.81
CA PHE A 184 5.75 -55.12 -6.04
C PHE A 184 6.14 -55.29 -7.50
N ASP A 185 5.66 -56.36 -8.16
CA ASP A 185 6.10 -56.60 -9.54
C ASP A 185 5.55 -55.54 -10.49
N ASN A 186 4.28 -55.13 -10.31
CA ASN A 186 3.75 -54.08 -11.17
C ASN A 186 4.33 -52.72 -10.81
N LEU A 187 4.75 -52.52 -9.56
CA LEU A 187 5.44 -51.30 -9.20
C LEU A 187 6.81 -51.21 -9.86
N ILE A 188 7.55 -52.32 -9.88
CA ILE A 188 8.86 -52.34 -10.51
C ILE A 188 8.74 -52.23 -12.02
N LYS A 189 7.76 -52.91 -12.63
CA LYS A 189 7.56 -52.85 -14.07
C LYS A 189 7.13 -51.48 -14.56
N SER A 190 6.65 -50.61 -13.67
CA SER A 190 6.23 -49.28 -14.07
C SER A 190 7.42 -48.44 -14.52
N ASN A 191 7.14 -47.47 -15.38
CA ASN A 191 8.19 -46.61 -15.94
C ASN A 191 8.25 -45.25 -15.26
N LYS A 192 7.15 -44.77 -14.68
CA LYS A 192 7.11 -43.43 -14.10
C LYS A 192 7.96 -43.31 -12.85
N ALA A 193 8.19 -44.41 -12.12
CA ALA A 193 8.94 -44.36 -10.88
C ALA A 193 10.42 -44.05 -11.15
N ASN A 194 11.05 -43.36 -10.21
CA ASN A 194 12.47 -43.02 -10.33
C ASN A 194 13.28 -44.02 -9.50
N ASP A 195 14.59 -43.76 -9.40
CA ASP A 195 15.49 -44.72 -8.76
C ASP A 195 15.35 -44.75 -7.23
N LEU A 196 15.11 -43.58 -6.61
CA LEU A 196 14.93 -43.55 -5.16
C LEU A 196 13.70 -44.34 -4.73
N GLN A 197 12.60 -44.20 -5.48
CA GLN A 197 11.39 -44.96 -5.16
C GLN A 197 11.63 -46.46 -5.36
N LYS A 198 12.39 -46.83 -6.39
CA LYS A 198 12.76 -48.23 -6.57
C LYS A 198 13.57 -48.75 -5.39
N ALA A 199 14.52 -47.95 -4.90
CA ALA A 199 15.32 -48.35 -3.75
C ALA A 199 14.45 -48.52 -2.51
N LYS A 200 13.52 -47.59 -2.29
CA LYS A 200 12.62 -47.72 -1.15
C LYS A 200 11.74 -48.96 -1.26
N ALA A 201 11.23 -49.26 -2.46
CA ALA A 201 10.44 -50.46 -2.64
C ALA A 201 11.27 -51.72 -2.39
N TYR A 202 12.51 -51.75 -2.88
CA TYR A 202 13.38 -52.90 -2.65
C TYR A 202 13.78 -53.03 -1.18
N TYR A 203 13.81 -51.93 -0.45
CA TYR A 203 14.22 -52.00 0.96
C TYR A 203 13.06 -52.32 1.88
N PHE A 204 11.82 -51.98 1.48
CA PHE A 204 10.67 -52.13 2.35
C PHE A 204 9.77 -53.31 1.98
N ILE A 205 10.04 -53.99 0.86
CA ILE A 205 9.26 -55.17 0.49
C ILE A 205 10.16 -56.40 0.45
N LYS A 206 11.14 -56.38 -0.45
CA LYS A 206 12.05 -57.51 -0.56
C LYS A 206 13.03 -57.57 0.61
N LYS A 207 13.30 -56.41 1.23
CA LYS A 207 14.19 -56.32 2.39
C LYS A 207 15.59 -56.85 2.06
N ASP A 208 16.01 -56.64 0.82
CA ASP A 208 17.37 -56.96 0.40
C ASP A 208 18.20 -55.70 0.29
N ASP A 209 19.52 -55.85 0.43
CA ASP A 209 20.41 -54.70 0.51
C ASP A 209 21.29 -54.52 -0.73
N HIS A 210 21.13 -55.36 -1.75
CA HIS A 210 21.97 -55.24 -2.93
C HIS A 210 21.29 -54.42 -4.03
N LYS A 211 20.08 -54.82 -4.43
CA LYS A 211 19.37 -54.10 -5.48
C LYS A 211 19.03 -52.68 -5.06
N ALA A 212 18.61 -52.48 -3.81
CA ALA A 212 18.36 -51.14 -3.30
C ALA A 212 19.64 -50.31 -3.31
N LYS A 213 20.75 -50.92 -2.90
CA LYS A 213 22.04 -50.23 -2.94
C LYS A 213 22.36 -49.77 -4.36
N GLU A 214 22.24 -50.66 -5.34
CA GLU A 214 22.55 -50.30 -6.72
C GLU A 214 21.62 -49.20 -7.23
N HIS A 215 20.33 -49.33 -6.94
CA HIS A 215 19.35 -48.37 -7.48
C HIS A 215 19.55 -46.98 -6.90
N MET A 216 19.71 -46.87 -5.58
CA MET A 216 19.87 -45.53 -5.01
C MET A 216 21.29 -45.02 -5.24
N ASP A 217 22.24 -45.92 -5.54
CA ASP A 217 23.55 -45.48 -6.01
C ASP A 217 23.44 -44.79 -7.37
N LYS A 218 22.67 -45.38 -8.29
CA LYS A 218 22.41 -44.72 -9.56
C LYS A 218 21.64 -43.41 -9.34
N CYS A 219 20.70 -43.41 -8.39
CA CYS A 219 19.97 -42.19 -8.06
C CYS A 219 20.90 -41.08 -7.59
N THR A 220 21.86 -41.42 -6.71
CA THR A 220 22.85 -40.44 -6.26
C THR A 220 23.75 -39.99 -7.40
N ALA A 221 24.18 -40.90 -8.28
CA ALA A 221 24.98 -40.51 -9.42
C ALA A 221 24.21 -39.59 -10.36
N SER A 222 22.88 -39.71 -10.39
CA SER A 222 22.05 -38.81 -11.19
C SER A 222 21.68 -37.53 -10.45
N LEU A 223 22.12 -37.38 -9.20
CA LEU A 223 21.83 -36.20 -8.41
C LEU A 223 22.86 -35.08 -8.57
N LYS A 224 23.94 -35.34 -9.31
CA LYS A 224 24.98 -34.34 -9.51
C LYS A 224 24.52 -33.15 -10.35
N TYR A 225 23.44 -33.29 -11.12
CA TYR A 225 22.97 -32.22 -11.98
C TYR A 225 21.67 -31.60 -11.51
N THR A 226 20.96 -32.22 -10.57
CA THR A 226 19.72 -31.66 -10.05
C THR A 226 20.02 -30.42 -9.21
N PRO A 227 19.37 -29.29 -9.46
CA PRO A 227 19.61 -28.10 -8.64
C PRO A 227 19.10 -28.31 -7.22
N CYS A 228 19.53 -27.42 -6.33
CA CYS A 228 19.19 -27.55 -4.92
C CYS A 228 17.82 -26.95 -4.62
N SER A 229 16.82 -27.34 -5.40
CA SER A 229 15.44 -26.94 -5.17
C SER A 229 14.44 -28.06 -5.35
N HIS A 230 14.84 -29.18 -5.94
CA HIS A 230 13.92 -30.28 -6.20
C HIS A 230 13.55 -31.00 -4.90
N ARG A 231 12.43 -31.73 -4.95
CA ARG A 231 12.03 -32.55 -3.83
C ARG A 231 12.96 -33.74 -3.62
N LEU A 232 13.78 -34.07 -4.62
CA LEU A 232 14.65 -35.23 -4.53
C LEU A 232 15.67 -35.10 -3.41
N TRP A 233 16.19 -33.88 -3.18
CA TRP A 233 17.12 -33.67 -2.08
C TRP A 233 16.45 -33.97 -0.74
N ASP A 234 15.24 -33.47 -0.55
CA ASP A 234 14.52 -33.72 0.70
C ASP A 234 14.19 -35.20 0.86
N GLU A 235 13.80 -35.87 -0.22
CA GLU A 235 13.52 -37.30 -0.14
C GLU A 235 14.77 -38.10 0.23
N THR A 236 15.92 -37.74 -0.36
CA THR A 236 17.17 -38.42 -0.02
C THR A 236 17.53 -38.18 1.44
N VAL A 237 17.37 -36.93 1.92
CA VAL A 237 17.67 -36.62 3.31
C VAL A 237 16.79 -37.44 4.24
N GLY A 238 15.48 -37.50 3.96
CA GLY A 238 14.59 -38.27 4.80
C GLY A 238 14.90 -39.75 4.78
N PHE A 239 15.20 -40.30 3.60
CA PHE A 239 15.52 -41.72 3.50
C PHE A 239 16.79 -42.05 4.29
N ILE A 240 17.82 -41.22 4.17
CA ILE A 240 19.06 -41.50 4.90
C ILE A 240 18.84 -41.33 6.40
N GLU A 241 18.03 -40.35 6.79
CA GLU A 241 17.71 -40.16 8.21
C GLU A 241 16.99 -41.39 8.78
N ARG A 242 16.01 -41.92 8.05
CA ARG A 242 15.32 -43.11 8.52
C ARG A 242 16.24 -44.32 8.55
N LEU A 243 17.12 -44.46 7.56
CA LEU A 243 18.09 -45.55 7.57
C LEU A 243 19.01 -45.45 8.79
N LYS A 244 19.43 -44.23 9.13
CA LYS A 244 20.20 -44.04 10.35
C LYS A 244 19.39 -44.40 11.59
N GLY A 245 18.10 -44.04 11.60
CA GLY A 245 17.25 -44.33 12.74
C GLY A 245 17.04 -45.81 13.00
N ASP A 246 16.97 -46.62 11.95
CA ASP A 246 16.78 -48.06 12.09
C ASP A 246 18.06 -48.82 12.38
N SER A 247 19.14 -48.11 12.72
CA SER A 247 20.43 -48.73 13.05
C SER A 247 20.94 -49.62 11.91
N SER A 248 20.70 -49.18 10.68
CA SER A 248 21.17 -49.91 9.52
C SER A 248 22.67 -49.70 9.32
N THR A 249 23.29 -50.64 8.61
CA THR A 249 24.70 -50.58 8.27
C THR A 249 24.90 -50.21 6.80
N LEU A 250 24.05 -49.33 6.27
CA LEU A 250 24.01 -49.05 4.85
C LEU A 250 23.92 -47.56 4.54
N TRP A 251 23.99 -46.70 5.56
CA TRP A 251 23.78 -45.27 5.34
C TRP A 251 25.05 -44.45 5.31
N ARG A 252 26.16 -44.95 5.86
CA ARG A 252 27.37 -44.15 5.95
C ARG A 252 27.92 -43.80 4.57
N ASP A 253 28.13 -44.83 3.74
CA ASP A 253 28.68 -44.60 2.41
C ASP A 253 27.75 -43.77 1.54
N PHE A 254 26.44 -44.04 1.63
CA PHE A 254 25.50 -43.32 0.77
C PHE A 254 25.36 -41.87 1.20
N ALA A 255 25.43 -41.60 2.50
CA ALA A 255 25.52 -40.22 2.97
C ALA A 255 26.79 -39.55 2.45
N ILE A 256 27.90 -40.30 2.41
CA ILE A 256 29.14 -39.73 1.87
C ILE A 256 28.97 -39.35 0.40
N LYS A 257 28.39 -40.23 -0.40
CA LYS A 257 28.24 -39.93 -1.83
C LYS A 257 27.21 -38.82 -2.07
N THR A 258 26.14 -38.77 -1.27
CA THR A 258 25.21 -37.66 -1.45
C THR A 258 25.83 -36.34 -1.01
N TYR A 259 26.74 -36.35 -0.03
CA TYR A 259 27.50 -35.15 0.29
C TYR A 259 28.41 -34.75 -0.88
N ARG A 260 29.04 -35.74 -1.53
CA ARG A 260 29.85 -35.43 -2.70
C ARG A 260 29.02 -34.79 -3.80
N SER A 261 27.83 -35.34 -4.07
CA SER A 261 26.94 -34.77 -5.07
C SER A 261 26.48 -33.38 -4.67
N CYS A 262 26.20 -33.18 -3.38
CA CYS A 262 25.82 -31.85 -2.91
C CYS A 262 26.93 -30.84 -3.12
N ARG A 263 28.18 -31.23 -2.85
CA ARG A 263 29.31 -30.33 -3.12
C ARG A 263 29.43 -30.01 -4.59
N VAL A 264 29.30 -31.04 -5.45
CA VAL A 264 29.41 -30.82 -6.89
C VAL A 264 28.33 -29.86 -7.38
N GLN A 265 27.09 -30.04 -6.94
CA GLN A 265 26.03 -29.11 -7.32
C GLN A 265 26.23 -27.73 -6.71
N GLU A 266 26.82 -27.68 -5.51
CA GLU A 266 27.13 -26.41 -4.86
C GLU A 266 28.13 -25.61 -5.69
N LYS A 267 29.07 -26.29 -6.35
CA LYS A 267 30.01 -25.58 -7.20
C LYS A 267 29.37 -24.98 -8.45
N GLU A 268 28.12 -25.31 -8.75
CA GLU A 268 27.45 -24.84 -9.96
C GLU A 268 26.08 -24.28 -9.61
N THR A 269 26.06 -23.31 -8.70
CA THR A 269 24.85 -22.63 -8.30
C THR A 269 25.11 -21.13 -8.20
N GLY A 270 24.03 -20.34 -8.28
CA GLY A 270 24.12 -18.91 -8.15
C GLY A 270 24.26 -18.47 -6.71
N THR A 271 24.48 -17.16 -6.54
CA THR A 271 24.76 -16.61 -5.21
C THR A 271 23.49 -16.47 -4.38
N LEU A 272 22.45 -15.86 -4.95
CA LEU A 272 21.18 -15.76 -4.25
C LEU A 272 20.57 -17.13 -3.99
N ARG A 273 20.71 -18.05 -4.96
CA ARG A 273 20.28 -19.43 -4.72
C ARG A 273 21.17 -20.10 -3.67
N LEU A 274 22.45 -19.75 -3.63
CA LEU A 274 23.33 -20.25 -2.58
C LEU A 274 22.87 -19.79 -1.20
N ARG A 275 22.29 -18.60 -1.12
CA ARG A 275 21.80 -18.09 0.16
C ARG A 275 20.45 -18.70 0.53
N TRP A 276 19.55 -18.82 -0.46
CA TRP A 276 18.20 -19.29 -0.16
C TRP A 276 18.13 -20.81 -0.07
N TYR A 277 18.43 -21.50 -1.17
CA TYR A 277 18.11 -22.91 -1.31
C TYR A 277 19.23 -23.84 -0.86
N TRP A 278 20.49 -23.40 -0.92
CA TRP A 278 21.59 -24.29 -0.54
C TRP A 278 21.75 -24.36 0.98
N SER A 279 21.21 -23.39 1.72
CA SER A 279 21.43 -23.30 3.16
C SER A 279 20.71 -24.38 3.95
N ARG A 280 19.76 -25.11 3.35
CA ARG A 280 19.03 -26.14 4.08
C ARG A 280 19.68 -27.52 3.96
N HIS A 281 20.93 -27.58 3.50
CA HIS A 281 21.68 -28.83 3.41
C HIS A 281 22.71 -28.95 4.52
N ARG A 282 22.57 -28.17 5.59
CA ARG A 282 23.41 -28.34 6.76
C ARG A 282 23.21 -29.72 7.38
N VAL A 283 21.97 -30.23 7.33
CA VAL A 283 21.71 -31.58 7.83
C VAL A 283 22.44 -32.62 6.98
N LEU A 284 22.50 -32.40 5.66
CA LEU A 284 23.27 -33.32 4.82
C LEU A 284 24.75 -33.24 5.12
N TYR A 285 25.29 -32.04 5.26
CA TYR A 285 26.71 -31.89 5.62
C TYR A 285 27.02 -32.42 7.01
N ASP A 286 26.02 -32.53 7.89
CA ASP A 286 26.17 -33.05 9.23
C ASP A 286 26.11 -34.58 9.26
N MET A 287 25.17 -35.16 8.51
CA MET A 287 25.06 -36.61 8.45
C MET A 287 26.30 -37.24 7.84
N ALA A 288 26.86 -36.62 6.81
CA ALA A 288 28.11 -37.11 6.23
C ALA A 288 29.28 -36.92 7.18
N PHE A 289 29.27 -35.86 7.98
CA PHE A 289 30.30 -35.71 9.02
C PHE A 289 30.22 -36.86 10.02
N LEU A 290 29.00 -37.18 10.47
CA LEU A 290 28.82 -38.33 11.36
C LEU A 290 29.22 -39.63 10.71
N ALA A 291 28.96 -39.78 9.40
CA ALA A 291 29.34 -41.01 8.71
C ALA A 291 30.84 -41.22 8.76
N VAL A 292 31.63 -40.18 8.44
CA VAL A 292 33.08 -40.31 8.52
C VAL A 292 33.54 -40.48 9.95
N LYS A 293 32.90 -39.79 10.90
CA LYS A 293 33.29 -39.91 12.30
C LYS A 293 33.01 -41.30 12.87
N GLU A 294 32.06 -42.04 12.28
CA GLU A 294 31.77 -43.38 12.75
C GLU A 294 32.85 -44.39 12.42
N GLN A 295 33.54 -44.24 11.27
CA GLN A 295 34.78 -44.97 11.10
C GLN A 295 35.88 -44.30 11.93
N ALA A 296 37.08 -44.86 11.85
CA ALA A 296 38.21 -44.41 12.66
C ALA A 296 37.85 -44.49 14.14
N ASP A 297 37.63 -45.72 14.58
CA ASP A 297 36.98 -46.01 15.86
C ASP A 297 37.80 -47.08 16.58
N ASP A 298 37.19 -47.67 17.62
CA ASP A 298 37.90 -48.58 18.51
C ASP A 298 38.56 -49.74 17.76
N GLU A 299 37.88 -50.31 16.76
CA GLU A 299 38.51 -51.34 15.93
C GLU A 299 39.70 -50.73 15.20
N GLU A 300 40.78 -51.50 15.11
CA GLU A 300 42.08 -50.96 14.72
C GLU A 300 42.46 -51.35 13.29
N PRO A 301 42.26 -50.47 12.30
CA PRO A 301 42.90 -50.66 10.99
C PRO A 301 44.31 -50.09 10.98
N ASP A 302 44.95 -50.06 9.82
CA ASP A 302 46.28 -49.47 9.71
C ASP A 302 46.27 -48.01 10.17
N VAL A 303 47.44 -47.53 10.57
CA VAL A 303 47.55 -46.21 11.17
C VAL A 303 47.22 -45.12 10.16
N ASN A 304 47.67 -45.28 8.91
CA ASN A 304 47.50 -44.23 7.91
C ASN A 304 46.03 -43.95 7.59
N VAL A 305 45.16 -44.96 7.63
CA VAL A 305 43.76 -44.72 7.35
C VAL A 305 43.11 -43.87 8.44
N LYS A 306 43.61 -43.93 9.68
CA LYS A 306 43.16 -43.02 10.73
C LYS A 306 43.36 -41.57 10.31
N GLN A 307 44.57 -41.25 9.87
CA GLN A 307 44.89 -39.88 9.48
C GLN A 307 44.14 -39.49 8.22
N ALA A 308 43.96 -40.43 7.28
CA ALA A 308 43.19 -40.13 6.08
C ALA A 308 41.74 -39.80 6.41
N LYS A 309 41.12 -40.58 7.31
CA LYS A 309 39.76 -40.30 7.73
C LYS A 309 39.66 -38.96 8.44
N ILE A 310 40.63 -38.62 9.28
CA ILE A 310 40.58 -37.35 9.97
C ILE A 310 40.77 -36.18 9.00
N LYS A 311 41.64 -36.36 8.01
CA LYS A 311 41.80 -35.35 6.97
C LYS A 311 40.50 -35.16 6.19
N LYS A 312 39.80 -36.26 5.88
CA LYS A 312 38.51 -36.14 5.23
C LYS A 312 37.49 -35.42 6.11
N LEU A 313 37.52 -35.68 7.43
CA LEU A 313 36.64 -34.99 8.35
C LEU A 313 36.90 -33.48 8.34
N ALA A 314 38.18 -33.10 8.36
CA ALA A 314 38.53 -31.68 8.27
C ALA A 314 38.08 -31.09 6.94
N GLU A 315 38.22 -31.85 5.85
CA GLU A 315 37.80 -31.36 4.54
C GLU A 315 36.30 -31.10 4.49
N ILE A 316 35.49 -32.03 5.01
CA ILE A 316 34.05 -31.81 4.96
C ILE A 316 33.64 -30.68 5.89
N SER A 317 34.27 -30.59 7.08
CA SER A 317 33.98 -29.47 7.97
C SER A 317 34.38 -28.15 7.34
N ASP A 318 35.35 -28.16 6.44
CA ASP A 318 35.78 -26.95 5.74
C ASP A 318 34.80 -26.51 4.65
N SER A 319 34.04 -27.43 4.07
CA SER A 319 33.15 -27.10 2.96
C SER A 319 31.89 -26.37 3.39
N LEU A 320 31.54 -26.41 4.67
CA LEU A 320 30.39 -25.70 5.19
C LEU A 320 30.73 -24.29 5.67
N LYS A 321 31.95 -23.83 5.41
CA LYS A 321 32.41 -22.54 5.88
C LYS A 321 31.85 -21.42 5.01
N SER A 322 32.40 -20.21 5.15
CA SER A 322 31.81 -19.04 4.52
C SER A 322 31.96 -19.10 3.00
N ARG A 323 30.92 -19.61 2.32
CA ARG A 323 30.91 -19.70 0.88
C ARG A 323 30.32 -18.47 0.19
N PHE A 324 29.41 -17.76 0.88
CA PHE A 324 28.84 -16.54 0.30
C PHE A 324 29.91 -15.47 0.12
N SER A 325 30.78 -15.30 1.11
CA SER A 325 31.86 -14.32 1.00
C SER A 325 32.89 -14.71 -0.05
N LEU A 326 33.08 -16.01 -0.30
CA LEU A 326 34.04 -16.45 -1.30
C LEU A 326 33.65 -16.02 -2.71
N ARG A 327 32.37 -15.69 -2.94
CA ARG A 327 31.91 -15.20 -4.22
C ARG A 327 31.93 -13.68 -4.31
N LEU A 328 32.62 -13.02 -3.37
CA LEU A 328 32.76 -11.56 -3.35
C LEU A 328 31.40 -10.87 -3.28
N SER A 341 31.17 -1.33 -16.22
CA SER A 341 31.44 -2.56 -15.48
C SER A 341 31.39 -2.32 -13.98
N ASN A 342 31.54 -1.06 -13.58
CA ASN A 342 31.56 -0.72 -12.16
C ASN A 342 30.17 -0.77 -11.53
N HIS A 343 29.14 -0.35 -12.27
CA HIS A 343 27.80 -0.27 -11.69
C HIS A 343 27.12 -1.64 -11.61
N GLU A 344 27.54 -2.60 -12.43
CA GLU A 344 26.99 -3.95 -12.31
C GLU A 344 27.30 -4.57 -10.96
N PHE A 345 28.53 -4.41 -10.47
CA PHE A 345 28.88 -4.95 -9.17
C PHE A 345 28.11 -4.26 -8.05
N LYS A 346 27.90 -2.94 -8.16
CA LYS A 346 27.09 -2.24 -7.17
C LYS A 346 25.65 -2.73 -7.17
N LYS A 347 25.08 -2.95 -8.35
CA LYS A 347 23.73 -3.48 -8.44
C LYS A 347 23.64 -4.88 -7.82
N PHE A 348 24.65 -5.71 -8.09
CA PHE A 348 24.68 -7.05 -7.49
C PHE A 348 24.78 -6.97 -5.98
N LEU A 349 25.59 -6.05 -5.45
CA LEU A 349 25.70 -5.89 -4.01
C LEU A 349 24.40 -5.40 -3.39
N ASP A 350 23.71 -4.48 -4.05
CA ASP A 350 22.40 -4.04 -3.56
C ASP A 350 21.41 -5.20 -3.57
N LYS A 351 21.43 -6.03 -4.61
CA LYS A 351 20.57 -7.21 -4.64
C LYS A 351 20.90 -8.15 -3.48
N CYS A 352 22.19 -8.35 -3.20
CA CYS A 352 22.58 -9.22 -2.11
C CYS A 352 22.11 -8.68 -0.76
N VAL A 353 22.30 -7.39 -0.51
CA VAL A 353 21.94 -6.83 0.79
C VAL A 353 20.42 -6.82 0.95
N THR A 354 19.67 -6.55 -0.12
CA THR A 354 18.22 -6.61 -0.03
C THR A 354 17.70 -8.04 0.05
N ALA A 355 18.50 -9.02 -0.37
CA ALA A 355 18.14 -10.42 -0.16
C ALA A 355 18.49 -10.91 1.23
N TYR A 356 19.45 -10.27 1.91
CA TYR A 356 19.82 -10.70 3.25
C TYR A 356 18.69 -10.47 4.25
N GLN A 357 17.84 -9.49 4.01
CA GLN A 357 16.75 -9.15 4.92
C GLN A 357 15.42 -9.76 4.49
N ASP A 358 15.46 -10.87 3.74
CA ASP A 358 14.26 -11.56 3.28
C ASP A 358 13.34 -10.60 2.51
N GLY A 359 13.94 -9.82 1.61
CA GLY A 359 13.20 -8.93 0.74
C GLY A 359 13.05 -9.50 -0.66
N TYR A 360 12.61 -8.63 -1.57
CA TYR A 360 12.48 -8.99 -2.97
C TYR A 360 13.69 -8.51 -3.75
N VAL A 361 14.09 -9.29 -4.75
CA VAL A 361 15.31 -9.04 -5.51
C VAL A 361 14.98 -8.74 -6.96
N ILE A 362 13.84 -8.07 -7.18
CA ILE A 362 13.28 -7.82 -8.51
C ILE A 362 14.34 -7.40 -9.50
N ASN A 363 14.39 -8.09 -10.64
CA ASN A 363 15.41 -7.87 -11.64
C ASN A 363 15.05 -6.73 -12.58
N LYS A 389 42.94 -23.77 -8.31
CA LYS A 389 43.97 -23.16 -7.49
C LYS A 389 43.50 -22.96 -6.06
N LEU A 390 43.46 -24.04 -5.30
CA LEU A 390 43.05 -24.01 -3.90
C LEU A 390 44.11 -24.70 -3.05
N LEU A 391 44.45 -24.09 -1.93
CA LEU A 391 45.48 -24.62 -1.06
C LEU A 391 44.99 -25.87 -0.34
N GLU A 392 45.82 -26.91 -0.31
CA GLU A 392 45.49 -28.12 0.43
C GLU A 392 45.60 -27.85 1.93
N LEU A 393 44.94 -28.72 2.70
CA LEU A 393 44.97 -28.60 4.15
C LEU A 393 46.34 -28.87 4.74
N THR A 394 47.25 -29.48 3.98
CA THR A 394 48.58 -29.79 4.46
C THR A 394 49.58 -28.66 4.24
N GLN A 395 49.36 -27.85 3.20
CA GLN A 395 50.31 -26.78 2.83
C GLN A 395 50.22 -25.65 3.85
N VAL A 396 50.99 -25.79 4.92
CA VAL A 396 51.08 -24.79 5.98
C VAL A 396 52.55 -24.58 6.29
N PRO A 397 52.98 -23.35 6.63
CA PRO A 397 54.38 -23.13 6.97
C PRO A 397 54.81 -23.94 8.19
N GLU A 398 56.10 -24.30 8.22
CA GLU A 398 56.65 -25.09 9.31
C GLU A 398 56.61 -24.30 10.62
N GLY A 399 56.37 -25.02 11.71
CA GLY A 399 56.19 -24.39 13.01
C GLY A 399 54.81 -23.83 13.23
N TRP A 400 53.80 -24.35 12.55
CA TRP A 400 52.44 -23.83 12.64
C TRP A 400 51.48 -24.99 12.89
N VAL A 401 50.46 -24.73 13.70
CA VAL A 401 49.42 -25.71 13.98
C VAL A 401 48.08 -25.07 13.67
N VAL A 402 47.22 -25.82 12.99
CA VAL A 402 45.93 -25.33 12.53
C VAL A 402 44.84 -26.11 13.25
N VAL A 403 43.84 -25.39 13.75
CA VAL A 403 42.71 -25.97 14.47
C VAL A 403 41.44 -25.67 13.69
N HIS A 404 40.74 -26.73 13.27
CA HIS A 404 39.47 -26.60 12.57
C HIS A 404 38.34 -26.88 13.54
N PHE A 405 37.43 -25.93 13.69
CA PHE A 405 36.28 -26.07 14.58
C PHE A 405 35.04 -26.41 13.77
N TYR A 406 34.23 -27.31 14.33
CA TYR A 406 32.95 -27.65 13.72
C TYR A 406 31.97 -27.97 14.83
N LEU A 407 30.81 -27.32 14.80
CA LEU A 407 29.77 -27.51 15.81
C LEU A 407 28.76 -28.52 15.29
N ASN A 408 28.86 -29.75 15.77
CA ASN A 408 27.93 -30.80 15.41
C ASN A 408 26.56 -30.45 15.98
N LYS A 409 25.64 -30.03 15.11
CA LYS A 409 24.31 -29.63 15.53
C LYS A 409 23.35 -30.79 15.68
N LEU A 410 23.60 -31.89 14.96
CA LEU A 410 22.71 -33.06 15.05
C LEU A 410 22.81 -33.72 16.41
N GLU A 411 24.03 -33.94 16.90
CA GLU A 411 24.23 -34.56 18.20
C GLU A 411 24.42 -33.56 19.34
N GLY A 412 24.47 -32.26 19.03
CA GLY A 412 24.73 -31.26 20.04
C GLY A 412 26.13 -31.35 20.62
N MET A 413 27.13 -31.50 19.75
CA MET A 413 28.50 -31.67 20.18
C MET A 413 29.41 -30.75 19.38
N GLY A 414 30.63 -30.54 19.89
CA GLY A 414 31.63 -29.77 19.20
C GLY A 414 32.85 -30.62 18.89
N ASN A 415 33.41 -30.41 17.70
CA ASN A 415 34.60 -31.13 17.26
C ASN A 415 35.73 -30.13 16.97
N ALA A 416 36.96 -30.54 17.27
CA ALA A 416 38.15 -29.73 17.03
C ALA A 416 39.21 -30.62 16.38
N ILE A 417 39.58 -30.31 15.14
CA ILE A 417 40.55 -31.08 14.38
C ILE A 417 41.85 -30.30 14.30
N VAL A 418 42.96 -30.97 14.58
CA VAL A 418 44.27 -30.32 14.70
C VAL A 418 45.25 -31.03 13.78
N PHE A 419 46.01 -30.23 13.01
CA PHE A 419 47.08 -30.73 12.16
C PHE A 419 48.39 -30.10 12.60
N ASP A 420 49.40 -30.94 12.82
CA ASP A 420 50.73 -30.50 13.21
C ASP A 420 51.68 -30.74 12.03
N LYS A 421 52.35 -29.68 11.59
CA LYS A 421 53.22 -29.79 10.42
C LYS A 421 54.50 -30.55 10.72
N CYS A 422 55.14 -30.29 11.86
CA CYS A 422 56.41 -30.94 12.17
C CYS A 422 56.23 -32.45 12.35
N ALA A 423 55.14 -32.86 12.99
CA ALA A 423 54.87 -34.27 13.23
C ALA A 423 54.04 -34.93 12.14
N ASN A 424 53.42 -34.14 11.26
CA ASN A 424 52.56 -34.65 10.19
C ASN A 424 51.50 -35.60 10.75
N SER A 425 50.84 -35.15 11.82
CA SER A 425 49.87 -35.96 12.54
C SER A 425 48.52 -35.26 12.58
N TRP A 426 47.47 -36.05 12.68
CA TRP A 426 46.10 -35.55 12.73
C TRP A 426 45.43 -36.05 14.00
N GLN A 427 44.79 -35.14 14.73
CA GLN A 427 44.11 -35.48 15.97
C GLN A 427 42.76 -34.77 16.02
N TYR A 428 41.87 -35.26 16.87
CA TYR A 428 40.56 -34.66 17.01
C TYR A 428 40.08 -34.85 18.44
N LYS A 429 39.20 -33.96 18.89
CA LYS A 429 38.65 -34.03 20.24
C LYS A 429 37.24 -33.44 20.23
N GLU A 430 36.46 -33.81 21.24
CA GLU A 430 35.06 -33.41 21.33
C GLU A 430 34.81 -32.63 22.62
N PHE A 431 33.74 -31.83 22.62
CA PHE A 431 33.40 -30.99 23.75
C PHE A 431 31.94 -30.56 23.63
N GLN A 432 31.46 -29.86 24.64
CA GLN A 432 30.11 -29.30 24.68
C GLN A 432 30.16 -27.78 24.58
N TYR A 433 29.04 -27.19 24.14
CA TYR A 433 29.03 -25.76 23.86
C TYR A 433 27.77 -25.05 24.33
N LYS A 434 26.93 -25.69 25.15
CA LYS A 434 25.68 -25.07 25.58
C LYS A 434 25.94 -23.98 26.62
N GLU A 435 26.61 -24.33 27.73
CA GLU A 435 26.92 -23.34 28.75
C GLU A 435 27.84 -22.25 28.22
N LEU A 436 28.76 -22.60 27.31
CA LEU A 436 29.60 -21.59 26.67
C LEU A 436 28.75 -20.60 25.89
N PHE A 437 27.76 -21.10 25.14
CA PHE A 437 26.85 -20.22 24.42
C PHE A 437 26.07 -19.32 25.39
N GLU A 438 25.62 -19.89 26.51
CA GLU A 438 24.85 -19.10 27.47
C GLU A 438 25.71 -17.98 28.05
N VAL A 439 26.95 -18.29 28.43
CA VAL A 439 27.82 -17.25 28.98
C VAL A 439 28.19 -16.21 27.94
N PHE A 440 28.37 -16.63 26.68
CA PHE A 440 28.63 -15.68 25.61
C PHE A 440 27.45 -14.73 25.42
N LEU A 441 26.22 -15.26 25.43
CA LEU A 441 25.06 -14.41 25.32
C LEU A 441 24.92 -13.46 26.50
N THR A 442 25.23 -13.94 27.71
CA THR A 442 25.21 -13.06 28.88
C THR A 442 26.19 -11.91 28.74
N TRP A 443 27.42 -12.23 28.30
CA TRP A 443 28.43 -11.18 28.11
C TRP A 443 27.98 -10.19 27.04
N GLN A 444 27.43 -10.69 25.94
CA GLN A 444 26.98 -9.81 24.86
C GLN A 444 25.86 -8.89 25.34
N ALA A 445 24.90 -9.44 26.09
CA ALA A 445 23.80 -8.63 26.60
C ALA A 445 24.29 -7.56 27.57
N ASN A 446 25.21 -7.91 28.47
CA ASN A 446 25.73 -6.92 29.41
C ASN A 446 26.55 -5.84 28.70
N TYR A 447 27.38 -6.24 27.73
CA TYR A 447 28.20 -5.27 27.02
C TYR A 447 27.36 -4.34 26.17
N ASN A 448 26.30 -4.85 25.54
CA ASN A 448 25.45 -4.00 24.69
C ASN A 448 24.70 -2.94 25.49
N LEU A 449 24.69 -3.07 26.82
CA LEU A 449 24.00 -2.11 27.68
C LEU A 449 24.92 -1.23 28.50
N TYR A 450 26.12 -1.72 28.87
CA TYR A 450 26.96 -0.93 29.75
C TYR A 450 28.33 -0.64 29.12
N LYS A 451 28.90 -1.62 28.41
CA LYS A 451 30.03 -1.43 27.52
C LYS A 451 31.35 -1.19 28.24
N GLU A 452 31.31 -0.97 29.56
CA GLU A 452 32.55 -0.80 30.31
C GLU A 452 32.62 -1.58 31.61
N ASN A 453 31.49 -1.88 32.26
CA ASN A 453 31.48 -2.60 33.52
C ASN A 453 31.22 -4.09 33.34
N ALA A 454 31.21 -4.57 32.10
CA ALA A 454 31.02 -6.00 31.81
C ALA A 454 32.35 -6.76 31.76
N ALA A 455 33.41 -6.19 32.34
CA ALA A 455 34.70 -6.87 32.38
C ALA A 455 34.65 -8.15 33.20
N GLU A 456 33.86 -8.16 34.29
CA GLU A 456 33.70 -9.38 35.06
C GLU A 456 33.05 -10.48 34.22
N HIS A 457 32.06 -10.13 33.40
CA HIS A 457 31.46 -11.12 32.51
C HIS A 457 32.45 -11.60 31.45
N LEU A 458 33.35 -10.71 30.99
CA LEU A 458 34.38 -11.15 30.06
C LEU A 458 35.33 -12.15 30.73
N VAL A 459 35.72 -11.89 31.98
CA VAL A 459 36.58 -12.81 32.70
C VAL A 459 35.87 -14.14 32.91
N THR A 460 34.58 -14.10 33.25
CA THR A 460 33.81 -15.33 33.41
C THR A 460 33.73 -16.10 32.09
N LEU A 461 33.55 -15.39 30.98
CA LEU A 461 33.51 -16.05 29.68
C LEU A 461 34.85 -16.71 29.34
N CYS A 462 35.95 -16.01 29.62
CA CYS A 462 37.26 -16.61 29.39
C CYS A 462 37.48 -17.85 30.25
N LYS A 463 37.08 -17.78 31.53
CA LYS A 463 37.18 -18.95 32.39
C LYS A 463 36.31 -20.11 31.89
N LYS A 464 35.12 -19.80 31.38
CA LYS A 464 34.25 -20.84 30.85
C LYS A 464 34.86 -21.46 29.60
N ILE A 465 35.48 -20.65 28.74
CA ILE A 465 36.17 -21.19 27.56
C ILE A 465 37.29 -22.12 28.00
N GLY A 466 38.08 -21.70 28.99
CA GLY A 466 39.13 -22.57 29.50
C GLY A 466 38.60 -23.86 30.09
N GLU A 467 37.47 -23.79 30.79
CA GLU A 467 36.86 -24.97 31.39
C GLU A 467 36.37 -25.95 30.32
N THR A 468 35.60 -25.45 29.34
CA THR A 468 34.98 -26.32 28.35
C THR A 468 35.94 -26.81 27.29
N MET A 469 37.13 -26.23 27.19
CA MET A 469 38.13 -26.64 26.21
C MET A 469 39.47 -26.86 26.91
N PRO A 470 39.61 -27.99 27.61
CA PRO A 470 40.88 -28.25 28.31
C PRO A 470 42.00 -28.74 27.41
N PHE A 471 41.72 -29.01 26.13
CA PHE A 471 42.75 -29.54 25.23
C PHE A 471 43.61 -28.44 24.62
N LEU A 472 43.27 -27.18 24.82
CA LEU A 472 44.10 -26.08 24.33
C LEU A 472 45.40 -25.92 25.11
N PHE A 473 45.55 -26.61 26.25
CA PHE A 473 46.76 -26.54 27.04
C PHE A 473 47.48 -27.88 27.16
N CYS A 474 46.98 -28.93 26.51
CA CYS A 474 47.62 -30.23 26.55
C CYS A 474 48.90 -30.24 25.72
N ASP A 475 49.91 -30.93 26.24
CA ASP A 475 51.17 -31.06 25.51
C ASP A 475 50.99 -31.84 24.22
N ASN A 476 50.22 -32.92 24.26
CA ASN A 476 50.05 -33.78 23.08
C ASN A 476 49.16 -33.13 22.03
N PHE A 477 48.20 -32.30 22.44
CA PHE A 477 47.26 -31.72 21.48
C PHE A 477 47.89 -30.56 20.73
N ILE A 478 48.27 -29.51 21.45
CA ILE A 478 48.92 -28.34 20.87
C ILE A 478 50.28 -28.17 21.54
N PRO A 479 51.38 -28.37 20.81
CA PRO A 479 52.70 -28.29 21.44
C PRO A 479 53.00 -26.90 22.00
N ASN A 480 53.77 -26.87 23.08
CA ASN A 480 54.17 -25.61 23.70
C ASN A 480 55.16 -24.88 22.81
N GLY A 481 55.11 -23.55 22.86
CA GLY A 481 55.97 -22.72 22.04
C GLY A 481 55.71 -22.88 20.56
N LYS A 482 54.43 -22.96 20.19
CA LYS A 482 54.03 -23.14 18.80
C LYS A 482 53.09 -21.99 18.43
N ASP A 483 52.81 -21.85 17.14
CA ASP A 483 51.91 -20.83 16.63
C ASP A 483 50.63 -21.50 16.16
N VAL A 484 49.48 -21.01 16.63
CA VAL A 484 48.19 -21.65 16.42
C VAL A 484 47.36 -20.82 15.45
N LEU A 485 46.59 -21.50 14.62
CA LEU A 485 45.64 -20.87 13.70
C LEU A 485 44.24 -21.39 14.00
N PHE A 486 43.26 -20.50 14.03
CA PHE A 486 41.90 -20.82 14.42
C PHE A 486 40.96 -20.64 13.24
N VAL A 487 40.11 -21.63 13.01
CA VAL A 487 39.04 -21.55 12.02
C VAL A 487 37.73 -21.93 12.72
N PRO A 488 37.15 -21.01 13.51
CA PRO A 488 35.96 -21.37 14.32
C PRO A 488 34.69 -21.58 13.50
N HIS A 489 33.57 -21.84 14.17
CA HIS A 489 32.34 -22.20 13.47
C HIS A 489 31.11 -21.76 14.23
N ASP A 490 30.36 -20.82 13.64
CA ASP A 490 28.94 -20.57 13.82
C ASP A 490 28.59 -19.87 15.12
N PHE A 491 29.44 -19.92 16.15
CA PHE A 491 29.38 -18.89 17.18
C PHE A 491 30.72 -18.61 17.82
N LEU A 492 31.79 -19.29 17.42
CA LEU A 492 33.10 -19.13 18.04
C LEU A 492 33.92 -18.03 17.40
N HIS A 493 33.42 -17.44 16.30
CA HIS A 493 34.08 -16.28 15.73
C HIS A 493 34.08 -15.10 16.70
N ARG A 494 32.99 -14.93 17.44
CA ARG A 494 32.87 -13.84 18.40
C ARG A 494 33.65 -14.07 19.68
N LEU A 495 33.76 -15.31 20.14
CA LEU A 495 34.53 -15.56 21.35
C LEU A 495 36.02 -15.30 21.11
N PRO A 496 36.67 -14.55 21.98
CA PRO A 496 38.14 -14.42 21.88
C PRO A 496 38.84 -15.66 22.39
N LEU A 497 39.38 -16.46 21.48
CA LEU A 497 40.06 -17.68 21.86
C LEU A 497 41.49 -17.45 22.35
N HIS A 498 42.01 -16.23 22.18
CA HIS A 498 43.33 -15.86 22.68
C HIS A 498 43.28 -15.28 24.09
N GLY A 499 42.19 -15.50 24.82
CA GLY A 499 42.09 -15.03 26.18
C GLY A 499 41.68 -16.12 27.15
N SER A 500 41.77 -17.38 26.69
CA SER A 500 41.38 -18.51 27.51
C SER A 500 42.31 -18.65 28.71
N ILE A 501 41.74 -18.93 29.87
CA ILE A 501 42.49 -19.12 31.10
C ILE A 501 42.26 -20.56 31.56
N GLU A 502 43.35 -21.29 31.81
CA GLU A 502 43.22 -22.67 32.24
C GLU A 502 42.68 -22.73 33.67
N ASN A 503 42.00 -23.84 33.98
CA ASN A 503 41.37 -24.02 35.29
C ASN A 503 42.41 -24.56 36.28
N LYS A 504 43.20 -23.62 36.82
CA LYS A 504 44.20 -23.94 37.84
C LYS A 504 44.08 -23.01 39.03
N THR A 505 45.01 -23.12 39.99
CA THR A 505 44.98 -22.23 41.14
C THR A 505 45.19 -20.78 40.73
N ASN A 506 46.13 -20.55 39.81
CA ASN A 506 46.37 -19.23 39.23
C ASN A 506 46.53 -19.43 37.73
N GLY A 507 45.43 -19.26 36.99
CA GLY A 507 45.43 -19.54 35.58
C GLY A 507 46.30 -18.61 34.76
N LYS A 508 46.69 -19.10 33.59
CA LYS A 508 47.53 -18.36 32.66
C LYS A 508 46.79 -18.18 31.35
N LEU A 509 47.00 -17.04 30.70
CA LEU A 509 46.32 -16.77 29.44
C LEU A 509 46.91 -17.60 28.31
N PHE A 510 46.14 -17.70 27.22
CA PHE A 510 46.58 -18.43 26.05
C PHE A 510 47.66 -17.68 25.27
N LEU A 511 47.73 -16.36 25.41
CA LEU A 511 48.72 -15.56 24.70
C LEU A 511 50.12 -15.71 25.28
N GLU A 512 50.25 -15.94 26.58
CA GLU A 512 51.55 -15.95 27.24
C GLU A 512 52.46 -17.08 26.75
N ASN A 513 51.91 -18.10 26.11
CA ASN A 513 52.72 -19.18 25.56
C ASN A 513 52.54 -19.41 24.07
N HIS A 514 51.38 -19.11 23.51
CA HIS A 514 51.12 -19.30 22.09
C HIS A 514 50.74 -17.98 21.44
N SER A 515 51.13 -17.83 20.18
CA SER A 515 50.72 -16.71 19.35
C SER A 515 49.61 -17.17 18.44
N CYS A 516 48.48 -16.46 18.47
CA CYS A 516 47.26 -16.90 17.80
C CYS A 516 46.98 -16.05 16.57
N CYS A 517 46.40 -16.70 15.56
CA CYS A 517 45.95 -16.01 14.36
C CYS A 517 44.56 -16.53 14.00
N TYR A 518 43.82 -15.72 13.25
CA TYR A 518 42.43 -16.00 12.94
C TYR A 518 42.24 -16.06 11.43
N LEU A 519 41.31 -16.90 11.00
CA LEU A 519 40.94 -17.02 9.59
C LEU A 519 39.51 -17.54 9.49
N PRO A 520 38.62 -16.82 8.80
CA PRO A 520 37.23 -17.29 8.69
C PRO A 520 37.11 -18.64 8.02
N ALA A 521 37.95 -18.94 7.04
CA ALA A 521 37.90 -20.22 6.36
C ALA A 521 39.28 -20.48 5.74
N TRP A 522 39.54 -21.75 5.43
CA TRP A 522 40.78 -22.13 4.79
C TRP A 522 40.86 -21.65 3.34
N SER A 523 39.73 -21.29 2.74
CA SER A 523 39.72 -20.76 1.38
C SER A 523 40.28 -19.36 1.29
N PHE A 524 40.50 -18.68 2.42
CA PHE A 524 41.08 -17.34 2.40
C PHE A 524 42.60 -17.36 2.34
N ALA A 525 43.20 -18.54 2.50
CA ALA A 525 44.66 -18.65 2.48
C ALA A 525 45.14 -18.73 1.03
N SER A 526 46.18 -17.96 0.71
CA SER A 526 46.77 -17.93 -0.62
C SER A 526 48.25 -18.27 -0.55
N GLU A 527 48.75 -18.83 -1.65
CA GLU A 527 50.16 -19.23 -1.77
C GLU A 527 50.55 -20.22 -0.68
N THR A 532 54.22 -5.28 -1.35
CA THR A 532 55.32 -5.25 -2.29
C THR A 532 56.13 -3.96 -2.17
N SER A 533 55.43 -2.86 -1.91
CA SER A 533 56.07 -1.55 -1.74
C SER A 533 56.56 -1.41 -0.31
N ASP A 534 56.97 -0.20 0.07
CA ASP A 534 57.47 0.06 1.42
C ASP A 534 56.94 1.37 1.99
N GLU A 535 55.74 1.77 1.57
CA GLU A 535 55.13 3.02 2.02
C GLU A 535 54.22 2.75 3.20
N TYR A 536 54.42 3.51 4.28
CA TYR A 536 53.64 3.34 5.51
C TYR A 536 52.54 4.38 5.56
N VAL A 537 51.56 4.20 4.67
CA VAL A 537 50.47 5.18 4.53
C VAL A 537 49.62 5.22 5.80
N LEU A 538 49.14 6.42 6.12
CA LEU A 538 48.35 6.64 7.33
C LEU A 538 47.12 7.46 6.99
N LEU A 539 46.00 7.14 7.64
CA LEU A 539 44.76 7.89 7.51
C LEU A 539 44.16 8.06 8.88
N LYS A 540 43.95 9.30 9.30
CA LYS A 540 43.48 9.62 10.65
C LYS A 540 42.33 10.63 10.56
N ASN A 541 41.28 10.39 11.35
CA ASN A 541 40.15 11.31 11.44
C ASN A 541 39.71 11.45 12.90
N PHE A 542 40.68 11.53 13.81
CA PHE A 542 40.39 11.67 15.24
C PHE A 542 40.26 13.15 15.56
N ASP A 543 39.04 13.60 15.84
CA ASP A 543 38.80 15.01 16.13
C ASP A 543 39.26 15.41 17.53
N GLN A 544 39.26 14.47 18.48
CA GLN A 544 39.59 14.81 19.86
C GLN A 544 41.05 15.23 20.02
N GLY A 545 41.95 14.70 19.20
CA GLY A 545 43.35 15.02 19.32
C GLY A 545 44.11 13.90 20.01
N HIS A 546 45.07 14.27 20.86
CA HIS A 546 45.85 13.33 21.66
C HIS A 546 46.71 12.40 20.80
N PHE A 547 46.91 12.76 19.52
CA PHE A 547 47.85 12.04 18.67
C PHE A 547 48.88 12.96 18.03
N GLU A 548 49.23 14.08 18.69
CA GLU A 548 50.20 15.01 18.14
C GLU A 548 51.63 14.45 18.12
N THR A 549 51.89 13.39 18.88
CA THR A 549 53.23 12.80 18.94
C THR A 549 53.44 11.71 17.90
N LEU A 550 52.47 11.45 17.04
CA LEU A 550 52.56 10.39 16.05
C LEU A 550 52.71 10.90 14.63
N GLN A 551 52.04 12.01 14.29
CA GLN A 551 52.06 12.55 12.93
C GLN A 551 53.40 13.13 12.54
N ASN A 552 54.30 13.38 13.51
CA ASN A 552 55.59 13.99 13.21
C ASN A 552 56.61 13.00 12.67
N ASN A 553 56.29 11.71 12.65
CA ASN A 553 57.22 10.72 12.11
C ASN A 553 57.31 10.85 10.59
N GLN A 554 58.53 10.69 10.09
CA GLN A 554 58.82 10.83 8.67
C GLN A 554 58.96 9.48 7.96
N ILE A 555 58.39 8.42 8.53
CA ILE A 555 58.47 7.11 7.89
C ILE A 555 57.56 6.99 6.67
N TRP A 556 56.63 7.93 6.51
CA TRP A 556 55.69 7.93 5.39
C TRP A 556 55.94 9.13 4.50
N GLY A 557 55.15 9.23 3.43
CA GLY A 557 55.26 10.37 2.53
C GLY A 557 54.33 10.35 1.33
N THR A 558 53.84 11.52 0.95
CA THR A 558 53.10 11.76 -0.29
C THR A 558 51.77 11.01 -0.37
N GLN A 559 51.41 10.27 0.68
CA GLN A 559 50.14 9.55 0.68
C GLN A 559 49.37 9.61 1.99
N SER A 560 49.96 10.09 3.07
CA SER A 560 49.31 10.06 4.38
C SER A 560 48.43 11.28 4.55
N VAL A 561 47.13 11.06 4.75
CA VAL A 561 46.19 12.13 5.08
C VAL A 561 46.15 12.25 6.60
N LYS A 562 46.91 13.21 7.13
CA LYS A 562 47.07 13.32 8.57
C LYS A 562 45.75 13.68 9.25
N ASP A 563 45.00 14.60 8.67
CA ASP A 563 43.75 15.08 9.26
C ASP A 563 42.64 15.08 8.22
N GLY A 564 41.43 14.78 8.67
CA GLY A 564 40.26 14.80 7.81
C GLY A 564 40.30 13.80 6.68
N ALA A 565 40.75 12.59 6.96
CA ALA A 565 40.78 11.53 5.95
C ALA A 565 39.36 11.12 5.58
N SER A 566 39.10 11.04 4.28
CA SER A 566 37.78 10.70 3.75
C SER A 566 37.87 9.46 2.85
N SER A 567 36.72 9.07 2.32
CA SER A 567 36.64 7.85 1.52
C SER A 567 37.45 7.96 0.22
N ASP A 568 37.40 9.12 -0.44
CA ASP A 568 38.13 9.29 -1.68
C ASP A 568 39.64 9.25 -1.50
N ASP A 569 40.14 9.53 -0.29
CA ASP A 569 41.55 9.35 -0.01
C ASP A 569 41.97 7.89 0.02
N LEU A 570 41.04 6.99 0.27
CA LEU A 570 41.32 5.56 0.25
C LEU A 570 40.93 4.91 -1.06
N GLU A 571 40.01 5.51 -1.82
CA GLU A 571 39.59 4.92 -3.09
C GLU A 571 40.71 4.99 -4.13
N ASN A 572 41.54 6.02 -4.07
CA ASN A 572 42.54 6.26 -5.11
C ASN A 572 43.91 5.67 -4.78
N ILE A 573 44.02 4.90 -3.70
CA ILE A 573 45.30 4.29 -3.36
C ILE A 573 45.62 3.20 -4.38
N ARG A 574 46.82 3.26 -4.97
CA ARG A 574 47.20 2.33 -6.02
C ARG A 574 48.63 1.81 -5.92
N ASN A 575 49.34 2.10 -4.84
CA ASN A 575 50.75 1.71 -4.71
C ASN A 575 50.94 0.39 -3.97
N ASN A 576 49.85 -0.26 -3.53
CA ASN A 576 49.92 -1.47 -2.72
C ASN A 576 50.84 -1.26 -1.53
N PRO A 577 50.43 -0.45 -0.55
CA PRO A 577 51.33 -0.12 0.56
C PRO A 577 51.63 -1.33 1.44
N ARG A 578 52.80 -1.29 2.06
CA ARG A 578 53.20 -2.34 2.99
C ARG A 578 52.45 -2.27 4.31
N LEU A 579 52.09 -1.06 4.76
CA LEU A 579 51.37 -0.89 6.02
C LEU A 579 50.40 0.27 5.85
N LEU A 580 49.11 0.00 6.07
CA LEU A 580 48.08 1.04 6.07
C LEU A 580 47.48 1.12 7.47
N THR A 581 47.36 2.35 7.99
CA THR A 581 46.85 2.58 9.33
C THR A 581 45.64 3.51 9.24
N ILE A 582 44.53 3.10 9.85
CA ILE A 582 43.31 3.89 9.88
C ILE A 582 42.91 4.09 11.34
N LEU A 583 42.59 5.33 11.69
CA LEU A 583 42.29 5.73 13.06
C LEU A 583 40.93 6.42 13.13
N CYS A 584 39.93 5.82 12.48
CA CYS A 584 38.59 6.38 12.46
C CYS A 584 37.78 5.84 13.64
N HIS A 585 36.49 6.11 13.65
CA HIS A 585 35.57 5.61 14.66
C HIS A 585 34.80 4.41 14.12
N GLY A 586 34.56 3.44 14.99
CA GLY A 586 33.99 2.18 14.56
C GLY A 586 32.50 2.18 14.30
N GLU A 587 31.71 2.35 15.36
CA GLU A 587 30.24 2.34 15.29
C GLU A 587 29.73 1.15 14.46
N ALA A 588 30.00 -0.05 14.97
CA ALA A 588 29.54 -1.25 14.28
C ALA A 588 28.02 -1.34 14.33
N ASN A 589 27.45 -1.98 13.31
CA ASN A 589 26.00 -2.13 13.19
C ASN A 589 25.62 -3.58 13.46
N MET A 590 24.64 -3.78 14.35
CA MET A 590 24.21 -5.12 14.69
C MET A 590 23.24 -5.67 13.64
N SER A 591 22.10 -5.00 13.49
CA SER A 591 21.16 -5.35 12.43
C SER A 591 21.69 -4.85 11.09
N ASN A 592 21.49 -5.65 10.05
CA ASN A 592 22.05 -5.39 8.72
C ASN A 592 23.55 -5.17 8.85
N PRO A 593 24.33 -6.22 9.13
CA PRO A 593 25.78 -6.05 9.29
C PRO A 593 26.52 -5.69 8.01
N PHE A 594 25.80 -5.46 6.91
CA PHE A 594 26.43 -5.10 5.64
C PHE A 594 26.81 -3.63 5.56
N ARG A 595 26.49 -2.82 6.57
CA ARG A 595 26.99 -1.45 6.58
C ARG A 595 28.23 -1.32 7.46
N SER A 596 28.06 -1.56 8.77
CA SER A 596 29.14 -1.54 9.77
C SER A 596 29.75 -0.14 9.94
N MET A 597 29.37 0.79 9.07
CA MET A 597 29.57 2.24 9.20
C MET A 597 30.98 2.58 9.69
N LEU A 598 31.97 2.29 8.85
CA LEU A 598 33.32 2.79 9.09
C LEU A 598 33.34 4.30 8.88
N LYS A 599 33.33 5.05 9.99
CA LYS A 599 33.08 6.49 9.96
C LYS A 599 34.36 7.23 9.56
N LEU A 600 34.49 7.53 8.28
CA LEU A 600 35.51 8.44 7.79
C LEU A 600 34.94 9.86 7.84
N ALA A 601 35.62 10.82 7.22
CA ALA A 601 35.21 12.22 7.32
C ALA A 601 33.80 12.43 6.79
N ASN A 602 33.57 12.10 5.51
CA ASN A 602 32.28 12.32 4.88
C ASN A 602 31.31 11.15 5.09
N GLY A 603 31.61 10.24 6.01
CA GLY A 603 30.79 9.06 6.20
C GLY A 603 30.79 8.19 4.96
N GLY A 604 31.98 7.81 4.51
CA GLY A 604 32.14 7.15 3.23
C GLY A 604 32.08 5.63 3.28
N ILE A 605 33.23 4.98 3.09
CA ILE A 605 33.28 3.53 2.99
C ILE A 605 32.70 2.92 4.25
N THR A 606 31.56 2.22 4.11
CA THR A 606 31.04 1.51 5.28
C THR A 606 31.42 0.03 5.25
N TYR A 607 30.83 -0.74 4.34
CA TYR A 607 31.24 -2.11 4.08
C TYR A 607 31.20 -2.52 2.61
N LEU A 608 30.36 -1.91 1.79
CA LEU A 608 30.22 -2.30 0.40
C LEU A 608 31.15 -1.52 -0.51
N GLU A 609 31.48 -0.28 -0.14
CA GLU A 609 32.50 0.46 -0.87
C GLU A 609 33.87 -0.19 -0.73
N ILE A 610 34.11 -0.91 0.37
CA ILE A 610 35.34 -1.69 0.48
C ILE A 610 35.37 -2.79 -0.56
N LEU A 611 34.25 -3.49 -0.75
CA LEU A 611 34.19 -4.55 -1.74
C LEU A 611 34.13 -4.03 -3.17
N ASN A 612 33.90 -2.74 -3.36
CA ASN A 612 33.75 -2.17 -4.70
C ASN A 612 34.79 -1.11 -4.99
N SER A 613 34.92 -0.10 -4.13
CA SER A 613 35.58 1.15 -4.47
C SER A 613 37.08 1.18 -4.17
N VAL A 614 37.63 0.16 -3.53
CA VAL A 614 39.06 0.11 -3.25
C VAL A 614 39.64 -1.16 -3.89
N LYS A 615 40.70 -0.98 -4.69
CA LYS A 615 41.39 -2.10 -5.34
C LYS A 615 42.90 -1.91 -5.30
N GLY A 616 43.41 -1.23 -4.28
CA GLY A 616 44.83 -0.95 -4.20
C GLY A 616 45.45 -1.34 -2.87
N LEU A 617 45.00 -2.45 -2.30
CA LEU A 617 45.53 -2.92 -1.02
C LEU A 617 45.89 -4.40 -1.07
N LYS A 618 46.24 -4.91 -2.24
CA LYS A 618 46.60 -6.32 -2.37
C LYS A 618 47.95 -6.59 -1.70
N GLY A 619 48.00 -7.62 -0.86
CA GLY A 619 49.22 -7.95 -0.16
C GLY A 619 49.62 -6.95 0.90
N SER A 620 48.67 -6.20 1.44
CA SER A 620 48.96 -5.16 2.41
C SER A 620 48.66 -5.65 3.82
N GLN A 621 49.24 -4.96 4.80
CA GLN A 621 48.98 -5.22 6.22
C GLN A 621 48.36 -3.96 6.80
N VAL A 622 47.15 -4.09 7.34
CA VAL A 622 46.36 -2.94 7.77
C VAL A 622 46.04 -3.08 9.26
N ILE A 623 46.41 -2.05 10.02
CA ILE A 623 46.10 -1.97 11.46
C ILE A 623 45.16 -0.79 11.66
N LEU A 624 44.01 -1.05 12.26
CA LEU A 624 42.93 -0.08 12.36
C LEU A 624 42.43 -0.01 13.79
N GLY A 625 42.38 1.20 14.34
CA GLY A 625 41.83 1.38 15.66
C GLY A 625 40.38 1.82 15.64
N ALA A 626 39.47 0.87 15.83
CA ALA A 626 38.02 1.09 15.83
C ALA A 626 37.37 -0.25 16.12
N CYS A 627 36.09 -0.19 16.50
CA CYS A 627 35.31 -1.41 16.74
C CYS A 627 35.04 -2.03 15.38
N GLU A 628 35.89 -2.97 14.97
CA GLU A 628 35.93 -3.41 13.58
C GLU A 628 35.54 -4.86 13.39
N THR A 629 36.23 -5.81 14.03
CA THR A 629 36.13 -7.20 13.62
C THR A 629 34.97 -7.96 14.25
N ASP A 630 34.24 -7.35 15.17
CA ASP A 630 33.19 -8.05 15.91
C ASP A 630 32.04 -7.07 16.16
N LEU A 631 31.17 -7.41 17.11
CA LEU A 631 29.84 -6.79 17.26
C LEU A 631 28.94 -7.16 16.09
N VAL A 632 29.26 -8.27 15.43
CA VAL A 632 28.35 -8.92 14.50
C VAL A 632 27.22 -9.51 15.33
N PRO A 633 26.04 -9.76 14.75
CA PRO A 633 24.93 -10.29 15.55
C PRO A 633 25.29 -11.63 16.19
N PRO A 634 24.88 -11.86 17.44
CA PRO A 634 25.16 -13.14 18.09
C PRO A 634 24.56 -14.31 17.32
N LEU A 635 23.27 -14.24 17.02
CA LEU A 635 22.64 -15.19 16.12
C LEU A 635 23.19 -14.97 14.72
N SER A 636 24.06 -15.86 14.27
CA SER A 636 24.89 -15.58 13.10
C SER A 636 24.07 -15.37 11.83
N ASP A 637 23.46 -16.44 11.32
CA ASP A 637 22.75 -16.46 10.05
C ASP A 637 22.09 -17.82 9.84
N VAL A 638 21.39 -17.99 8.71
CA VAL A 638 20.96 -19.33 8.29
C VAL A 638 22.12 -20.17 7.79
N MET A 639 23.28 -19.56 7.56
CA MET A 639 24.46 -20.28 7.11
C MET A 639 25.69 -19.63 7.71
N ASP A 640 26.77 -20.40 7.80
CA ASP A 640 28.00 -19.92 8.43
C ASP A 640 28.61 -18.80 7.59
N GLU A 641 28.57 -17.58 8.11
CA GLU A 641 29.12 -16.42 7.42
C GLU A 641 29.61 -15.41 8.45
N HIS A 642 30.68 -14.70 8.10
CA HIS A 642 31.25 -13.64 8.94
C HIS A 642 31.17 -12.33 8.15
N TYR A 643 30.53 -11.33 8.73
CA TYR A 643 30.28 -10.06 8.07
C TYR A 643 30.88 -8.93 8.91
N SER A 644 32.16 -8.65 8.68
CA SER A 644 32.83 -7.51 9.28
C SER A 644 33.72 -6.88 8.23
N VAL A 645 33.98 -5.58 8.37
CA VAL A 645 34.78 -4.88 7.37
C VAL A 645 36.23 -5.35 7.41
N ALA A 646 36.65 -5.98 8.50
CA ALA A 646 37.93 -6.67 8.50
C ALA A 646 37.92 -7.82 7.50
N THR A 647 36.83 -8.59 7.47
CA THR A 647 36.67 -9.63 6.46
C THR A 647 36.58 -9.04 5.06
N ALA A 648 35.93 -7.88 4.92
CA ALA A 648 35.88 -7.22 3.62
C ALA A 648 37.26 -6.81 3.15
N LEU A 649 38.09 -6.28 4.05
CA LEU A 649 39.46 -5.94 3.70
C LEU A 649 40.27 -7.19 3.35
N LEU A 650 40.06 -8.29 4.08
CA LEU A 650 40.70 -9.54 3.72
C LEU A 650 40.23 -10.05 2.37
N LEU A 651 39.01 -9.68 1.96
CA LEU A 651 38.46 -10.16 0.70
C LEU A 651 39.05 -9.46 -0.51
N ILE A 652 39.40 -8.18 -0.38
CA ILE A 652 39.89 -7.42 -1.53
C ILE A 652 41.33 -7.76 -1.89
N GLY A 653 42.07 -8.40 -0.99
CA GLY A 653 43.43 -8.81 -1.31
C GLY A 653 44.45 -8.51 -0.22
N ALA A 654 44.00 -7.95 0.89
CA ALA A 654 44.91 -7.64 1.98
C ALA A 654 45.45 -8.92 2.60
N ALA A 655 46.70 -8.85 3.07
CA ALA A 655 47.35 -10.01 3.65
C ALA A 655 46.96 -10.18 5.12
N GLY A 656 47.20 -9.15 5.93
CA GLY A 656 46.89 -9.22 7.34
C GLY A 656 46.12 -7.98 7.79
N VAL A 657 45.18 -8.21 8.69
CA VAL A 657 44.33 -7.14 9.23
C VAL A 657 44.27 -7.31 10.75
N VAL A 658 44.53 -6.22 11.47
CA VAL A 658 44.41 -6.20 12.92
C VAL A 658 43.19 -5.37 13.27
N GLY A 659 42.22 -6.01 13.95
CA GLY A 659 40.99 -5.36 14.30
C GLY A 659 40.71 -5.52 15.79
N THR A 660 39.74 -4.73 16.26
CA THR A 660 39.36 -4.72 17.67
C THR A 660 38.04 -5.43 17.87
N MET A 661 37.96 -6.25 18.90
CA MET A 661 36.76 -7.03 19.16
C MET A 661 35.60 -6.17 19.67
N TRP A 662 35.90 -5.05 20.31
CA TRP A 662 34.90 -4.13 20.84
C TRP A 662 35.54 -2.75 20.96
N LYS A 663 34.90 -1.86 21.73
CA LYS A 663 35.44 -0.52 21.91
C LYS A 663 36.79 -0.55 22.60
N VAL A 664 37.73 0.25 22.11
CA VAL A 664 39.05 0.39 22.72
C VAL A 664 39.37 1.87 22.89
N ARG A 665 40.32 2.15 23.78
CA ARG A 665 40.74 3.49 24.10
C ARG A 665 41.78 3.99 23.09
N SER A 666 42.06 5.28 23.14
CA SER A 666 43.06 5.88 22.28
C SER A 666 44.47 5.49 22.69
N ASN A 667 44.71 5.34 24.00
CA ASN A 667 46.05 5.01 24.48
C ASN A 667 46.50 3.64 23.98
N LYS A 668 45.62 2.64 24.00
CA LYS A 668 46.00 1.31 23.53
C LYS A 668 46.33 1.31 22.05
N THR A 669 45.52 2.00 21.23
CA THR A 669 45.79 2.07 19.80
C THR A 669 47.09 2.82 19.53
N LYS A 670 47.34 3.92 20.25
CA LYS A 670 48.58 4.65 20.08
C LYS A 670 49.79 3.81 20.45
N SER A 671 49.69 3.06 21.55
CA SER A 671 50.79 2.19 21.96
C SER A 671 51.02 1.10 20.91
N LEU A 672 49.96 0.50 20.40
CA LEU A 672 50.10 -0.55 19.39
C LEU A 672 50.75 -0.02 18.13
N ILE A 673 50.27 1.12 17.63
CA ILE A 673 50.83 1.67 16.39
C ILE A 673 52.26 2.15 16.58
N GLU A 674 52.62 2.65 17.77
CA GLU A 674 54.00 3.04 18.02
C GLU A 674 54.92 1.83 18.15
N TRP A 675 54.43 0.74 18.76
CA TRP A 675 55.22 -0.46 18.93
C TRP A 675 55.30 -1.30 17.68
N LYS A 676 54.42 -1.06 16.70
CA LYS A 676 54.41 -1.87 15.48
C LYS A 676 55.50 -1.43 14.51
N LEU A 677 55.63 -0.12 14.27
CA LEU A 677 56.54 0.40 13.27
C LEU A 677 58.01 0.29 13.68
N GLU A 678 58.30 -0.03 14.94
CA GLU A 678 59.70 -0.21 15.34
C GLU A 678 60.34 -1.35 14.56
N ASN A 679 59.63 -2.47 14.44
CA ASN A 679 60.07 -3.57 13.58
C ASN A 679 58.83 -4.40 13.30
N ILE A 680 58.47 -4.50 12.02
CA ILE A 680 57.19 -5.11 11.64
C ILE A 680 57.11 -6.60 11.94
N GLU A 681 58.24 -7.26 12.22
CA GLU A 681 58.23 -8.70 12.40
C GLU A 681 57.73 -9.15 13.76
N TYR A 682 57.63 -8.25 14.73
CA TYR A 682 57.02 -8.62 16.00
C TYR A 682 55.54 -8.93 15.84
N LYS A 683 55.06 -9.91 16.59
CA LYS A 683 53.66 -10.29 16.57
C LYS A 683 52.89 -9.47 17.60
N LEU A 684 51.63 -9.84 17.83
CA LEU A 684 50.79 -9.14 18.78
C LEU A 684 50.86 -9.72 20.19
N ASN A 685 51.22 -11.00 20.33
CA ASN A 685 51.22 -11.65 21.62
C ASN A 685 52.23 -11.02 22.59
N GLU A 686 53.42 -10.67 22.12
CA GLU A 686 54.40 -10.05 23.00
C GLU A 686 53.92 -8.68 23.49
N TRP A 687 53.35 -7.86 22.60
CA TRP A 687 52.84 -6.56 23.02
C TRP A 687 51.70 -6.72 24.01
N GLN A 688 50.79 -7.67 23.76
CA GLN A 688 49.67 -7.88 24.67
C GLN A 688 50.15 -8.38 26.03
N LYS A 689 51.18 -9.24 26.05
CA LYS A 689 51.73 -9.73 27.31
C LYS A 689 52.41 -8.61 28.09
N GLU A 690 53.19 -7.78 27.41
CA GLU A 690 53.91 -6.71 28.09
C GLU A 690 53.00 -5.54 28.45
N THR A 691 51.82 -5.44 27.83
CA THR A 691 50.92 -4.34 28.13
C THR A 691 50.29 -4.50 29.50
N GLY A 692 50.06 -5.74 29.94
CA GLY A 692 49.42 -5.98 31.21
C GLY A 692 48.18 -6.84 31.10
N GLY A 693 48.12 -7.68 30.07
CA GLY A 693 46.98 -8.56 29.88
C GLY A 693 46.91 -9.70 30.86
N ALA A 694 47.95 -9.92 31.67
CA ALA A 694 47.97 -10.96 32.68
C ALA A 694 47.44 -10.47 34.03
N ALA A 695 46.71 -9.36 34.05
CA ALA A 695 46.18 -8.77 35.27
C ALA A 695 44.67 -8.92 35.39
N TYR A 696 44.13 -10.06 34.96
CA TYR A 696 42.69 -10.27 35.02
C TYR A 696 42.17 -10.31 36.45
N LYS A 697 42.96 -10.86 37.38
CA LYS A 697 42.50 -11.02 38.75
C LYS A 697 42.38 -9.68 39.47
N ASP A 698 43.39 -8.82 39.35
CA ASP A 698 43.43 -7.62 40.18
C ASP A 698 42.67 -6.45 39.54
N HIS A 699 42.86 -6.24 38.24
CA HIS A 699 42.18 -5.15 37.52
C HIS A 699 41.51 -5.69 36.28
N PRO A 700 40.23 -6.05 36.33
CA PRO A 700 39.52 -6.53 35.13
C PRO A 700 39.53 -5.53 33.99
N PRO A 701 39.40 -4.21 34.24
CA PRO A 701 39.33 -3.29 33.09
C PRO A 701 40.57 -3.29 32.20
N THR A 702 41.78 -3.42 32.76
CA THR A 702 42.96 -3.41 31.91
C THR A 702 43.05 -4.68 31.06
N PHE A 703 42.66 -5.82 31.61
CA PHE A 703 42.57 -7.03 30.79
C PHE A 703 41.52 -6.88 29.71
N TYR A 704 40.38 -6.27 30.04
CA TYR A 704 39.33 -6.04 29.06
C TYR A 704 39.83 -5.16 27.92
N ARG A 705 40.57 -4.11 28.23
CA ARG A 705 41.11 -3.23 27.20
C ARG A 705 42.19 -3.93 26.37
N SER A 706 43.01 -4.77 27.01
CA SER A 706 44.16 -5.34 26.32
C SER A 706 43.78 -6.44 25.33
N ILE A 707 42.74 -7.23 25.64
CA ILE A 707 42.42 -8.42 24.84
C ILE A 707 41.70 -8.07 23.55
N ALA A 708 41.12 -6.88 23.44
CA ALA A 708 40.21 -6.55 22.35
C ALA A 708 40.87 -6.64 20.97
N PHE A 709 42.20 -6.58 20.89
CA PHE A 709 42.86 -6.64 19.60
C PHE A 709 43.02 -8.08 19.12
N ARG A 710 42.93 -8.26 17.80
CA ARG A 710 42.96 -9.59 17.20
C ARG A 710 43.61 -9.49 15.83
N SER A 711 44.39 -10.53 15.49
CA SER A 711 45.04 -10.65 14.20
C SER A 711 44.23 -11.61 13.33
N ILE A 712 44.03 -11.24 12.06
CA ILE A 712 43.19 -11.98 11.14
C ILE A 712 43.97 -12.46 9.91
N GLY A 713 45.25 -12.08 9.81
CA GLY A 713 46.01 -12.41 8.62
C GLY A 713 46.91 -13.63 8.74
N PHE A 714 46.67 -14.62 7.89
CA PHE A 714 47.51 -15.82 7.87
C PHE A 714 48.64 -15.63 6.87
N PRO A 715 49.91 -15.57 7.33
CA PRO A 715 51.06 -15.43 6.43
C PRO A 715 51.58 -16.78 5.93
N ASP D 5 -0.48 -13.71 58.89
CA ASP D 5 -1.55 -13.80 57.91
C ASP D 5 -2.59 -12.72 58.13
N MET D 6 -2.83 -11.91 57.10
CA MET D 6 -3.78 -10.80 57.19
C MET D 6 -4.91 -10.86 56.19
N ASN D 7 -4.84 -11.72 55.17
CA ASN D 7 -5.91 -11.88 54.17
C ASN D 7 -6.24 -10.55 53.48
N ILE D 8 -5.22 -10.01 52.82
CA ILE D 8 -5.36 -8.73 52.13
C ILE D 8 -6.16 -8.96 50.85
N THR D 9 -6.99 -8.00 50.48
CA THR D 9 -7.79 -8.08 49.27
C THR D 9 -7.32 -7.04 48.27
N VAL D 10 -7.12 -7.47 47.03
CA VAL D 10 -6.62 -6.61 45.96
C VAL D 10 -7.70 -6.47 44.90
N GLU D 11 -7.99 -5.21 44.54
CA GLU D 11 -8.97 -4.89 43.52
C GLU D 11 -8.27 -4.22 42.34
N LEU D 12 -8.52 -4.74 41.14
CA LEU D 12 -7.80 -4.35 39.95
C LEU D 12 -8.69 -3.49 39.05
N THR D 13 -8.19 -2.34 38.63
CA THR D 13 -8.91 -1.41 37.77
C THR D 13 -8.11 -1.16 36.51
N PHE D 14 -8.76 -1.24 35.36
CA PHE D 14 -8.13 -0.98 34.07
C PHE D 14 -8.46 0.43 33.59
N PHE D 15 -7.58 0.96 32.73
CA PHE D 15 -7.79 2.27 32.13
C PHE D 15 -7.60 2.26 30.62
N GLU D 16 -7.38 1.09 30.02
CA GLU D 16 -7.23 0.93 28.59
C GLU D 16 -7.94 -0.34 28.18
N PRO D 17 -8.39 -0.43 26.92
CA PRO D 17 -9.05 -1.67 26.47
C PRO D 17 -8.11 -2.86 26.50
N TYR D 18 -8.40 -3.80 27.40
CA TYR D 18 -7.59 -5.00 27.57
C TYR D 18 -8.05 -6.08 26.61
N ARG D 19 -7.36 -7.22 26.62
CA ARG D 19 -7.51 -8.26 25.61
C ARG D 19 -8.03 -9.55 26.23
N LEU D 20 -8.79 -10.31 25.44
CA LEU D 20 -9.41 -11.55 25.88
C LEU D 20 -8.95 -12.71 25.02
N VAL D 21 -8.80 -13.87 25.66
CA VAL D 21 -8.42 -15.11 24.98
C VAL D 21 -9.23 -16.25 25.60
N GLU D 22 -9.73 -17.13 24.74
CA GLU D 22 -10.49 -18.28 25.19
C GLU D 22 -9.58 -19.22 26.00
N TRP D 23 -10.20 -19.91 26.96
CA TRP D 23 -9.46 -20.67 27.96
C TRP D 23 -9.28 -22.13 27.52
N PHE D 24 -8.04 -22.59 27.54
CA PHE D 24 -7.70 -24.00 27.41
C PHE D 24 -6.65 -24.32 28.47
N ASP D 25 -6.87 -25.39 29.24
CA ASP D 25 -6.15 -25.56 30.49
C ASP D 25 -4.64 -25.67 30.33
N TRP D 26 -4.14 -26.79 29.81
CA TRP D 26 -2.74 -26.85 29.42
C TRP D 26 -2.47 -27.63 28.14
N ASP D 27 -3.32 -28.56 27.74
CA ASP D 27 -3.07 -29.43 26.59
C ASP D 27 -3.74 -28.95 25.32
N ALA D 28 -4.98 -28.46 25.42
CA ALA D 28 -5.64 -27.88 24.26
C ALA D 28 -5.03 -26.56 23.83
N ARG D 29 -4.20 -25.94 24.68
CA ARG D 29 -3.49 -24.72 24.28
C ARG D 29 -2.53 -24.98 23.13
N LYS D 30 -1.83 -26.13 23.16
CA LYS D 30 -0.89 -26.47 22.11
C LYS D 30 -1.56 -26.69 20.75
N LYS D 31 -2.87 -26.95 20.73
CA LYS D 31 -3.57 -27.21 19.49
C LYS D 31 -4.05 -25.93 18.80
N SER D 32 -4.46 -24.93 19.58
CA SER D 32 -4.96 -23.67 19.03
C SER D 32 -3.90 -22.60 19.21
N HIS D 33 -3.54 -21.92 18.11
CA HIS D 33 -2.50 -20.90 18.16
C HIS D 33 -2.98 -19.63 18.85
N SER D 34 -4.29 -19.35 18.83
CA SER D 34 -4.80 -18.15 19.49
C SER D 34 -4.57 -18.21 20.99
N ALA D 35 -4.81 -19.35 21.62
CA ALA D 35 -4.56 -19.48 23.04
C ALA D 35 -3.08 -19.41 23.37
N MET D 36 -2.23 -20.00 22.53
CA MET D 36 -0.79 -19.93 22.76
C MET D 36 -0.28 -18.50 22.65
N ARG D 37 -0.82 -17.74 21.70
CA ARG D 37 -0.42 -16.34 21.57
C ARG D 37 -0.82 -15.53 22.80
N GLY D 38 -2.05 -15.70 23.28
CA GLY D 38 -2.54 -14.92 24.40
C GLY D 38 -2.39 -15.58 25.76
N GLN D 39 -1.15 -15.83 26.18
CA GLN D 39 -0.91 -16.35 27.53
C GLN D 39 -1.03 -15.26 28.59
N ALA D 40 -0.75 -14.00 28.23
CA ALA D 40 -0.76 -12.90 29.18
C ALA D 40 -1.99 -12.01 29.04
N PHE D 41 -3.11 -12.59 28.59
CA PHE D 41 -4.36 -11.86 28.43
C PHE D 41 -5.40 -12.38 29.41
N ALA D 42 -6.51 -11.66 29.51
CA ALA D 42 -7.65 -12.13 30.28
C ALA D 42 -8.26 -13.36 29.61
N GLN D 43 -8.80 -14.25 30.42
CA GLN D 43 -9.32 -15.52 29.95
C GLN D 43 -10.83 -15.54 30.04
N TRP D 44 -11.46 -16.10 29.01
CA TRP D 44 -12.91 -16.16 28.90
C TRP D 44 -13.36 -17.62 28.88
N THR D 45 -14.32 -17.94 29.74
CA THR D 45 -14.86 -19.29 29.83
C THR D 45 -16.36 -19.26 29.56
N TRP D 46 -16.85 -20.30 28.89
CA TRP D 46 -18.26 -20.41 28.57
C TRP D 46 -19.02 -21.07 29.71
N LYS D 47 -20.19 -20.54 30.02
CA LYS D 47 -21.09 -21.09 31.04
C LYS D 47 -22.40 -21.46 30.34
N GLY D 48 -22.56 -22.74 30.06
CA GLY D 48 -23.73 -23.23 29.36
C GLY D 48 -23.46 -23.46 27.88
N LYS D 49 -24.28 -24.32 27.29
CA LYS D 49 -24.13 -24.67 25.88
C LYS D 49 -24.63 -23.52 24.99
N GLY D 50 -24.26 -23.60 23.72
CA GLY D 50 -24.69 -22.63 22.73
C GLY D 50 -23.67 -21.56 22.39
N ARG D 51 -22.57 -21.47 23.15
CA ARG D 51 -21.54 -20.47 22.92
C ARG D 51 -22.13 -19.06 22.92
N THR D 52 -23.00 -18.79 23.88
CA THR D 52 -23.72 -17.52 23.98
C THR D 52 -23.15 -16.60 25.04
N ALA D 53 -22.92 -17.10 26.25
CA ALA D 53 -22.49 -16.25 27.35
C ALA D 53 -21.57 -17.04 28.27
N GLY D 54 -20.79 -16.31 29.06
CA GLY D 54 -19.85 -16.91 29.99
C GLY D 54 -19.32 -15.94 31.02
N LYS D 55 -18.13 -16.23 31.55
CA LYS D 55 -17.49 -15.39 32.56
C LYS D 55 -16.04 -15.14 32.17
N SER D 56 -15.48 -14.07 32.71
CA SER D 56 -14.10 -13.66 32.44
C SER D 56 -13.33 -13.56 33.74
N PHE D 57 -12.04 -13.86 33.68
CA PHE D 57 -11.19 -13.85 34.86
C PHE D 57 -9.73 -13.68 34.44
N ILE D 58 -8.90 -13.31 35.42
CA ILE D 58 -7.46 -13.22 35.23
C ILE D 58 -6.80 -14.22 36.17
N THR D 59 -5.93 -15.05 35.62
CA THR D 59 -5.26 -16.09 36.40
C THR D 59 -4.29 -15.47 37.41
N GLY D 60 -4.12 -16.17 38.53
CA GLY D 60 -3.20 -15.70 39.55
C GLY D 60 -1.74 -15.83 39.17
N THR D 61 -1.42 -16.71 38.23
CA THR D 61 -0.03 -16.84 37.77
C THR D 61 0.46 -15.58 37.08
N LEU D 62 -0.39 -14.95 36.26
CA LEU D 62 0.00 -13.70 35.61
C LEU D 62 0.26 -12.60 36.62
N VAL D 63 -0.61 -12.50 37.64
CA VAL D 63 -0.42 -11.49 38.68
C VAL D 63 0.85 -11.78 39.47
N ARG D 64 1.13 -13.06 39.74
CA ARG D 64 2.36 -13.43 40.42
C ARG D 64 3.59 -13.05 39.61
N SER D 65 3.55 -13.29 38.30
CA SER D 65 4.68 -12.90 37.44
C SER D 65 4.85 -11.38 37.42
N ALA D 66 3.75 -10.64 37.35
CA ALA D 66 3.85 -9.18 37.38
C ALA D 66 4.44 -8.69 38.70
N VAL D 67 4.01 -9.28 39.82
CA VAL D 67 4.55 -8.89 41.11
C VAL D 67 6.03 -9.27 41.23
N ILE D 68 6.42 -10.40 40.65
CA ILE D 68 7.83 -10.80 40.69
C ILE D 68 8.69 -9.84 39.89
N LYS D 69 8.22 -9.44 38.71
CA LYS D 69 8.93 -8.43 37.94
C LYS D 69 8.99 -7.11 38.70
N ALA D 70 7.90 -6.75 39.38
CA ALA D 70 7.88 -5.51 40.16
C ALA D 70 8.91 -5.53 41.28
N VAL D 71 8.99 -6.63 42.04
CA VAL D 71 9.98 -6.68 43.11
C VAL D 71 11.39 -6.73 42.54
N GLU D 72 11.59 -7.39 41.41
CA GLU D 72 12.91 -7.39 40.77
C GLU D 72 13.35 -5.98 40.44
N GLU D 73 12.49 -5.21 39.75
CA GLU D 73 12.85 -3.84 39.39
C GLU D 73 12.99 -2.95 40.62
N LEU D 74 12.15 -3.15 41.65
CA LEU D 74 12.23 -2.33 42.85
C LEU D 74 13.52 -2.58 43.61
N LEU D 75 13.94 -3.84 43.72
CA LEU D 75 15.19 -4.17 44.39
C LEU D 75 16.41 -3.79 43.57
N SER D 76 16.29 -3.77 42.24
CA SER D 76 17.41 -3.32 41.42
C SER D 76 17.75 -1.85 41.64
N LEU D 77 16.78 -1.04 42.06
CA LEU D 77 17.02 0.38 42.30
C LEU D 77 17.77 0.61 43.60
N ASN D 78 17.49 -0.18 44.63
CA ASN D 78 18.09 0.00 45.95
C ASN D 78 19.23 -0.98 46.22
N ASN D 79 19.77 -1.62 45.18
CA ASN D 79 20.88 -2.56 45.31
C ASN D 79 20.52 -3.72 46.25
N GLY D 80 19.27 -4.15 46.22
CA GLY D 80 18.81 -5.24 47.06
C GLY D 80 18.88 -4.94 48.55
N LYS D 81 18.55 -3.72 48.94
CA LYS D 81 18.61 -3.30 50.34
C LYS D 81 17.32 -2.57 50.71
N TRP D 82 16.18 -3.16 50.36
CA TRP D 82 14.88 -2.52 50.56
C TRP D 82 14.59 -2.36 52.05
N GLU D 83 14.51 -1.10 52.49
CA GLU D 83 14.17 -0.76 53.87
C GLU D 83 15.14 -1.42 54.87
N GLY D 84 16.40 -1.49 54.47
CA GLY D 84 17.48 -1.88 55.37
C GLY D 84 17.84 -3.36 55.42
N VAL D 85 16.97 -4.21 54.92
CA VAL D 85 17.25 -5.66 54.97
C VAL D 85 17.78 -6.11 53.61
N PRO D 86 18.98 -6.68 53.58
CA PRO D 86 19.49 -7.31 52.37
C PRO D 86 18.51 -8.27 51.73
N CYS D 87 18.73 -8.52 50.43
CA CYS D 87 18.01 -9.54 49.70
C CYS D 87 18.96 -10.28 48.78
N CYS D 88 18.66 -11.54 48.51
CA CYS D 88 19.52 -12.36 47.67
C CYS D 88 19.11 -12.22 46.21
N ASN D 89 19.68 -13.06 45.34
CA ASN D 89 19.48 -12.94 43.91
C ASN D 89 18.34 -13.79 43.37
N GLY D 90 17.86 -14.76 44.14
CA GLY D 90 16.89 -15.70 43.64
C GLY D 90 17.54 -16.79 42.80
N SER D 91 16.71 -17.67 42.25
CA SER D 91 17.20 -18.77 41.44
C SER D 91 16.79 -18.65 39.98
N PHE D 92 15.48 -18.57 39.69
CA PHE D 92 14.97 -18.48 38.31
C PHE D 92 15.57 -19.56 37.42
N GLN D 93 15.73 -20.77 37.94
CA GLN D 93 16.35 -21.86 37.19
C GLN D 93 15.84 -23.19 37.72
N THR D 94 15.42 -24.07 36.81
CA THR D 94 14.89 -25.37 37.16
C THR D 94 15.58 -26.43 36.34
N ASP D 95 16.05 -27.50 37.01
CA ASP D 95 16.67 -28.61 36.32
C ASP D 95 15.57 -29.56 35.84
N GLU D 96 15.65 -29.96 34.58
CA GLU D 96 14.61 -30.78 33.98
C GLU D 96 14.64 -32.23 34.48
N SER D 97 15.80 -32.73 34.91
CA SER D 97 15.89 -34.11 35.36
C SER D 97 15.34 -34.28 36.78
N LYS D 98 15.75 -33.40 37.70
CA LYS D 98 15.29 -33.45 39.09
C LYS D 98 14.12 -32.47 39.24
N GLY D 99 12.94 -32.95 38.89
CA GLY D 99 11.74 -32.15 38.98
C GLY D 99 11.21 -31.73 37.62
N LYS D 100 9.95 -31.32 37.60
CA LYS D 100 9.30 -30.89 36.37
C LYS D 100 9.47 -29.40 36.16
N LYS D 101 9.69 -29.01 34.90
CA LYS D 101 9.86 -27.61 34.56
C LYS D 101 8.55 -26.86 34.75
N PRO D 102 8.61 -25.56 35.04
CA PRO D 102 7.39 -24.77 35.21
C PRO D 102 6.63 -24.65 33.89
N SER D 103 5.33 -24.37 34.02
CA SER D 103 4.46 -24.28 32.85
C SER D 103 4.87 -23.15 31.91
N PHE D 104 5.49 -22.10 32.42
CA PHE D 104 5.93 -20.97 31.60
C PHE D 104 7.43 -20.79 31.78
N LEU D 105 8.14 -20.59 30.67
CA LEU D 105 9.56 -20.34 30.68
C LEU D 105 9.86 -18.87 30.40
N ARG D 106 11.01 -18.42 30.89
CA ARG D 106 11.39 -17.01 30.83
C ARG D 106 12.34 -16.77 29.67
N LYS D 107 12.20 -15.61 29.04
CA LYS D 107 13.08 -15.20 27.95
C LYS D 107 13.69 -13.83 28.12
N ARG D 108 13.23 -13.02 29.07
CA ARG D 108 13.78 -11.68 29.25
C ARG D 108 15.11 -11.73 29.99
N HIS D 109 15.63 -10.55 30.31
CA HIS D 109 16.88 -10.44 31.04
C HIS D 109 16.60 -10.24 32.52
N THR D 110 16.99 -11.21 33.34
CA THR D 110 16.79 -11.12 34.77
C THR D 110 17.78 -10.14 35.38
N LEU D 111 17.29 -9.24 36.23
CA LEU D 111 18.13 -8.25 36.88
C LEU D 111 18.70 -8.84 38.16
N GLN D 112 20.01 -8.77 38.32
CA GLN D 112 20.70 -9.36 39.45
C GLN D 112 21.62 -8.33 40.10
N TRP D 113 21.92 -8.55 41.38
CA TRP D 113 22.76 -7.64 42.14
C TRP D 113 23.80 -8.41 42.94
N GLN D 114 24.54 -7.71 43.79
CA GLN D 114 25.54 -8.35 44.64
C GLN D 114 24.88 -8.97 45.86
N ALA D 115 25.26 -10.20 46.18
CA ALA D 115 24.69 -10.91 47.33
C ALA D 115 25.26 -10.32 48.61
N ASN D 116 24.46 -9.47 49.26
CA ASN D 116 24.87 -8.80 50.49
C ASN D 116 24.17 -9.35 51.73
N ASN D 117 23.51 -10.50 51.60
CA ASN D 117 22.79 -11.12 52.71
C ASN D 117 23.68 -11.98 53.60
N LYS D 118 24.93 -12.22 53.18
CA LYS D 118 25.94 -12.96 53.95
C LYS D 118 25.43 -14.28 54.51
N ASN D 119 24.41 -14.87 53.87
CA ASN D 119 23.86 -16.13 54.33
C ASN D 119 23.15 -16.81 53.17
N ILE D 120 22.86 -18.10 53.35
CA ILE D 120 22.17 -18.91 52.35
C ILE D 120 20.73 -19.11 52.82
N CYS D 121 19.79 -18.92 51.91
CA CYS D 121 18.36 -18.94 52.21
C CYS D 121 17.86 -20.38 52.23
N ASP D 122 17.15 -20.74 53.29
CA ASP D 122 16.56 -22.07 53.43
C ASP D 122 15.18 -21.91 54.06
N LYS D 123 14.60 -23.03 54.50
CA LYS D 123 13.28 -22.97 55.12
C LYS D 123 13.32 -22.26 56.46
N GLU D 124 14.43 -22.41 57.21
CA GLU D 124 14.51 -21.81 58.54
C GLU D 124 14.51 -20.29 58.49
N GLU D 125 15.35 -19.69 57.66
CA GLU D 125 15.41 -18.24 57.53
C GLU D 125 15.71 -17.90 56.08
N ALA D 126 15.03 -16.86 55.58
CA ALA D 126 15.20 -16.43 54.20
C ALA D 126 14.86 -14.95 54.09
N CYS D 127 15.31 -14.35 52.99
CA CYS D 127 15.02 -12.95 52.71
C CYS D 127 13.56 -12.81 52.26
N PRO D 128 13.00 -11.60 52.32
CA PRO D 128 11.63 -11.41 51.81
C PRO D 128 11.47 -11.74 50.33
N PHE D 129 12.50 -11.56 49.51
CA PHE D 129 12.41 -11.92 48.11
C PHE D 129 12.18 -13.41 47.93
N CYS D 130 12.89 -14.25 48.68
CA CYS D 130 12.66 -15.69 48.63
C CYS D 130 11.25 -16.05 49.12
N ILE D 131 10.76 -15.37 50.16
CA ILE D 131 9.43 -15.66 50.68
C ILE D 131 8.36 -15.34 49.65
N LEU D 132 8.48 -14.19 48.97
CA LEU D 132 7.55 -13.89 47.88
C LEU D 132 7.69 -14.86 46.71
N LEU D 133 8.92 -15.29 46.40
CA LEU D 133 9.11 -16.22 45.29
C LEU D 133 8.49 -17.58 45.54
N GLY D 134 8.19 -17.92 46.80
CA GLY D 134 7.75 -19.26 47.11
C GLY D 134 8.83 -20.30 46.89
N ARG D 135 10.09 -19.90 47.01
CA ARG D 135 11.21 -20.81 46.74
C ARG D 135 11.25 -21.95 47.75
N PHE D 136 11.00 -21.67 49.02
CA PHE D 136 11.07 -22.67 50.08
C PHE D 136 9.69 -22.78 50.72
N ASP D 137 8.87 -23.70 50.22
CA ASP D 137 7.52 -23.88 50.72
C ASP D 137 7.13 -25.34 50.60
N ASN D 138 6.03 -25.70 51.28
CA ASN D 138 5.59 -27.09 51.30
C ASN D 138 4.85 -27.48 50.03
N ALA D 139 4.45 -26.50 49.21
CA ALA D 139 3.70 -26.78 48.00
C ALA D 139 4.51 -26.39 46.77
N GLY D 140 4.42 -27.22 45.73
CA GLY D 140 5.10 -26.93 44.48
C GLY D 140 4.69 -27.83 43.33
N LYS D 141 4.34 -27.20 42.21
CA LYS D 141 4.07 -27.87 40.92
C LYS D 141 2.82 -28.73 40.97
N VAL D 142 2.21 -28.89 42.14
CA VAL D 142 0.99 -29.66 42.31
C VAL D 142 0.13 -28.95 43.35
N HIS D 143 -1.15 -28.78 43.04
CA HIS D 143 -2.08 -28.14 43.96
C HIS D 143 -2.89 -29.20 44.70
N GLU D 144 -2.64 -29.35 46.00
CA GLU D 144 -3.38 -30.27 46.85
C GLU D 144 -4.22 -29.56 47.88
N ARG D 145 -3.64 -28.63 48.62
CA ARG D 145 -4.37 -27.87 49.63
C ARG D 145 -3.81 -26.45 49.66
N ASN D 146 -4.64 -25.53 50.16
CA ASN D 146 -4.28 -24.11 50.17
C ASN D 146 -3.55 -23.68 51.44
N LYS D 147 -3.43 -24.55 52.43
CA LYS D 147 -2.82 -24.19 53.70
C LYS D 147 -1.30 -24.12 53.63
N ASP D 148 -0.66 -24.87 52.73
CA ASP D 148 0.79 -24.92 52.69
C ASP D 148 1.42 -23.73 51.96
N TYR D 149 0.62 -22.95 51.24
CA TYR D 149 1.17 -21.84 50.46
C TYR D 149 1.55 -20.68 51.39
N ASP D 150 2.86 -20.45 51.53
CA ASP D 150 3.31 -19.26 52.24
C ASP D 150 2.88 -18.00 51.50
N ILE D 151 2.97 -18.01 50.17
CA ILE D 151 2.44 -16.95 49.32
C ILE D 151 1.44 -17.57 48.36
N HIS D 152 0.36 -16.85 48.09
CA HIS D 152 -0.70 -17.35 47.23
C HIS D 152 -1.22 -16.21 46.35
N PHE D 153 -1.86 -16.58 45.26
CA PHE D 153 -2.45 -15.61 44.34
C PHE D 153 -3.72 -16.21 43.77
N SER D 154 -4.86 -15.90 44.38
CA SER D 154 -6.13 -16.42 43.92
C SER D 154 -6.55 -15.75 42.62
N ASN D 155 -7.50 -16.38 41.93
CA ASN D 155 -8.00 -15.86 40.67
C ASN D 155 -8.81 -14.59 40.90
N PHE D 156 -8.83 -13.74 39.89
CA PHE D 156 -9.51 -12.45 39.95
C PHE D 156 -10.79 -12.51 39.14
N ASP D 157 -11.89 -12.06 39.75
CA ASP D 157 -13.21 -12.15 39.16
C ASP D 157 -13.73 -10.76 38.80
N LEU D 158 -14.44 -10.70 37.67
CA LEU D 158 -15.02 -9.44 37.21
C LEU D 158 -16.21 -9.04 38.09
N ASP D 159 -16.43 -7.74 38.19
CA ASP D 159 -17.56 -7.17 38.91
C ASP D 159 -18.50 -6.51 37.91
N HIS D 160 -19.75 -6.95 37.90
CA HIS D 160 -20.75 -6.46 36.97
C HIS D 160 -22.03 -6.11 37.72
N LYS D 161 -22.75 -5.10 37.20
CA LYS D 161 -23.97 -4.64 37.84
C LYS D 161 -25.16 -5.52 37.48
N GLN D 162 -25.49 -5.60 36.20
CA GLN D 162 -26.62 -6.40 35.74
C GLN D 162 -26.26 -7.88 35.79
N GLU D 163 -27.13 -8.68 36.39
CA GLU D 163 -26.88 -10.11 36.53
C GLU D 163 -28.12 -10.94 36.21
N LYS D 164 -29.05 -10.37 35.43
CA LYS D 164 -30.20 -11.15 34.99
C LYS D 164 -29.77 -12.32 34.12
N ASN D 165 -28.83 -12.08 33.21
CA ASN D 165 -28.20 -13.12 32.41
C ASN D 165 -26.70 -13.11 32.69
N ASP D 166 -25.97 -13.92 31.94
CA ASP D 166 -24.51 -13.98 32.08
C ASP D 166 -23.88 -12.80 31.34
N LEU D 167 -22.56 -12.83 31.18
CA LEU D 167 -21.85 -11.67 30.67
C LEU D 167 -22.12 -11.44 29.19
N ARG D 168 -22.53 -12.47 28.45
CA ARG D 168 -22.98 -12.31 27.07
C ARG D 168 -21.90 -11.67 26.20
N LEU D 169 -20.83 -12.42 25.90
CA LEU D 169 -19.55 -11.90 25.42
C LEU D 169 -19.67 -10.78 24.40
N VAL D 170 -20.78 -10.73 23.65
CA VAL D 170 -20.95 -9.75 22.59
C VAL D 170 -20.73 -8.31 23.07
N ASP D 171 -21.29 -7.89 24.20
CA ASP D 171 -21.18 -6.48 24.57
C ASP D 171 -19.95 -6.17 25.41
N ILE D 172 -19.23 -7.19 25.89
CA ILE D 172 -18.05 -6.93 26.70
C ILE D 172 -16.79 -6.77 25.84
N ALA D 173 -16.69 -7.49 24.73
CA ALA D 173 -15.50 -7.47 23.89
C ALA D 173 -15.89 -7.33 22.43
N SER D 174 -14.97 -6.78 21.64
CA SER D 174 -15.15 -6.64 20.20
C SER D 174 -13.84 -7.03 19.52
N GLY D 175 -13.93 -7.96 18.56
CA GLY D 175 -12.73 -8.40 17.88
C GLY D 175 -12.28 -7.45 16.79
N ARG D 176 -10.98 -7.46 16.54
CA ARG D 176 -10.39 -6.65 15.50
C ARG D 176 -9.11 -7.31 15.02
N ILE D 177 -8.62 -6.84 13.87
CA ILE D 177 -7.45 -7.41 13.22
C ILE D 177 -6.28 -6.46 13.34
N LEU D 178 -5.19 -6.93 13.92
CA LEU D 178 -3.93 -6.19 13.95
C LEU D 178 -3.05 -6.62 12.79
N ASN D 179 -1.96 -5.88 12.58
CA ASN D 179 -1.20 -5.99 11.34
C ASN D 179 0.30 -5.93 11.63
N ARG D 180 1.07 -6.33 10.63
CA ARG D 180 2.52 -6.16 10.61
C ARG D 180 2.90 -5.56 9.26
N VAL D 181 3.62 -4.45 9.28
CA VAL D 181 3.94 -3.69 8.08
C VAL D 181 5.46 -3.74 7.87
N ASP D 182 5.87 -4.15 6.67
CA ASP D 182 7.28 -4.21 6.34
C ASP D 182 7.80 -2.79 6.09
N PHE D 183 9.05 -2.56 6.47
CA PHE D 183 9.60 -1.20 6.45
C PHE D 183 9.90 -0.72 5.03
N ASP D 184 10.56 -1.53 4.21
CA ASP D 184 11.06 -1.03 2.93
C ASP D 184 10.04 -1.14 1.80
N THR D 185 8.88 -1.77 2.03
CA THR D 185 7.81 -1.82 1.04
C THR D 185 6.55 -1.09 1.47
N GLY D 186 6.30 -0.93 2.77
CA GLY D 186 5.12 -0.25 3.23
C GLY D 186 3.84 -1.06 3.16
N LYS D 187 3.92 -2.34 2.83
CA LYS D 187 2.75 -3.20 2.71
C LYS D 187 2.78 -4.27 3.79
N ALA D 188 1.59 -4.76 4.13
CA ALA D 188 1.45 -5.78 5.15
C ALA D 188 1.94 -7.14 4.63
N LYS D 189 2.45 -7.95 5.56
CA LYS D 189 2.86 -9.32 5.27
C LYS D 189 1.97 -10.36 5.94
N ASP D 190 1.47 -10.07 7.14
CA ASP D 190 0.62 -11.00 7.86
C ASP D 190 -0.22 -10.22 8.86
N TYR D 191 -1.31 -10.84 9.31
CA TYR D 191 -2.21 -10.23 10.27
C TYR D 191 -2.62 -11.27 11.31
N PHE D 192 -3.24 -10.79 12.39
CA PHE D 192 -3.73 -11.65 13.44
C PHE D 192 -4.87 -10.94 14.18
N ARG D 193 -5.81 -11.72 14.68
CA ARG D 193 -7.03 -11.20 15.29
C ARG D 193 -6.97 -11.37 16.80
N THR D 194 -7.31 -10.29 17.52
CA THR D 194 -7.41 -10.32 18.97
C THR D 194 -8.75 -9.70 19.39
N TRP D 195 -9.19 -10.07 20.59
CA TRP D 195 -10.40 -9.52 21.18
C TRP D 195 -10.01 -8.39 22.13
N GLU D 196 -10.70 -7.25 22.03
CA GLU D 196 -10.50 -6.13 22.93
C GLU D 196 -11.78 -5.86 23.70
N ALA D 197 -11.65 -5.69 25.02
CA ALA D 197 -12.79 -5.47 25.90
C ALA D 197 -12.72 -4.06 26.48
N ASP D 198 -13.89 -3.44 26.61
CA ASP D 198 -13.96 -2.08 27.12
C ASP D 198 -13.63 -2.04 28.61
N TYR D 199 -13.29 -0.85 29.10
CA TYR D 199 -12.89 -0.65 30.47
C TYR D 199 -13.83 0.24 31.28
N GLU D 200 -14.76 0.94 30.62
CA GLU D 200 -15.63 1.87 31.33
C GLU D 200 -16.56 1.16 32.31
N THR D 201 -17.11 0.01 31.92
CA THR D 201 -18.03 -0.75 32.76
C THR D 201 -17.43 -2.06 33.25
N TYR D 202 -16.97 -2.92 32.34
CA TYR D 202 -16.31 -4.17 32.75
C TYR D 202 -14.80 -3.97 32.75
N GLY D 203 -14.32 -3.34 33.82
CA GLY D 203 -12.91 -3.09 33.96
C GLY D 203 -12.40 -3.21 35.39
N THR D 204 -13.14 -3.91 36.23
CA THR D 204 -12.79 -4.08 37.64
C THR D 204 -12.69 -5.56 37.97
N TYR D 205 -11.60 -5.94 38.65
CA TYR D 205 -11.37 -7.30 39.10
C TYR D 205 -10.96 -7.30 40.56
N THR D 206 -11.33 -8.36 41.27
CA THR D 206 -11.08 -8.46 42.70
C THR D 206 -10.55 -9.85 43.02
N GLY D 207 -9.66 -9.92 44.01
CA GLY D 207 -9.09 -11.19 44.44
C GLY D 207 -8.38 -11.02 45.77
N ARG D 208 -7.89 -12.14 46.29
CA ARG D 208 -7.22 -12.19 47.58
C ARG D 208 -5.85 -12.83 47.43
N ILE D 209 -4.89 -12.37 48.24
CA ILE D 209 -3.52 -12.87 48.17
C ILE D 209 -3.27 -13.95 49.21
N THR D 210 -3.72 -13.73 50.45
CA THR D 210 -3.58 -14.68 51.55
C THR D 210 -2.11 -15.00 51.82
N LEU D 211 -1.37 -13.97 52.19
CA LEU D 211 0.03 -14.15 52.58
C LEU D 211 0.10 -14.59 54.04
N ARG D 212 0.92 -15.61 54.29
CA ARG D 212 1.05 -16.19 55.63
C ARG D 212 2.36 -15.79 56.31
N ASN D 213 2.80 -14.56 56.09
CA ASN D 213 4.01 -14.07 56.76
C ASN D 213 3.94 -12.55 56.87
N GLU D 214 4.73 -12.01 57.80
CA GLU D 214 4.77 -10.57 58.03
C GLU D 214 6.13 -9.96 57.73
N HIS D 215 7.15 -10.76 57.45
CA HIS D 215 8.47 -10.22 57.14
C HIS D 215 8.50 -9.55 55.79
N ALA D 216 7.80 -10.11 54.80
CA ALA D 216 7.81 -9.62 53.43
C ALA D 216 6.57 -8.79 53.09
N LYS D 217 5.75 -8.46 54.09
CA LYS D 217 4.56 -7.64 53.83
C LYS D 217 4.95 -6.25 53.34
N LYS D 218 6.00 -5.66 53.93
CA LYS D 218 6.43 -4.33 53.53
C LYS D 218 6.90 -4.28 52.09
N LEU D 219 7.50 -5.36 51.59
CA LEU D 219 7.88 -5.44 50.19
C LEU D 219 6.72 -5.77 49.27
N LEU D 220 5.82 -6.66 49.69
CA LEU D 220 4.68 -7.01 48.85
C LEU D 220 3.74 -5.82 48.65
N LEU D 221 3.47 -5.07 49.71
CA LEU D 221 2.58 -3.91 49.59
C LEU D 221 3.19 -2.85 48.68
N ALA D 222 4.49 -2.59 48.79
CA ALA D 222 5.13 -1.61 47.93
C ALA D 222 5.19 -2.09 46.48
N SER D 223 5.36 -3.40 46.27
CA SER D 223 5.41 -3.93 44.91
C SER D 223 4.06 -3.87 44.20
N LEU D 224 2.96 -3.78 44.95
CA LEU D 224 1.64 -3.74 44.32
C LEU D 224 1.46 -2.47 43.51
N GLY D 225 1.99 -1.34 43.99
CA GLY D 225 1.80 -0.07 43.32
C GLY D 225 2.82 0.23 42.25
N PHE D 226 3.67 -0.74 41.92
CA PHE D 226 4.69 -0.56 40.89
C PHE D 226 4.36 -1.20 39.55
N VAL D 227 3.49 -2.19 39.51
CA VAL D 227 3.12 -2.82 38.25
C VAL D 227 2.17 -1.91 37.50
N ASP D 228 2.48 -1.64 36.23
CA ASP D 228 1.68 -0.74 35.41
C ASP D 228 1.05 -1.44 34.22
N LYS D 229 1.82 -2.23 33.47
CA LYS D 229 1.30 -2.90 32.28
C LYS D 229 0.97 -4.35 32.63
N LEU D 230 -0.32 -4.64 32.74
CA LEU D 230 -0.81 -5.99 32.96
C LEU D 230 -2.00 -6.25 32.04
N CYS D 231 -2.04 -7.43 31.44
CA CYS D 231 -3.12 -7.84 30.53
C CYS D 231 -3.20 -6.94 29.31
N GLY D 232 -2.09 -6.30 28.95
CA GLY D 232 -2.06 -5.44 27.79
C GLY D 232 -2.68 -4.07 27.97
N ALA D 233 -2.79 -3.60 29.20
CA ALA D 233 -3.39 -2.29 29.46
C ALA D 233 -2.86 -1.73 30.76
N LEU D 234 -2.93 -0.41 30.89
CA LEU D 234 -2.51 0.25 32.13
C LEU D 234 -3.51 -0.07 33.23
N CYS D 235 -3.01 -0.22 34.46
CA CYS D 235 -3.83 -0.58 35.60
C CYS D 235 -3.17 -0.17 36.90
N ARG D 236 -3.98 -0.15 37.96
CA ARG D 236 -3.51 0.10 39.32
C ARG D 236 -4.22 -0.87 40.25
N ILE D 237 -3.49 -1.44 41.19
CA ILE D 237 -4.05 -2.33 42.21
C ILE D 237 -3.78 -1.74 43.58
N GLU D 238 -4.82 -1.54 44.36
CA GLU D 238 -4.70 -1.06 45.73
C GLU D 238 -5.60 -1.89 46.62
N VAL D 239 -5.23 -1.97 47.90
CA VAL D 239 -5.95 -2.83 48.84
C VAL D 239 -7.19 -2.11 49.37
N ILE D 240 -8.09 -2.89 49.95
CA ILE D 240 -9.35 -2.38 50.50
C ILE D 240 -9.55 -2.95 51.89
N LYS D 241 -9.97 -2.08 52.81
CA LYS D 241 -10.23 -2.49 54.19
C LYS D 241 -11.59 -3.16 54.32
N SER D 266 -31.98 -6.18 20.17
CA SER D 266 -33.31 -6.05 19.59
C SER D 266 -33.26 -6.16 18.07
N GLU D 267 -33.36 -7.40 17.57
CA GLU D 267 -33.33 -7.66 16.14
C GLU D 267 -34.71 -7.65 15.50
N ASP D 268 -35.76 -7.44 16.29
CA ASP D 268 -37.10 -7.31 15.72
C ASP D 268 -37.22 -6.06 14.85
N HIS D 269 -36.62 -4.94 15.30
CA HIS D 269 -36.62 -3.74 14.48
C HIS D 269 -35.91 -3.97 13.15
N ASN D 270 -34.88 -4.81 13.15
CA ASN D 270 -34.23 -5.18 11.89
C ASN D 270 -35.22 -5.88 10.97
N ASP D 271 -36.03 -6.79 11.53
CA ASP D 271 -37.03 -7.48 10.70
C ASP D 271 -38.06 -6.51 10.14
N GLU D 272 -38.57 -5.60 10.98
CA GLU D 272 -39.57 -4.65 10.50
C GLU D 272 -39.00 -3.74 9.42
N LEU D 273 -37.77 -3.24 9.63
CA LEU D 273 -37.13 -2.44 8.60
C LEU D 273 -36.89 -3.24 7.33
N ARG D 274 -36.64 -4.54 7.46
CA ARG D 274 -36.49 -5.38 6.27
C ARG D 274 -37.79 -5.49 5.49
N LYS D 275 -38.92 -5.68 6.19
CA LYS D 275 -40.20 -5.73 5.47
C LYS D 275 -40.51 -4.40 4.79
N GLN D 276 -40.25 -3.29 5.48
CA GLN D 276 -40.51 -1.99 4.87
C GLN D 276 -39.58 -1.71 3.69
N ALA D 277 -38.31 -2.12 3.79
CA ALA D 277 -37.42 -2.02 2.64
C ALA D 277 -37.90 -2.89 1.49
N GLU D 278 -38.46 -4.06 1.79
CA GLU D 278 -39.00 -4.92 0.74
C GLU D 278 -40.18 -4.26 0.03
N VAL D 279 -41.09 -3.64 0.79
CA VAL D 279 -42.22 -2.98 0.13
C VAL D 279 -41.75 -1.77 -0.66
N ILE D 280 -40.73 -1.04 -0.16
CA ILE D 280 -40.17 0.07 -0.91
C ILE D 280 -39.54 -0.44 -2.21
N VAL D 281 -38.84 -1.56 -2.15
CA VAL D 281 -38.24 -2.16 -3.33
C VAL D 281 -39.30 -2.55 -4.34
N GLU D 282 -40.40 -3.17 -3.89
CA GLU D 282 -41.47 -3.55 -4.80
C GLU D 282 -42.11 -2.32 -5.45
N ALA D 283 -42.35 -1.27 -4.66
CA ALA D 283 -42.94 -0.06 -5.22
C ALA D 283 -42.01 0.60 -6.24
N PHE D 284 -40.70 0.64 -5.95
CA PHE D 284 -39.75 1.18 -6.92
C PHE D 284 -39.69 0.33 -8.19
N LYS D 285 -39.73 -0.99 -8.04
CA LYS D 285 -39.68 -1.88 -9.21
C LYS D 285 -40.94 -1.77 -10.06
N GLN D 286 -42.10 -1.49 -9.46
CA GLN D 286 -43.32 -1.39 -10.24
C GLN D 286 -43.28 -0.22 -11.22
N ASN D 287 -42.43 0.76 -10.97
CA ASN D 287 -42.30 1.93 -11.84
C ASN D 287 -41.09 1.83 -12.77
N ASP D 288 -40.47 0.67 -12.87
CA ASP D 288 -39.31 0.45 -13.75
C ASP D 288 -38.17 1.41 -13.41
N LYS D 289 -37.96 1.63 -12.12
CA LYS D 289 -36.90 2.50 -11.62
C LYS D 289 -36.12 1.78 -10.53
N LEU D 290 -35.77 0.52 -10.79
CA LEU D 290 -35.10 -0.30 -9.78
C LEU D 290 -33.70 0.21 -9.48
N GLU D 291 -32.97 0.66 -10.50
CA GLU D 291 -31.57 1.05 -10.32
C GLU D 291 -31.41 2.31 -9.47
N LYS D 292 -32.48 3.06 -9.22
CA LYS D 292 -32.35 4.29 -8.45
C LYS D 292 -32.28 4.01 -6.95
N ILE D 293 -32.58 2.79 -6.52
CA ILE D 293 -32.62 2.52 -5.08
C ILE D 293 -31.21 2.43 -4.50
N ARG D 294 -30.19 2.17 -5.32
CA ARG D 294 -28.82 2.27 -4.83
C ARG D 294 -28.50 3.70 -4.40
N ILE D 295 -28.84 4.67 -5.25
CA ILE D 295 -28.67 6.07 -4.90
C ILE D 295 -29.57 6.44 -3.74
N LEU D 296 -30.76 5.86 -3.66
CA LEU D 296 -31.65 6.12 -2.53
C LEU D 296 -31.03 5.66 -1.21
N ALA D 297 -30.43 4.46 -1.21
CA ALA D 297 -29.77 3.96 -0.02
C ALA D 297 -28.56 4.81 0.34
N ASP D 298 -27.80 5.25 -0.67
CA ASP D 298 -26.67 6.13 -0.39
C ASP D 298 -27.14 7.45 0.21
N ALA D 299 -28.24 8.01 -0.28
CA ALA D 299 -28.79 9.23 0.30
C ALA D 299 -29.28 9.00 1.72
N ILE D 300 -29.88 7.84 1.97
CA ILE D 300 -30.31 7.51 3.33
C ILE D 300 -29.12 7.45 4.27
N ARG D 301 -28.02 6.83 3.82
CA ARG D 301 -26.79 6.82 4.61
C ARG D 301 -26.26 8.23 4.83
N THR D 302 -26.32 9.08 3.81
CA THR D 302 -25.85 10.46 3.92
C THR D 302 -26.67 11.26 4.92
N LEU D 303 -27.99 11.06 4.97
CA LEU D 303 -28.87 11.74 5.91
C LEU D 303 -28.48 11.52 7.36
N ARG D 304 -27.57 10.60 7.66
CA ARG D 304 -27.14 10.38 9.04
C ARG D 304 -26.40 11.59 9.61
N LEU D 305 -25.81 12.42 8.75
CA LEU D 305 -25.13 13.61 9.24
C LEU D 305 -26.10 14.69 9.69
N HIS D 306 -27.19 14.89 8.96
CA HIS D 306 -28.22 15.84 9.38
C HIS D 306 -29.05 15.26 10.53
N GLY D 307 -29.64 16.16 11.29
CA GLY D 307 -30.47 15.76 12.41
C GLY D 307 -31.84 15.30 11.97
N GLU D 308 -32.68 14.99 12.96
CA GLU D 308 -34.04 14.56 12.68
C GLU D 308 -34.89 15.68 12.10
N GLY D 309 -34.44 16.93 12.19
CA GLY D 309 -35.17 18.04 11.59
C GLY D 309 -35.26 17.96 10.09
N VAL D 310 -34.33 17.28 9.43
CA VAL D 310 -34.39 17.11 7.98
C VAL D 310 -35.60 16.29 7.56
N ILE D 311 -36.18 15.51 8.48
CA ILE D 311 -37.38 14.75 8.20
C ILE D 311 -38.59 15.20 9.00
N GLU D 312 -38.39 16.00 10.04
CA GLU D 312 -39.49 16.48 10.87
C GLU D 312 -40.21 17.66 10.24
N LYS D 313 -39.48 18.74 9.94
CA LYS D 313 -40.06 19.94 9.37
C LYS D 313 -40.00 19.98 7.85
N ASP D 314 -39.78 18.83 7.21
CA ASP D 314 -39.80 18.68 5.76
C ASP D 314 -38.79 19.62 5.09
N GLU D 315 -37.52 19.36 5.38
CA GLU D 315 -36.41 20.10 4.82
C GLU D 315 -35.78 19.39 3.62
N LEU D 316 -36.34 18.26 3.19
CA LEU D 316 -35.82 17.55 2.04
C LEU D 316 -36.03 18.38 0.78
N PRO D 317 -35.13 18.27 -0.20
CA PRO D 317 -35.27 19.04 -1.45
C PRO D 317 -36.61 18.73 -2.13
N ASP D 318 -37.26 19.80 -2.61
CA ASP D 318 -38.52 19.66 -3.33
C ASP D 318 -38.28 19.72 -4.84
N GLY D 319 -39.33 19.44 -5.59
CA GLY D 319 -39.26 19.46 -7.03
C GLY D 319 -39.29 20.87 -7.59
N LYS D 320 -39.24 20.95 -8.92
CA LYS D 320 -39.26 22.22 -9.60
C LYS D 320 -40.62 22.90 -9.44
N GLU D 321 -40.60 24.23 -9.43
CA GLU D 321 -41.83 25.00 -9.25
C GLU D 321 -42.77 24.78 -10.42
N GLU D 322 -44.07 24.68 -10.11
CA GLU D 322 -45.15 24.51 -11.07
C GLU D 322 -45.06 23.22 -11.86
N ARG D 323 -44.31 22.23 -11.37
CA ARG D 323 -44.22 20.95 -12.05
C ARG D 323 -45.21 19.96 -11.44
N ASP D 324 -45.76 19.08 -12.29
CA ASP D 324 -46.73 18.10 -11.83
C ASP D 324 -46.09 17.13 -10.85
N LYS D 325 -45.07 16.41 -11.28
CA LYS D 325 -44.30 15.56 -10.38
C LYS D 325 -43.19 16.36 -9.71
N GLY D 326 -42.89 15.99 -8.47
CA GLY D 326 -41.86 16.69 -7.72
C GLY D 326 -40.48 16.14 -7.96
N HIS D 327 -39.77 15.80 -6.88
CA HIS D 327 -38.45 15.21 -7.00
C HIS D 327 -38.51 13.86 -7.68
N HIS D 328 -37.49 13.57 -8.48
CA HIS D 328 -37.40 12.29 -9.18
C HIS D 328 -37.10 11.13 -8.24
N LEU D 329 -36.74 11.41 -6.99
CA LEU D 329 -36.43 10.37 -6.01
C LEU D 329 -37.31 10.44 -4.76
N TRP D 330 -37.60 11.64 -4.26
CA TRP D 330 -38.34 11.82 -3.02
C TRP D 330 -39.84 11.96 -3.25
N ASP D 331 -40.31 11.98 -4.50
CA ASP D 331 -41.73 12.09 -4.79
C ASP D 331 -42.21 10.91 -5.63
N ILE D 332 -41.72 9.71 -5.32
CA ILE D 332 -42.16 8.49 -5.97
C ILE D 332 -43.22 7.83 -5.10
N LYS D 333 -44.40 7.61 -5.67
CA LYS D 333 -45.53 7.07 -4.92
C LYS D 333 -45.25 5.63 -4.52
N VAL D 334 -45.05 5.39 -3.24
CA VAL D 334 -44.84 4.06 -2.69
C VAL D 334 -46.11 3.66 -1.95
N GLN D 335 -46.80 2.65 -2.47
CA GLN D 335 -48.10 2.23 -1.95
C GLN D 335 -49.07 3.41 -1.90
N GLY D 336 -49.06 4.22 -2.95
CA GLY D 336 -49.92 5.39 -3.03
C GLY D 336 -49.37 6.67 -2.46
N THR D 337 -48.80 6.61 -1.26
CA THR D 337 -48.27 7.79 -0.60
C THR D 337 -46.85 8.08 -1.06
N ALA D 338 -46.42 9.32 -0.84
CA ALA D 338 -45.10 9.76 -1.26
C ALA D 338 -44.02 9.13 -0.39
N LEU D 339 -42.78 9.18 -0.89
CA LEU D 339 -41.66 8.57 -0.17
C LEU D 339 -41.34 9.32 1.11
N ARG D 340 -41.45 10.66 1.10
CA ARG D 340 -41.17 11.43 2.31
C ARG D 340 -42.14 11.07 3.44
N THR D 341 -43.43 10.93 3.12
CA THR D 341 -44.39 10.55 4.15
C THR D 341 -44.12 9.15 4.70
N LYS D 342 -43.75 8.22 3.83
CA LYS D 342 -43.42 6.87 4.28
C LYS D 342 -42.20 6.88 5.17
N LEU D 343 -41.18 7.67 4.81
CA LEU D 343 -40.01 7.81 5.68
C LEU D 343 -40.38 8.44 7.02
N LYS D 344 -41.29 9.41 7.01
CA LYS D 344 -41.74 10.03 8.25
C LYS D 344 -42.41 9.01 9.15
N GLU D 345 -43.32 8.21 8.60
CA GLU D 345 -43.99 7.19 9.40
C GLU D 345 -43.01 6.13 9.88
N LEU D 346 -42.03 5.76 9.05
CA LEU D 346 -41.01 4.81 9.47
C LEU D 346 -40.19 5.34 10.63
N TRP D 347 -39.78 6.61 10.58
CA TRP D 347 -39.03 7.20 11.69
C TRP D 347 -39.88 7.29 12.94
N GLN D 348 -41.16 7.67 12.80
CA GLN D 348 -42.04 7.75 13.95
C GLN D 348 -42.30 6.38 14.59
N SER D 349 -42.33 5.31 13.78
CA SER D 349 -42.54 3.98 14.33
C SER D 349 -41.28 3.44 15.02
N ASN D 350 -40.10 3.88 14.60
CA ASN D 350 -38.85 3.39 15.16
C ASN D 350 -38.06 4.52 15.81
N LYS D 351 -38.73 5.37 16.59
CA LYS D 351 -38.05 6.49 17.24
C LYS D 351 -37.15 6.05 18.37
N ASP D 352 -37.42 4.90 19.00
CA ASP D 352 -36.69 4.49 20.19
C ASP D 352 -35.23 4.16 19.90
N ILE D 353 -34.94 3.53 18.74
CA ILE D 353 -33.60 3.03 18.46
C ILE D 353 -32.62 4.13 18.08
N GLY D 354 -33.08 5.36 17.90
CA GLY D 354 -32.22 6.46 17.55
C GLY D 354 -32.23 6.77 16.06
N TRP D 355 -31.62 7.91 15.72
CA TRP D 355 -31.63 8.39 14.34
C TRP D 355 -30.48 7.80 13.52
N ARG D 356 -29.26 7.81 14.09
CA ARG D 356 -28.10 7.27 13.37
C ARG D 356 -28.28 5.79 13.08
N LYS D 357 -28.69 5.01 14.09
CA LYS D 357 -28.90 3.58 13.90
C LYS D 357 -30.02 3.31 12.91
N PHE D 358 -31.12 4.07 12.98
CA PHE D 358 -32.21 3.90 12.04
C PHE D 358 -31.75 4.15 10.61
N THR D 359 -31.02 5.25 10.38
CA THR D 359 -30.55 5.57 9.04
C THR D 359 -29.59 4.50 8.53
N GLU D 360 -28.64 4.08 9.36
CA GLU D 360 -27.69 3.07 8.92
C GLU D 360 -28.38 1.74 8.61
N MET D 361 -29.31 1.32 9.46
CA MET D 361 -30.02 0.07 9.23
C MET D 361 -30.88 0.15 7.98
N LEU D 362 -31.56 1.28 7.75
CA LEU D 362 -32.38 1.41 6.55
C LEU D 362 -31.51 1.36 5.30
N GLY D 363 -30.37 2.07 5.30
CA GLY D 363 -29.48 2.02 4.17
C GLY D 363 -28.94 0.63 3.90
N SER D 364 -28.48 -0.06 4.95
CA SER D 364 -27.95 -1.41 4.78
C SER D 364 -29.01 -2.37 4.28
N ASN D 365 -30.23 -2.30 4.83
CA ASN D 365 -31.29 -3.18 4.38
C ASN D 365 -31.66 -2.91 2.92
N LEU D 366 -31.76 -1.64 2.55
CA LEU D 366 -32.07 -1.31 1.16
C LEU D 366 -30.98 -1.84 0.22
N TYR D 367 -29.71 -1.67 0.60
CA TYR D 367 -28.63 -2.15 -0.24
C TYR D 367 -28.66 -3.67 -0.37
N LEU D 368 -28.90 -4.39 0.74
CA LEU D 368 -28.96 -5.85 0.68
C LEU D 368 -30.12 -6.33 -0.19
N ILE D 369 -31.30 -5.71 -0.04
CA ILE D 369 -32.44 -6.16 -0.84
C ILE D 369 -32.22 -5.84 -2.32
N TYR D 370 -31.62 -4.68 -2.62
CA TYR D 370 -31.32 -4.35 -4.01
C TYR D 370 -30.32 -5.34 -4.60
N LYS D 371 -29.28 -5.70 -3.85
CA LYS D 371 -28.32 -6.68 -4.33
C LYS D 371 -28.96 -8.05 -4.54
N LYS D 372 -29.83 -8.46 -3.62
CA LYS D 372 -30.51 -9.74 -3.77
C LYS D 372 -31.41 -9.75 -5.00
N GLU D 373 -32.12 -8.65 -5.24
CA GLU D 373 -32.96 -8.56 -6.44
C GLU D 373 -32.12 -8.52 -7.71
N THR D 374 -30.93 -7.91 -7.67
CA THR D 374 -30.08 -7.86 -8.84
C THR D 374 -29.60 -9.26 -9.24
N GLY D 375 -29.16 -10.05 -8.26
CA GLY D 375 -28.72 -11.40 -8.53
C GLY D 375 -27.32 -11.72 -8.06
N GLY D 376 -26.80 -10.92 -7.13
CA GLY D 376 -25.46 -11.16 -6.61
C GLY D 376 -25.30 -10.55 -5.25
N VAL D 377 -24.33 -11.08 -4.51
CA VAL D 377 -24.09 -10.64 -3.13
C VAL D 377 -22.63 -10.20 -2.98
N SER D 378 -21.86 -10.32 -4.06
CA SER D 378 -20.46 -9.85 -4.11
C SER D 378 -19.62 -10.53 -3.01
N THR D 379 -19.47 -11.84 -3.17
CA THR D 379 -18.83 -12.66 -2.14
C THR D 379 -17.39 -12.22 -1.89
N ARG D 380 -16.63 -11.91 -2.95
CA ARG D 380 -15.28 -11.36 -2.83
C ARG D 380 -14.36 -12.31 -2.05
N PHE D 381 -14.15 -13.47 -2.63
CA PHE D 381 -13.24 -14.47 -2.07
C PHE D 381 -11.80 -14.17 -2.45
N ARG D 382 -10.87 -14.64 -1.63
CA ARG D 382 -9.45 -14.37 -1.80
C ARG D 382 -8.70 -15.64 -2.17
N ILE D 383 -7.69 -15.49 -3.03
CA ILE D 383 -6.90 -16.62 -3.52
C ILE D 383 -5.45 -16.41 -3.11
N LEU D 384 -4.86 -17.43 -2.48
CA LEU D 384 -3.43 -17.49 -2.20
C LEU D 384 -2.95 -16.24 -1.45
N GLY D 385 -3.70 -15.86 -0.43
CA GLY D 385 -3.35 -14.72 0.41
C GLY D 385 -4.03 -14.81 1.74
N ASP D 386 -4.24 -13.66 2.38
CA ASP D 386 -4.89 -13.59 3.70
C ASP D 386 -4.12 -14.43 4.72
N THR D 387 -2.82 -14.22 4.79
CA THR D 387 -1.95 -15.00 5.69
C THR D 387 -2.17 -14.55 7.13
N GLU D 388 -2.48 -15.50 7.99
CA GLU D 388 -2.68 -15.26 9.43
C GLU D 388 -1.60 -16.02 10.17
N TYR D 389 -0.47 -15.35 10.41
CA TYR D 389 0.72 -15.98 10.98
C TYR D 389 0.84 -15.59 12.44
N TYR D 390 0.93 -16.59 13.31
CA TYR D 390 1.16 -16.38 14.74
C TYR D 390 2.58 -16.84 15.09
N SER D 391 3.15 -16.20 16.10
CA SER D 391 4.53 -16.50 16.50
C SER D 391 4.62 -17.91 17.05
N LYS D 392 5.30 -18.79 16.31
CA LYS D 392 5.50 -20.17 16.74
C LYS D 392 6.97 -20.47 16.94
N ASP D 395 7.47 -22.98 18.82
CA ASP D 395 8.82 -23.51 18.65
C ASP D 395 9.73 -23.06 19.79
N SER D 396 9.30 -23.34 21.02
CA SER D 396 10.07 -22.97 22.21
C SER D 396 10.19 -24.16 23.17
N GLU D 397 10.29 -25.38 22.63
CA GLU D 397 10.38 -26.56 23.47
C GLU D 397 11.76 -26.70 24.11
N GLY D 398 12.81 -26.22 23.45
CA GLY D 398 14.16 -26.33 23.95
C GLY D 398 14.91 -25.01 23.88
N SER D 399 16.21 -25.09 24.12
CA SER D 399 17.14 -23.96 24.09
C SER D 399 16.67 -22.87 25.06
N ASP D 400 16.63 -23.24 26.34
CA ASP D 400 16.27 -22.32 27.41
C ASP D 400 17.54 -21.76 28.05
N LEU D 401 17.56 -20.44 28.25
CA LEU D 401 18.72 -19.76 28.79
C LEU D 401 18.28 -18.78 29.88
N PHE D 402 19.23 -18.43 30.74
CA PHE D 402 19.00 -17.47 31.82
C PHE D 402 20.12 -16.44 31.76
N ILE D 403 19.82 -15.27 31.23
CA ILE D 403 20.81 -14.22 31.00
C ILE D 403 20.65 -13.17 32.09
N PRO D 404 21.61 -13.08 33.02
CA PRO D 404 21.56 -12.03 34.03
C PRO D 404 22.16 -10.73 33.53
N VAL D 405 21.55 -9.62 33.97
CA VAL D 405 22.03 -8.28 33.68
C VAL D 405 22.27 -7.57 35.00
N THR D 406 23.50 -7.12 35.22
CA THR D 406 23.87 -6.47 36.47
C THR D 406 24.27 -5.03 36.20
N PRO D 407 23.39 -4.05 36.43
CA PRO D 407 23.78 -2.65 36.26
C PRO D 407 24.79 -2.25 37.31
N PRO D 408 25.64 -1.26 37.02
CA PRO D 408 26.64 -0.82 38.00
C PRO D 408 26.01 -0.12 39.19
N GLU D 409 26.82 0.22 40.18
CA GLU D 409 26.38 0.89 41.39
C GLU D 409 26.29 2.39 41.23
N GLY D 410 26.42 2.90 40.00
CA GLY D 410 26.53 4.30 39.69
C GLY D 410 25.22 4.85 39.18
N ILE D 411 25.09 4.94 37.84
CA ILE D 411 24.03 5.65 37.15
C ILE D 411 22.65 5.38 37.74
N GLU D 412 21.85 6.44 37.88
CA GLU D 412 20.51 6.37 38.43
C GLU D 412 19.50 6.02 37.34
N THR D 413 18.29 5.68 37.77
CA THR D 413 17.18 5.37 36.86
C THR D 413 16.06 6.36 37.13
N LYS D 414 15.60 7.03 36.07
CA LYS D 414 14.58 8.06 36.19
C LYS D 414 13.50 7.83 35.14
N GLU D 415 12.28 8.26 35.48
CA GLU D 415 11.11 8.08 34.63
C GLU D 415 10.65 9.43 34.09
N TRP D 416 10.41 9.48 32.79
CA TRP D 416 9.95 10.69 32.12
C TRP D 416 8.54 10.48 31.60
N ILE D 417 7.66 11.45 31.82
CA ILE D 417 6.29 11.43 31.32
C ILE D 417 6.10 12.60 30.38
N ILE D 418 5.52 12.33 29.21
CA ILE D 418 5.29 13.34 28.18
C ILE D 418 3.80 13.42 27.92
N VAL D 419 3.22 14.60 28.07
CA VAL D 419 1.79 14.83 27.89
C VAL D 419 1.60 15.88 26.81
N GLY D 420 0.58 15.68 25.98
CA GLY D 420 0.31 16.62 24.90
C GLY D 420 -0.98 16.26 24.20
N ARG D 421 -1.26 17.02 23.14
CA ARG D 421 -2.47 16.83 22.35
C ARG D 421 -2.10 16.64 20.88
N LEU D 422 -2.79 15.71 20.23
CA LEU D 422 -2.58 15.41 18.82
C LEU D 422 -3.70 16.02 18.00
N LYS D 423 -3.34 16.84 17.01
CA LYS D 423 -4.28 17.47 16.12
C LYS D 423 -4.10 16.93 14.71
N ALA D 424 -5.22 16.76 14.00
CA ALA D 424 -5.23 16.23 12.65
C ALA D 424 -5.29 17.40 11.67
N ALA D 425 -4.19 17.63 10.96
CA ALA D 425 -4.16 18.65 9.92
C ALA D 425 -4.84 18.21 8.63
N THR D 426 -5.11 16.93 8.48
CA THR D 426 -5.77 16.35 7.32
C THR D 426 -6.80 15.33 7.78
N PRO D 427 -7.80 15.04 6.97
CA PRO D 427 -8.77 13.98 7.33
C PRO D 427 -8.07 12.65 7.53
N PHE D 428 -8.15 12.12 8.74
CA PHE D 428 -7.48 10.89 9.11
C PHE D 428 -8.32 9.67 8.74
N TYR D 429 -7.68 8.50 8.83
CA TYR D 429 -8.36 7.25 8.50
C TYR D 429 -7.65 6.11 9.23
N PHE D 430 -8.40 5.36 10.03
CA PHE D 430 -7.91 4.14 10.68
C PHE D 430 -8.81 2.99 10.25
N GLY D 431 -8.28 2.10 9.41
CA GLY D 431 -9.08 1.06 8.80
C GLY D 431 -9.38 -0.09 9.74
N VAL D 432 -10.63 -0.56 9.68
CA VAL D 432 -11.08 -1.74 10.41
C VAL D 432 -11.90 -2.60 9.46
N GLN D 433 -12.04 -3.87 9.83
CA GLN D 433 -12.82 -4.80 9.01
C GLN D 433 -14.31 -4.51 9.16
N GLN D 434 -15.12 -5.18 8.33
CA GLN D 434 -16.56 -4.96 8.35
C GLN D 434 -17.15 -5.44 9.67
N PRO D 435 -18.26 -4.82 10.13
CA PRO D 435 -18.90 -5.22 11.39
C PRO D 435 -19.72 -6.51 11.26
N SER D 436 -19.18 -7.49 10.56
CA SER D 436 -19.78 -8.81 10.47
C SER D 436 -18.73 -9.86 10.82
N ASP D 437 -17.47 -9.57 10.52
CA ASP D 437 -16.34 -10.39 10.95
C ASP D 437 -15.77 -9.96 12.28
N SER D 438 -16.23 -8.83 12.83
CA SER D 438 -15.77 -8.32 14.12
C SER D 438 -16.51 -8.93 15.29
N ILE D 439 -17.47 -9.83 15.03
CA ILE D 439 -18.22 -10.45 16.11
C ILE D 439 -17.28 -11.31 16.96
N PRO D 440 -17.34 -11.22 18.28
CA PRO D 440 -16.41 -11.98 19.14
C PRO D 440 -16.41 -13.48 18.90
N GLY D 441 -17.58 -14.12 19.09
CA GLY D 441 -17.61 -15.57 19.20
C GLY D 441 -17.47 -16.33 17.91
N LYS D 442 -17.84 -15.72 16.79
CA LYS D 442 -17.85 -16.40 15.49
C LYS D 442 -17.05 -15.60 14.47
N GLU D 443 -15.83 -15.21 14.85
CA GLU D 443 -14.98 -14.42 13.94
C GLU D 443 -14.58 -15.22 12.72
N LYS D 444 -14.44 -16.54 12.84
CA LYS D 444 -14.02 -17.38 11.73
C LYS D 444 -14.46 -18.81 12.00
N LYS D 445 -15.17 -19.41 11.04
CA LYS D 445 -15.64 -20.79 11.20
C LYS D 445 -14.62 -21.79 10.66
N SER D 446 -14.28 -21.68 9.38
CA SER D 446 -13.32 -22.59 8.75
C SER D 446 -12.84 -21.95 7.46
N GLU D 447 -11.89 -22.61 6.80
CA GLU D 447 -11.38 -22.12 5.53
C GLU D 447 -12.42 -22.31 4.44
N ASP D 448 -12.29 -21.49 3.39
CA ASP D 448 -13.27 -21.40 2.31
C ASP D 448 -14.63 -21.01 2.91
N SER D 449 -14.66 -19.78 3.43
CA SER D 449 -15.86 -19.19 4.01
C SER D 449 -16.11 -17.86 3.32
N LEU D 450 -16.96 -17.88 2.29
CA LEU D 450 -17.22 -16.69 1.52
C LEU D 450 -17.86 -15.61 2.39
N VAL D 451 -17.36 -14.39 2.26
CA VAL D 451 -17.81 -13.27 3.05
C VAL D 451 -18.84 -12.48 2.27
N ILE D 452 -19.60 -11.63 2.97
CA ILE D 452 -20.62 -10.79 2.37
C ILE D 452 -20.18 -9.35 2.51
N ASN D 453 -20.09 -8.64 1.38
CA ASN D 453 -19.74 -7.22 1.42
C ASN D 453 -20.89 -6.40 1.97
N GLU D 454 -20.58 -5.53 2.92
CA GLU D 454 -21.59 -4.69 3.54
C GLU D 454 -21.86 -3.47 2.67
N HIS D 455 -22.63 -2.52 3.19
CA HIS D 455 -22.95 -1.31 2.43
C HIS D 455 -21.70 -0.49 2.13
N THR D 456 -20.80 -0.37 3.10
CA THR D 456 -19.58 0.41 2.97
C THR D 456 -18.37 -0.51 2.89
N SER D 457 -17.55 -0.30 1.86
CA SER D 457 -16.36 -1.14 1.67
C SER D 457 -15.29 -0.81 2.71
N PHE D 458 -15.07 0.47 2.99
CA PHE D 458 -14.05 0.90 3.93
C PHE D 458 -14.71 1.54 5.15
N ASN D 459 -14.31 1.08 6.33
CA ASN D 459 -14.87 1.55 7.58
C ASN D 459 -13.81 2.24 8.42
N ILE D 460 -14.27 2.95 9.45
CA ILE D 460 -13.38 3.67 10.36
C ILE D 460 -13.54 3.10 11.76
N LEU D 461 -12.54 3.34 12.60
CA LEU D 461 -12.51 2.83 13.96
C LEU D 461 -13.27 3.75 14.88
N LEU D 462 -14.22 3.19 15.64
CA LEU D 462 -15.03 3.95 16.58
C LEU D 462 -15.14 3.17 17.88
N ASP D 463 -15.41 3.89 18.96
CA ASP D 463 -15.63 3.27 20.26
C ASP D 463 -17.09 2.82 20.37
N LYS D 464 -17.47 2.27 21.53
CA LYS D 464 -18.85 1.89 21.77
C LYS D 464 -19.77 3.09 21.89
N GLU D 465 -19.23 4.27 22.20
CA GLU D 465 -19.98 5.51 22.21
C GLU D 465 -19.86 6.29 20.90
N ASN D 466 -19.41 5.62 19.83
CA ASN D 466 -19.26 6.22 18.51
C ASN D 466 -18.31 7.41 18.55
N ARG D 467 -17.18 7.25 19.24
CA ARG D 467 -16.15 8.26 19.32
C ARG D 467 -14.89 7.79 18.61
N TYR D 468 -14.22 8.73 17.95
CA TYR D 468 -13.00 8.41 17.21
C TYR D 468 -11.90 7.97 18.15
N ARG D 469 -11.11 6.99 17.70
CA ARG D 469 -10.05 6.40 18.52
C ARG D 469 -8.79 6.29 17.70
N ILE D 470 -7.65 6.61 18.33
CA ILE D 470 -6.33 6.32 17.78
C ILE D 470 -5.77 5.13 18.54
N PRO D 471 -5.74 3.93 17.97
CA PRO D 471 -5.32 2.76 18.73
C PRO D 471 -3.84 2.82 19.13
N ARG D 472 -3.54 2.16 20.24
CA ARG D 472 -2.17 2.10 20.72
C ARG D 472 -1.26 1.39 19.73
N SER D 473 -1.79 0.38 19.02
CA SER D 473 -0.97 -0.34 18.06
C SER D 473 -0.48 0.55 16.92
N ALA D 474 -1.37 1.37 16.37
CA ALA D 474 -0.97 2.25 15.26
C ALA D 474 0.04 3.30 15.71
N LEU D 475 -0.20 3.91 16.88
CA LEU D 475 0.74 4.90 17.40
C LEU D 475 2.09 4.28 17.69
N ARG D 476 2.10 3.07 18.28
CA ARG D 476 3.35 2.40 18.58
C ARG D 476 4.09 2.02 17.31
N GLY D 477 3.37 1.58 16.27
CA GLY D 477 4.02 1.28 15.00
C GLY D 477 4.61 2.51 14.34
N ALA D 478 3.87 3.63 14.38
CA ALA D 478 4.41 4.87 13.83
C ALA D 478 5.64 5.32 14.59
N LEU D 479 5.62 5.21 15.92
CA LEU D 479 6.79 5.57 16.71
C LEU D 479 7.96 4.65 16.40
N ARG D 480 7.70 3.36 16.22
CA ARG D 480 8.76 2.40 15.87
C ARG D 480 9.39 2.75 14.54
N ARG D 481 8.57 3.06 13.54
CA ARG D 481 9.09 3.41 12.23
C ARG D 481 9.88 4.71 12.28
N ASP D 482 9.37 5.72 12.99
CA ASP D 482 10.09 6.98 13.11
C ASP D 482 11.42 6.82 13.85
N LEU D 483 11.44 6.01 14.91
CA LEU D 483 12.68 5.75 15.62
C LEU D 483 13.68 4.98 14.76
N ARG D 484 13.19 4.02 13.97
CA ARG D 484 14.06 3.30 13.05
C ARG D 484 14.67 4.24 12.03
N THR D 485 13.87 5.18 11.50
CA THR D 485 14.41 6.17 10.57
C THR D 485 15.41 7.09 11.25
N ALA D 486 15.12 7.55 12.46
CA ALA D 486 16.01 8.48 13.15
C ALA D 486 17.35 7.82 13.48
N PHE D 487 17.32 6.57 13.96
CA PHE D 487 18.56 5.86 14.26
C PHE D 487 19.38 5.60 13.02
N GLY D 488 18.73 5.48 11.85
CA GLY D 488 19.40 5.17 10.62
C GLY D 488 19.59 3.69 10.36
N SER D 489 19.26 2.84 11.33
CA SER D 489 19.37 1.39 11.17
C SER D 489 18.39 0.73 12.13
N GLY D 490 17.94 -0.46 11.75
CA GLY D 490 16.99 -1.19 12.58
C GLY D 490 16.74 -2.56 12.02
N CYS D 491 15.89 -3.31 12.71
CA CYS D 491 15.55 -4.67 12.34
C CYS D 491 14.06 -4.81 12.07
N ASN D 492 13.72 -5.74 11.21
CA ASN D 492 12.33 -6.17 11.08
C ASN D 492 11.96 -7.04 12.28
N VAL D 493 10.76 -6.80 12.81
CA VAL D 493 10.32 -7.46 14.04
C VAL D 493 10.24 -8.95 13.81
N SER D 494 10.98 -9.72 14.63
CA SER D 494 10.96 -11.17 14.53
C SER D 494 10.05 -11.75 15.60
N LEU D 495 9.16 -12.66 15.19
CA LEU D 495 8.16 -13.22 16.07
C LEU D 495 8.54 -14.64 16.46
N GLY D 496 8.53 -14.92 17.76
CA GLY D 496 8.92 -16.23 18.25
C GLY D 496 10.41 -16.40 18.45
N GLY D 497 11.16 -15.30 18.53
CA GLY D 497 12.58 -15.40 18.77
C GLY D 497 12.91 -15.92 20.14
N GLN D 498 13.92 -16.80 20.19
CA GLN D 498 14.36 -17.39 21.44
C GLN D 498 15.08 -16.41 22.36
N ILE D 499 15.87 -15.49 21.79
CA ILE D 499 16.63 -14.52 22.55
C ILE D 499 16.17 -13.12 22.18
N LEU D 500 16.13 -12.23 23.18
CA LEU D 500 15.66 -10.88 22.97
C LEU D 500 16.54 -10.14 21.96
N CYS D 501 15.92 -9.31 21.14
CA CYS D 501 16.67 -8.46 20.22
C CYS D 501 17.52 -7.47 21.00
N ASN D 502 18.75 -7.24 20.50
CA ASN D 502 19.67 -6.31 21.13
C ASN D 502 19.99 -5.13 20.22
N CYS D 503 19.16 -4.90 19.21
CA CYS D 503 19.34 -3.73 18.37
C CYS D 503 18.82 -2.48 19.09
N LYS D 504 19.24 -1.32 18.59
CA LYS D 504 18.92 -0.06 19.26
C LYS D 504 17.42 0.21 19.27
N VAL D 505 16.74 -0.06 18.15
CA VAL D 505 15.31 0.26 18.07
C VAL D 505 14.51 -0.55 19.09
N CYS D 506 14.76 -1.86 19.16
CA CYS D 506 14.06 -2.69 20.13
C CYS D 506 14.41 -2.31 21.56
N ILE D 507 15.68 -1.98 21.82
CA ILE D 507 16.10 -1.58 23.17
C ILE D 507 15.36 -0.32 23.60
N GLU D 508 15.26 0.67 22.72
CA GLU D 508 14.54 1.89 23.06
C GLU D 508 13.03 1.70 23.12
N MET D 509 12.48 0.80 22.31
CA MET D 509 11.04 0.57 22.32
C MET D 509 10.58 -0.26 23.51
N ARG D 510 11.47 -1.06 24.10
CA ARG D 510 11.11 -1.82 25.29
C ARG D 510 10.93 -0.95 26.52
N ARG D 511 11.34 0.32 26.46
CA ARG D 511 11.22 1.24 27.58
C ARG D 511 10.14 2.30 27.38
N ILE D 512 9.31 2.16 26.34
CA ILE D 512 8.32 3.18 25.99
C ILE D 512 6.93 2.61 26.24
N THR D 513 6.13 3.34 27.01
CA THR D 513 4.75 2.99 27.28
C THR D 513 3.83 4.08 26.74
N LEU D 514 2.81 3.66 25.98
CA LEU D 514 1.88 4.58 25.35
C LEU D 514 0.48 4.34 25.91
N LYS D 515 -0.46 5.22 25.54
CA LYS D 515 -1.83 5.14 26.01
C LYS D 515 -2.77 5.39 24.83
N ASP D 516 -3.94 4.78 24.91
CA ASP D 516 -4.96 4.99 23.89
C ASP D 516 -5.55 6.39 23.99
N SER D 517 -5.95 6.93 22.84
CA SER D 517 -6.49 8.28 22.76
C SER D 517 -7.91 8.21 22.23
N VAL D 518 -8.83 8.87 22.93
CA VAL D 518 -10.23 8.95 22.52
C VAL D 518 -10.67 10.41 22.61
N SER D 519 -11.25 10.89 21.52
CA SER D 519 -11.68 12.27 21.42
C SER D 519 -13.03 12.47 22.10
N ASP D 520 -13.46 13.72 22.19
CA ASP D 520 -14.76 14.08 22.74
C ASP D 520 -15.73 14.44 21.62
N PHE D 521 -15.60 13.75 20.49
CA PHE D 521 -16.39 14.03 19.29
C PHE D 521 -17.05 12.75 18.84
N SER D 522 -18.38 12.80 18.61
CA SER D 522 -19.16 11.61 18.30
C SER D 522 -20.05 11.84 17.09
N GLU D 523 -19.72 12.84 16.26
CA GLU D 523 -20.56 13.02 15.08
C GLU D 523 -20.19 12.01 14.00
N PRO D 524 -21.15 11.65 13.14
CA PRO D 524 -20.88 10.61 12.16
C PRO D 524 -19.80 11.03 11.17
N PRO D 525 -19.03 10.07 10.66
CA PRO D 525 -17.97 10.41 9.70
C PRO D 525 -18.55 10.73 8.33
N GLU D 526 -17.69 11.30 7.48
CA GLU D 526 -18.03 11.65 6.11
C GLU D 526 -17.85 10.43 5.20
N ILE D 527 -18.26 10.60 3.94
CA ILE D 527 -18.11 9.58 2.92
C ILE D 527 -17.42 10.20 1.71
N ARG D 528 -16.30 9.61 1.30
CA ARG D 528 -15.56 10.06 0.13
C ARG D 528 -15.56 8.96 -0.93
N TYR D 529 -15.91 9.35 -2.15
CA TYR D 529 -16.02 8.41 -3.26
C TYR D 529 -14.78 8.44 -4.13
N ARG D 530 -14.44 7.30 -4.71
CA ARG D 530 -13.29 7.16 -5.58
C ARG D 530 -13.64 6.28 -6.77
N ILE D 531 -13.06 6.59 -7.93
CA ILE D 531 -13.24 5.82 -9.14
C ILE D 531 -11.87 5.58 -9.77
N ALA D 532 -11.87 4.82 -10.86
CA ALA D 532 -10.67 4.62 -11.66
C ALA D 532 -11.03 4.83 -13.13
N LYS D 533 -10.08 5.37 -13.89
CA LYS D 533 -10.29 5.73 -15.28
C LYS D 533 -9.46 4.83 -16.19
N ASN D 534 -10.09 4.34 -17.25
CA ASN D 534 -9.38 3.52 -18.22
C ASN D 534 -8.43 4.39 -19.03
N PRO D 535 -7.13 4.09 -19.05
CA PRO D 535 -6.19 4.94 -19.80
C PRO D 535 -6.39 4.96 -21.31
N GLY D 536 -7.05 3.96 -21.87
CA GLY D 536 -7.22 3.89 -23.30
C GLY D 536 -8.34 4.76 -23.84
N THR D 537 -9.51 4.70 -23.19
CA THR D 537 -10.68 5.46 -23.62
C THR D 537 -10.94 6.69 -22.77
N ALA D 538 -10.11 6.94 -21.75
CA ALA D 538 -10.25 8.10 -20.87
C ALA D 538 -11.62 8.17 -20.20
N THR D 539 -12.26 7.02 -20.03
CA THR D 539 -13.55 6.90 -19.36
C THR D 539 -13.39 6.09 -18.08
N VAL D 540 -14.49 5.94 -17.35
CA VAL D 540 -14.47 5.23 -16.08
C VAL D 540 -14.19 3.76 -16.34
N GLU D 541 -13.59 3.10 -15.35
CA GLU D 541 -13.25 1.69 -15.46
C GLU D 541 -14.42 0.82 -15.02
N ASP D 542 -14.62 -0.29 -15.70
CA ASP D 542 -15.74 -1.20 -15.42
C ASP D 542 -15.46 -1.92 -14.10
N GLY D 543 -16.15 -1.51 -13.05
CA GLY D 543 -16.01 -2.12 -11.75
C GLY D 543 -15.15 -1.38 -10.74
N SER D 544 -15.00 -0.06 -10.87
CA SER D 544 -14.16 0.73 -9.98
C SER D 544 -15.00 1.86 -9.39
N LEU D 545 -15.64 1.60 -8.25
CA LEU D 545 -16.43 2.61 -7.57
C LEU D 545 -16.60 2.18 -6.12
N PHE D 546 -16.06 2.97 -5.19
CA PHE D 546 -16.09 2.62 -3.77
C PHE D 546 -16.06 3.90 -2.95
N ASP D 547 -16.35 3.74 -1.66
CA ASP D 547 -16.42 4.87 -0.74
C ASP D 547 -15.55 4.58 0.48
N ILE D 548 -14.99 5.64 1.05
CA ILE D 548 -14.13 5.56 2.23
C ILE D 548 -14.66 6.52 3.28
N GLU D 549 -14.75 6.05 4.52
CA GLU D 549 -15.15 6.90 5.63
C GLU D 549 -13.91 7.60 6.20
N VAL D 550 -13.98 8.92 6.32
CA VAL D 550 -12.87 9.72 6.83
C VAL D 550 -13.38 10.57 7.99
N GLY D 551 -12.45 10.97 8.85
CA GLY D 551 -12.76 11.80 9.98
C GLY D 551 -12.48 13.27 9.71
N PRO D 552 -13.01 14.14 10.55
CA PRO D 552 -12.77 15.58 10.37
C PRO D 552 -11.36 15.99 10.75
N GLU D 553 -10.92 17.11 10.21
CA GLU D 553 -9.64 17.70 10.53
C GLU D 553 -9.78 18.69 11.67
N GLY D 554 -8.67 18.91 12.38
CA GLY D 554 -8.68 19.76 13.54
C GLY D 554 -9.09 19.08 14.82
N LEU D 555 -9.42 17.79 14.77
CA LEU D 555 -9.82 17.06 15.97
C LEU D 555 -8.62 16.88 16.90
N THR D 556 -8.91 16.82 18.19
CA THR D 556 -7.88 16.75 19.22
C THR D 556 -7.92 15.39 19.91
N PHE D 557 -6.75 14.81 20.12
CA PHE D 557 -6.58 13.55 20.81
C PHE D 557 -5.53 13.70 21.90
N PRO D 558 -5.68 13.01 23.02
CA PRO D 558 -4.64 13.00 24.05
C PRO D 558 -3.42 12.21 23.60
N PHE D 559 -2.30 12.50 24.25
CA PHE D 559 -1.04 11.83 23.92
C PHE D 559 -0.19 11.75 25.17
N VAL D 560 0.04 10.54 25.67
CA VAL D 560 0.88 10.29 26.83
C VAL D 560 1.98 9.33 26.45
N LEU D 561 3.22 9.68 26.79
CA LEU D 561 4.38 8.83 26.57
C LEU D 561 5.16 8.71 27.87
N ARG D 562 5.66 7.50 28.13
CA ARG D 562 6.45 7.22 29.32
C ARG D 562 7.74 6.52 28.91
N TYR D 563 8.87 7.02 29.39
CA TYR D 563 10.17 6.41 29.15
C TYR D 563 10.85 6.14 30.49
N ARG D 564 11.24 4.89 30.72
CA ARG D 564 11.94 4.48 31.93
C ARG D 564 13.34 4.01 31.53
N GLY D 565 14.35 4.78 31.91
CA GLY D 565 15.70 4.44 31.54
C GLY D 565 16.70 5.26 32.31
N HIS D 566 17.97 5.15 31.91
CA HIS D 566 19.04 5.85 32.61
C HIS D 566 19.17 7.29 32.14
N LYS D 567 19.18 7.51 30.83
CA LYS D 567 19.24 8.86 30.27
C LYS D 567 18.25 8.96 29.12
N PHE D 568 17.72 10.17 28.92
CA PHE D 568 16.74 10.39 27.87
C PHE D 568 17.42 10.31 26.51
N PRO D 569 16.94 9.46 25.60
CA PRO D 569 17.59 9.34 24.29
C PRO D 569 17.47 10.62 23.48
N GLU D 570 18.51 10.89 22.69
CA GLU D 570 18.48 12.02 21.77
C GLU D 570 17.58 11.75 20.57
N GLN D 571 17.51 10.50 20.13
CA GLN D 571 16.65 10.16 18.99
C GLN D 571 15.17 10.27 19.34
N LEU D 572 14.78 9.86 20.55
CA LEU D 572 13.39 10.00 20.96
C LEU D 572 12.98 11.47 21.02
N SER D 573 13.84 12.32 21.58
CA SER D 573 13.56 13.75 21.61
C SER D 573 13.53 14.34 20.21
N SER D 574 14.41 13.85 19.31
CA SER D 574 14.39 14.30 17.93
C SER D 574 13.06 13.95 17.26
N VAL D 575 12.56 12.73 17.51
CA VAL D 575 11.27 12.33 16.95
C VAL D 575 10.15 13.18 17.54
N ILE D 576 10.22 13.47 18.84
CA ILE D 576 9.20 14.31 19.47
C ILE D 576 9.17 15.70 18.84
N ARG D 577 10.35 16.29 18.63
CA ARG D 577 10.41 17.58 17.93
C ARG D 577 9.94 17.46 16.49
N TYR D 578 10.19 16.30 15.86
CA TYR D 578 9.76 16.07 14.49
C TYR D 578 8.25 16.03 14.37
N TRP D 579 7.57 15.50 15.39
CA TRP D 579 6.11 15.45 15.39
C TRP D 579 5.48 16.77 15.81
N GLU D 580 6.25 17.68 16.41
CA GLU D 580 5.71 18.91 16.95
C GLU D 580 5.40 19.92 15.85
N GLU D 581 4.41 20.77 16.10
CA GLU D 581 4.05 21.88 15.23
C GLU D 581 4.14 23.19 16.00
N ASN D 582 4.79 24.17 15.38
CA ASN D 582 4.97 25.49 15.98
C ASN D 582 4.82 26.53 14.87
N ASP D 583 5.23 27.76 15.17
CA ASP D 583 5.18 28.84 14.19
C ASP D 583 6.36 28.68 13.23
N GLY D 584 6.07 28.49 11.95
CA GLY D 584 7.09 28.31 10.93
C GLY D 584 7.40 26.86 10.60
N LYS D 585 6.94 25.91 11.42
CA LYS D 585 7.18 24.50 11.18
C LYS D 585 5.87 23.74 11.35
N ASN D 586 5.62 22.80 10.44
CA ASN D 586 4.41 22.00 10.45
C ASN D 586 4.71 20.61 10.99
N GLY D 587 3.81 20.10 11.84
CA GLY D 587 3.98 18.77 12.39
C GLY D 587 3.91 17.69 11.31
N MET D 588 4.69 16.64 11.50
CA MET D 588 4.79 15.54 10.54
C MET D 588 4.76 14.22 11.31
N ALA D 589 3.56 13.70 11.54
CA ALA D 589 3.34 12.42 12.22
C ALA D 589 2.39 11.60 11.34
N TRP D 590 2.97 10.84 10.42
CA TRP D 590 2.21 10.05 9.46
C TRP D 590 1.80 8.73 10.11
N LEU D 591 0.69 8.76 10.85
CA LEU D 591 0.14 7.58 11.50
C LEU D 591 -1.27 7.35 10.99
N GLY D 592 -1.54 6.14 10.53
CA GLY D 592 -2.84 5.78 10.01
C GLY D 592 -2.69 5.06 8.70
N GLY D 593 -3.74 5.14 7.86
CA GLY D 593 -3.73 4.52 6.56
C GLY D 593 -4.04 5.53 5.47
N LEU D 594 -3.92 5.06 4.23
CA LEU D 594 -4.15 5.88 3.04
C LEU D 594 -3.27 7.13 3.06
N ASP D 595 -2.01 6.94 3.43
CA ASP D 595 -1.06 8.06 3.51
C ASP D 595 -0.71 8.63 2.15
N SER D 596 -0.91 7.87 1.07
CA SER D 596 -0.62 8.39 -0.26
C SER D 596 -1.51 9.58 -0.61
N THR D 597 -2.79 9.53 -0.23
CA THR D 597 -3.72 10.62 -0.49
C THR D 597 -3.72 11.66 0.62
N GLY D 598 -2.63 11.74 1.39
CA GLY D 598 -2.51 12.75 2.44
C GLY D 598 -3.54 12.61 3.53
N LYS D 599 -3.80 11.38 3.98
CA LYS D 599 -4.77 11.11 5.03
C LYS D 599 -4.04 10.51 6.22
N GLY D 600 -3.98 11.26 7.32
CA GLY D 600 -3.36 10.75 8.54
C GLY D 600 -2.18 11.54 9.02
N ARG D 601 -2.04 12.78 8.58
CA ARG D 601 -0.98 13.66 9.07
C ARG D 601 -1.44 14.33 10.37
N PHE D 602 -0.60 14.23 11.39
CA PHE D 602 -0.96 14.72 12.73
C PHE D 602 0.12 15.68 13.23
N ALA D 603 -0.32 16.62 14.07
CA ALA D 603 0.55 17.60 14.70
C ALA D 603 0.33 17.53 16.21
N LEU D 604 1.42 17.49 16.96
CA LEU D 604 1.35 17.35 18.41
C LEU D 604 1.74 18.68 19.05
N LYS D 605 0.85 19.20 19.90
CA LYS D 605 1.03 20.50 20.55
C LYS D 605 0.93 20.36 22.06
N ASP D 606 1.29 21.44 22.75
CA ASP D 606 1.20 21.53 24.22
C ASP D 606 2.01 20.41 24.89
N ILE D 607 3.29 20.38 24.57
CA ILE D 607 4.19 19.37 25.10
C ILE D 607 4.75 19.83 26.43
N LYS D 608 4.54 19.02 27.48
CA LYS D 608 5.09 19.27 28.81
C LYS D 608 5.75 18.00 29.29
N ILE D 609 7.05 18.08 29.59
CA ILE D 609 7.83 16.92 30.01
C ILE D 609 8.14 17.07 31.49
N PHE D 610 7.75 16.06 32.27
CA PHE D 610 8.04 16.01 33.69
C PHE D 610 8.99 14.84 33.98
N GLU D 611 9.59 14.86 35.15
CA GLU D 611 10.66 13.94 35.49
C GLU D 611 10.38 13.28 36.84
N TRP D 612 10.48 11.95 36.88
CA TRP D 612 10.36 11.17 38.10
C TRP D 612 11.73 10.66 38.51
N ASP D 613 12.12 10.93 39.75
CA ASP D 613 13.37 10.44 40.31
C ASP D 613 13.10 9.14 41.06
N LEU D 614 13.52 8.02 40.48
CA LEU D 614 13.17 6.70 41.01
C LEU D 614 14.20 6.14 41.97
N ASN D 615 15.26 6.89 42.29
CA ASN D 615 16.26 6.40 43.23
C ASN D 615 16.05 6.94 44.63
N GLN D 616 15.75 8.24 44.76
CA GLN D 616 15.54 8.86 46.06
C GLN D 616 14.08 9.21 46.33
N LYS D 617 13.20 9.11 45.33
CA LYS D 617 11.79 9.45 45.51
C LYS D 617 10.90 8.30 45.08
N ILE D 618 11.24 7.07 45.49
CA ILE D 618 10.46 5.91 45.11
C ILE D 618 9.21 5.77 45.98
N ASN D 619 9.28 6.21 47.23
CA ASN D 619 8.12 6.14 48.11
C ASN D 619 6.97 7.00 47.58
N GLU D 620 7.28 8.18 47.06
CA GLU D 620 6.27 9.06 46.51
C GLU D 620 5.71 8.53 45.20
N TYR D 621 6.56 7.90 44.37
CA TYR D 621 6.07 7.21 43.18
C TYR D 621 5.19 6.01 43.54
N ILE D 622 5.35 5.47 44.76
CA ILE D 622 4.47 4.40 45.21
C ILE D 622 3.15 4.96 45.74
N LYS D 623 3.20 6.07 46.49
CA LYS D 623 1.99 6.63 47.09
C LYS D 623 0.94 6.96 46.03
N GLU D 624 1.34 7.69 44.99
CA GLU D 624 0.52 7.88 43.81
C GLU D 624 1.09 7.02 42.69
N ARG D 625 0.27 6.13 42.14
CA ARG D 625 0.76 5.07 41.26
C ARG D 625 1.17 5.69 39.94
N GLY D 626 2.37 6.26 39.93
CA GLY D 626 2.82 7.03 38.78
C GLY D 626 1.90 8.21 38.56
N MET D 627 1.33 8.30 37.37
CA MET D 627 0.30 9.28 37.07
C MET D 627 -0.81 8.62 36.25
N ARG D 628 -0.99 7.32 36.43
CA ARG D 628 -1.85 6.53 35.56
C ARG D 628 -3.32 6.87 35.80
N GLY D 629 -4.05 7.11 34.72
CA GLY D 629 -5.47 7.36 34.79
C GLY D 629 -5.87 8.79 35.10
N LYS D 630 -4.90 9.68 35.33
CA LYS D 630 -5.18 11.07 35.68
C LYS D 630 -4.27 12.01 34.88
N GLU D 631 -3.83 11.54 33.71
CA GLU D 631 -2.94 12.32 32.87
C GLU D 631 -3.56 13.63 32.42
N LYS D 632 -4.86 13.66 32.17
CA LYS D 632 -5.52 14.89 31.75
C LYS D 632 -5.40 15.96 32.83
N GLU D 633 -5.62 15.58 34.10
CA GLU D 633 -5.45 16.51 35.19
C GLU D 633 -4.02 17.05 35.25
N LEU D 634 -3.03 16.17 35.08
CA LEU D 634 -1.64 16.61 35.03
C LEU D 634 -1.42 17.63 33.92
N LEU D 635 -2.03 17.41 32.76
CA LEU D 635 -1.89 18.36 31.66
C LEU D 635 -2.52 19.71 32.00
N GLU D 636 -3.70 19.69 32.63
CA GLU D 636 -4.42 20.94 32.85
C GLU D 636 -3.85 21.78 33.98
N MET D 637 -3.39 21.18 35.07
CA MET D 637 -3.01 21.99 36.22
C MET D 637 -1.67 22.70 35.97
N GLY D 638 -1.42 23.72 36.79
CA GLY D 638 -0.20 24.49 36.68
C GLY D 638 0.94 23.85 37.45
N GLU D 639 2.06 24.57 37.47
CA GLU D 639 3.26 24.10 38.13
C GLU D 639 3.27 24.34 39.63
N SER D 640 2.38 25.21 40.13
CA SER D 640 2.35 25.49 41.56
C SER D 640 1.71 24.37 42.36
N SER D 641 0.70 23.70 41.81
CA SER D 641 0.03 22.60 42.48
C SER D 641 0.55 21.25 42.02
N LEU D 642 1.80 21.18 41.58
CA LEU D 642 2.37 19.91 41.17
C LEU D 642 2.58 19.02 42.38
N PRO D 643 2.28 17.73 42.25
CA PRO D 643 2.49 16.80 43.37
C PRO D 643 3.98 16.66 43.68
N ASP D 644 4.24 16.35 44.95
CA ASP D 644 5.63 16.22 45.41
C ASP D 644 6.30 15.04 44.70
N GLY D 645 7.55 15.26 44.30
CA GLY D 645 8.32 14.27 43.59
C GLY D 645 8.45 14.53 42.10
N LEU D 646 7.43 15.13 41.48
CA LEU D 646 7.48 15.47 40.06
C LEU D 646 8.05 16.86 39.88
N ILE D 647 9.04 16.98 39.00
CA ILE D 647 9.65 18.27 38.71
C ILE D 647 9.64 18.51 37.20
N PRO D 648 9.41 19.74 36.75
CA PRO D 648 9.52 20.02 35.31
C PRO D 648 10.91 19.71 34.80
N TYR D 649 10.97 19.22 33.55
CA TYR D 649 12.24 18.88 32.90
C TYR D 649 12.65 20.06 32.04
N LYS D 650 13.68 20.79 32.47
CA LYS D 650 14.13 21.99 31.80
C LYS D 650 15.33 21.76 30.87
N PHE D 651 15.77 20.51 30.71
CA PHE D 651 16.93 20.19 29.89
C PHE D 651 16.54 19.65 28.52
N PHE D 652 15.28 19.78 28.13
CA PHE D 652 14.84 19.31 26.82
C PHE D 652 15.53 20.11 25.73
N GLU D 653 16.01 19.42 24.69
CA GLU D 653 16.83 20.06 23.68
C GLU D 653 15.95 20.70 22.60
N GLU D 654 16.54 21.68 21.90
CA GLU D 654 15.85 22.40 20.84
C GLU D 654 16.04 21.65 19.51
N ARG D 655 15.40 22.15 18.45
CA ARG D 655 15.39 21.46 17.16
C ARG D 655 16.77 21.43 16.52
N GLU D 656 17.43 22.58 16.44
CA GLU D 656 18.70 22.67 15.72
C GLU D 656 19.87 22.03 16.46
N CYS D 657 19.68 21.64 17.71
CA CYS D 657 20.78 21.10 18.51
C CYS D 657 20.82 19.58 18.53
N LEU D 658 19.98 18.90 17.76
CA LEU D 658 19.95 17.44 17.73
C LEU D 658 20.58 16.94 16.43
N PHE D 659 21.46 15.95 16.56
CA PHE D 659 22.14 15.37 15.40
C PHE D 659 21.24 14.37 14.67
N PRO D 660 20.48 13.51 15.36
CA PRO D 660 19.50 12.69 14.63
C PRO D 660 18.52 13.52 13.82
N TYR D 661 18.06 14.64 14.36
CA TYR D 661 17.23 15.56 13.59
C TYR D 661 18.11 16.36 12.63
N LYS D 662 17.48 16.88 11.58
CA LYS D 662 18.10 17.69 10.52
C LYS D 662 19.16 16.94 9.73
N GLU D 663 19.40 15.66 10.03
CA GLU D 663 20.37 14.87 9.30
C GLU D 663 19.74 13.58 8.80
N ASN D 664 18.81 13.01 9.56
CA ASN D 664 18.19 11.74 9.21
C ASN D 664 16.67 11.86 9.13
N LEU D 665 16.11 12.82 9.86
CA LEU D 665 14.65 12.95 9.97
C LEU D 665 14.07 14.09 9.15
N LYS D 666 14.59 15.30 9.30
CA LYS D 666 14.10 16.47 8.57
C LYS D 666 14.21 16.31 7.05
N PRO D 667 15.35 15.88 6.50
CA PRO D 667 15.48 15.79 5.04
C PRO D 667 14.74 14.62 4.41
N GLN D 668 13.86 13.92 5.14
CA GLN D 668 13.13 12.80 4.56
C GLN D 668 12.06 13.28 3.60
N TRP D 669 11.12 14.08 4.09
CA TRP D 669 10.01 14.58 3.29
C TRP D 669 10.20 16.06 3.01
N SER D 670 10.09 16.43 1.74
CA SER D 670 10.17 17.82 1.31
C SER D 670 8.84 18.26 0.72
N GLU D 671 8.34 19.40 1.17
CA GLU D 671 7.03 19.90 0.76
C GLU D 671 7.18 20.86 -0.42
N VAL D 672 6.23 20.77 -1.35
CA VAL D 672 6.15 21.66 -2.49
C VAL D 672 4.70 22.13 -2.59
N GLN D 673 4.46 23.38 -2.23
CA GLN D 673 3.11 23.94 -2.24
C GLN D 673 3.03 25.08 -3.25
N TYR D 674 1.83 25.26 -3.79
CA TYR D 674 1.61 26.24 -4.84
C TYR D 674 0.13 26.58 -4.89
N THR D 675 -0.19 27.67 -5.60
CA THR D 675 -1.56 28.12 -5.79
C THR D 675 -1.91 27.99 -7.27
N ILE D 676 -3.06 27.37 -7.55
CA ILE D 676 -3.54 27.18 -8.91
C ILE D 676 -4.66 28.16 -9.18
N GLU D 677 -4.54 28.93 -10.25
CA GLU D 677 -5.55 29.90 -10.66
C GLU D 677 -6.41 29.28 -11.75
N VAL D 678 -7.71 29.23 -11.51
CA VAL D 678 -8.68 28.68 -12.46
C VAL D 678 -9.55 29.81 -12.96
N GLY D 679 -9.57 30.00 -14.28
CA GLY D 679 -10.39 31.03 -14.89
C GLY D 679 -11.60 30.45 -15.58
N SER D 680 -12.16 29.39 -15.01
CA SER D 680 -13.29 28.70 -15.58
C SER D 680 -14.17 28.21 -14.43
N PRO D 681 -15.44 27.91 -14.72
CA PRO D 681 -16.33 27.43 -13.65
C PRO D 681 -15.99 26.02 -13.17
N LEU D 682 -15.00 25.91 -12.29
CA LEU D 682 -14.59 24.61 -11.79
C LEU D 682 -15.74 23.92 -11.06
N LEU D 683 -15.95 22.64 -11.35
CA LEU D 683 -17.02 21.86 -10.76
C LEU D 683 -16.48 20.49 -10.38
N THR D 684 -16.71 20.09 -9.13
CA THR D 684 -16.39 18.74 -8.66
C THR D 684 -17.67 18.14 -8.08
N ALA D 685 -18.40 17.41 -8.91
CA ALA D 685 -19.71 16.91 -8.53
C ALA D 685 -19.60 15.80 -7.49
N ASP D 686 -20.64 15.70 -6.67
CA ASP D 686 -20.80 14.63 -5.70
C ASP D 686 -22.04 13.79 -5.94
N THR D 687 -23.14 14.42 -6.38
CA THR D 687 -24.36 13.74 -6.83
C THR D 687 -25.09 13.06 -5.67
N ILE D 688 -24.53 13.12 -4.47
CA ILE D 688 -25.18 12.55 -3.30
C ILE D 688 -25.63 13.61 -2.31
N SER D 689 -24.81 14.65 -2.06
CA SER D 689 -25.26 15.75 -1.22
C SER D 689 -26.30 16.61 -1.92
N ALA D 690 -26.43 16.50 -3.24
CA ALA D 690 -27.45 17.24 -3.98
C ALA D 690 -28.85 16.75 -3.66
N LEU D 691 -29.01 15.48 -3.30
CA LEU D 691 -30.31 14.91 -2.98
C LEU D 691 -30.71 15.13 -1.53
N THR D 692 -29.86 15.79 -0.72
CA THR D 692 -30.17 16.05 0.67
C THR D 692 -30.17 17.54 1.00
N GLU D 693 -29.83 18.41 0.05
CA GLU D 693 -29.78 19.84 0.28
C GLU D 693 -30.84 20.56 -0.55
N PRO D 694 -31.41 21.64 -0.03
CA PRO D 694 -32.41 22.38 -0.80
C PRO D 694 -31.82 23.04 -2.03
N GLY D 695 -32.64 23.16 -3.06
CA GLY D 695 -32.22 23.80 -4.30
C GLY D 695 -32.68 23.07 -5.55
N ASN D 696 -32.84 21.75 -5.45
CA ASN D 696 -33.24 20.90 -6.57
C ASN D 696 -32.28 21.05 -7.75
N ARG D 697 -31.03 20.70 -7.51
CA ARG D 697 -29.96 20.83 -8.49
C ARG D 697 -29.20 19.52 -8.58
N ASP D 698 -28.87 19.13 -9.83
CA ASP D 698 -28.30 17.81 -10.07
C ASP D 698 -26.89 17.69 -9.50
N ALA D 699 -26.02 18.66 -9.79
CA ALA D 699 -24.61 18.59 -9.40
C ALA D 699 -24.26 19.80 -8.56
N ILE D 700 -23.67 19.56 -7.39
CA ILE D 700 -23.22 20.62 -6.50
C ILE D 700 -21.75 20.38 -6.19
N ALA D 701 -20.98 21.47 -6.12
CA ALA D 701 -19.54 21.39 -5.93
C ALA D 701 -19.21 20.71 -4.60
N TYR D 702 -18.02 20.14 -4.54
CA TYR D 702 -17.57 19.40 -3.36
C TYR D 702 -17.38 20.33 -2.17
N LYS D 703 -17.72 19.84 -0.99
CA LYS D 703 -17.58 20.59 0.25
C LYS D 703 -16.95 19.71 1.32
N LYS D 704 -16.23 20.35 2.24
CA LYS D 704 -15.58 19.67 3.35
C LYS D 704 -16.01 20.30 4.66
N ARG D 705 -15.97 19.49 5.72
CA ARG D 705 -16.27 19.93 7.08
C ARG D 705 -15.01 19.80 7.92
N VAL D 706 -14.63 20.89 8.57
CA VAL D 706 -13.43 20.95 9.41
C VAL D 706 -13.87 21.32 10.82
N TYR D 707 -13.32 20.61 11.82
CA TYR D 707 -13.69 20.84 13.20
C TYR D 707 -12.82 21.94 13.82
N ASN D 708 -13.47 22.86 14.53
CA ASN D 708 -12.80 23.96 15.17
C ASN D 708 -12.56 23.66 16.65
N ASP D 709 -11.46 24.19 17.18
CA ASP D 709 -11.05 23.90 18.55
C ASP D 709 -11.70 24.84 19.56
N GLY D 710 -11.64 26.16 19.31
CA GLY D 710 -12.23 27.12 20.22
C GLY D 710 -13.72 26.94 20.38
N ASN D 711 -14.42 26.82 19.25
CA ASN D 711 -15.83 26.48 19.26
C ASN D 711 -15.98 25.01 18.90
N ASN D 712 -16.56 24.22 19.81
CA ASN D 712 -16.63 22.77 19.66
C ASN D 712 -17.65 22.31 18.62
N ALA D 713 -18.23 23.23 17.85
CA ALA D 713 -19.05 22.88 16.71
C ALA D 713 -18.15 22.56 15.53
N ILE D 714 -18.71 22.39 14.34
CA ILE D 714 -17.90 22.10 13.17
C ILE D 714 -17.49 23.39 12.48
N GLU D 715 -18.47 24.11 11.91
CA GLU D 715 -18.26 25.32 11.13
C GLU D 715 -19.59 26.01 10.88
N PRO D 716 -19.64 27.34 10.93
CA PRO D 716 -20.85 28.03 10.45
C PRO D 716 -21.11 27.81 8.98
N GLU D 717 -20.05 27.63 8.18
CA GLU D 717 -20.16 27.44 6.74
C GLU D 717 -19.00 26.58 6.24
N PRO D 718 -19.29 25.49 5.53
CA PRO D 718 -18.22 24.61 5.04
C PRO D 718 -17.38 25.27 3.97
N ARG D 719 -16.14 24.82 3.86
CA ARG D 719 -15.19 25.35 2.89
C ARG D 719 -15.03 24.40 1.71
N PHE D 720 -15.14 24.95 0.50
CA PHE D 720 -15.02 24.18 -0.73
C PHE D 720 -13.56 23.78 -0.96
N ALA D 721 -13.38 22.62 -1.59
CA ALA D 721 -12.04 22.10 -1.85
C ALA D 721 -12.13 21.04 -2.94
N VAL D 722 -10.97 20.63 -3.43
CA VAL D 722 -10.83 19.58 -4.43
C VAL D 722 -10.09 18.42 -3.78
N LYS D 723 -10.64 17.21 -3.95
CA LYS D 723 -10.09 16.03 -3.29
C LYS D 723 -8.66 15.76 -3.75
N SER D 724 -7.85 15.26 -2.83
CA SER D 724 -6.46 14.90 -3.13
C SER D 724 -6.36 13.73 -4.11
N GLU D 725 -7.40 12.90 -4.19
CA GLU D 725 -7.39 11.82 -5.17
C GLU D 725 -7.34 12.34 -6.59
N THR D 726 -8.08 13.42 -6.89
CA THR D 726 -8.02 14.03 -8.21
C THR D 726 -6.62 14.59 -8.49
N HIS D 727 -6.01 15.21 -7.48
CA HIS D 727 -4.63 15.70 -7.61
C HIS D 727 -3.69 14.57 -7.98
N ARG D 728 -3.73 13.48 -7.20
CA ARG D 728 -2.85 12.35 -7.44
C ARG D 728 -3.10 11.73 -8.80
N GLY D 729 -4.36 11.58 -9.19
CA GLY D 729 -4.67 11.02 -10.49
C GLY D 729 -4.18 11.89 -11.64
N ILE D 730 -4.35 13.21 -11.50
CA ILE D 730 -3.89 14.12 -12.55
C ILE D 730 -2.38 14.04 -12.70
N PHE D 731 -1.64 14.08 -11.59
CA PHE D 731 -0.19 13.99 -11.68
C PHE D 731 0.25 12.63 -12.24
N ARG D 732 -0.39 11.56 -11.79
CA ARG D 732 0.00 10.22 -12.23
C ARG D 732 -0.27 10.02 -13.71
N THR D 733 -1.43 10.47 -14.20
CA THR D 733 -1.72 10.36 -15.62
C THR D 733 -0.84 11.28 -16.47
N ALA D 734 -0.47 12.46 -15.93
CA ALA D 734 0.45 13.34 -16.66
C ALA D 734 1.81 12.66 -16.82
N VAL D 735 2.34 12.09 -15.75
CA VAL D 735 3.62 11.39 -15.84
C VAL D 735 3.51 10.17 -16.76
N GLY D 736 2.41 9.42 -16.66
CA GLY D 736 2.26 8.24 -17.49
C GLY D 736 2.19 8.57 -18.97
N ARG D 737 1.44 9.60 -19.34
CA ARG D 737 1.39 10.01 -20.73
C ARG D 737 2.69 10.67 -21.19
N ARG D 738 3.44 11.29 -20.26
CA ARG D 738 4.75 11.82 -20.60
C ARG D 738 5.73 10.71 -20.94
N THR D 739 5.77 9.65 -20.14
CA THR D 739 6.75 8.58 -20.31
C THR D 739 6.21 7.36 -21.04
N GLY D 740 4.89 7.23 -21.17
CA GLY D 740 4.32 6.12 -21.92
C GLY D 740 4.21 4.80 -21.18
N ASP D 741 4.47 4.78 -19.87
CA ASP D 741 4.31 3.55 -19.10
C ASP D 741 2.86 3.28 -18.71
N LEU D 742 1.96 4.23 -18.97
CA LEU D 742 0.54 4.01 -18.70
C LEU D 742 -0.07 2.96 -19.61
N GLY D 743 0.52 2.71 -20.77
CA GLY D 743 -0.01 1.77 -21.73
C GLY D 743 0.50 0.35 -21.61
N LYS D 744 1.33 0.05 -20.63
CA LYS D 744 1.82 -1.31 -20.46
C LYS D 744 0.70 -2.22 -19.95
N GLU D 745 0.63 -3.43 -20.50
CA GLU D 745 -0.43 -4.36 -20.12
C GLU D 745 -0.21 -5.01 -18.76
N ASP D 746 1.02 -4.92 -18.21
CA ASP D 746 1.31 -5.54 -16.93
C ASP D 746 2.40 -4.75 -16.23
N HIS D 747 2.47 -4.93 -14.91
CA HIS D 747 3.48 -4.28 -14.08
C HIS D 747 4.16 -5.32 -13.19
N GLU D 748 4.23 -6.56 -13.65
CA GLU D 748 4.92 -7.61 -12.92
C GLU D 748 6.43 -7.47 -13.11
N ASP D 749 7.16 -7.48 -11.99
CA ASP D 749 8.61 -7.27 -12.00
C ASP D 749 8.97 -5.97 -12.71
N CYS D 750 8.16 -4.94 -12.46
CA CYS D 750 8.29 -3.65 -13.13
C CYS D 750 9.15 -2.71 -12.30
N THR D 751 10.07 -2.02 -12.97
CA THR D 751 10.87 -0.96 -12.38
C THR D 751 10.83 0.24 -13.34
N CYS D 752 9.62 0.68 -13.65
CA CYS D 752 9.41 1.82 -14.53
C CYS D 752 9.28 3.10 -13.71
N ASP D 753 9.07 4.22 -14.40
CA ASP D 753 8.93 5.51 -13.72
C ASP D 753 7.67 5.55 -12.86
N MET D 754 6.54 5.13 -13.42
CA MET D 754 5.27 5.18 -12.69
C MET D 754 5.29 4.29 -11.46
N CYS D 755 5.85 3.08 -11.59
CA CYS D 755 5.91 2.15 -10.46
C CYS D 755 6.90 2.57 -9.40
N ILE D 756 7.81 3.48 -9.70
CA ILE D 756 8.81 3.94 -8.75
C ILE D 756 8.36 5.21 -8.03
N ILE D 757 7.89 6.21 -8.78
CA ILE D 757 7.40 7.44 -8.15
C ILE D 757 6.03 7.30 -7.51
N PHE D 758 5.13 6.51 -8.10
CA PHE D 758 3.76 6.45 -7.63
C PHE D 758 3.39 5.13 -6.96
N GLY D 759 4.25 4.11 -7.02
CA GLY D 759 3.99 2.86 -6.34
C GLY D 759 3.04 1.96 -7.10
N ASN D 760 2.85 0.77 -6.55
CA ASN D 760 2.00 -0.25 -7.15
C ASN D 760 1.42 -1.09 -6.01
N GLU D 761 0.87 -2.25 -6.36
CA GLU D 761 0.28 -3.16 -5.38
C GLU D 761 1.31 -3.86 -4.52
N HIS D 762 2.60 -3.55 -4.68
CA HIS D 762 3.66 -4.17 -3.89
C HIS D 762 4.57 -3.16 -3.22
N GLU D 763 4.42 -1.87 -3.53
CA GLU D 763 5.28 -0.84 -2.97
C GLU D 763 4.44 0.38 -2.63
N SER D 764 4.87 1.11 -1.61
CA SER D 764 4.20 2.35 -1.23
C SER D 764 4.65 3.49 -2.12
N SER D 765 3.79 4.48 -2.27
CA SER D 765 4.09 5.63 -3.11
C SER D 765 5.18 6.48 -2.48
N LYS D 766 6.05 7.03 -3.32
CA LYS D 766 7.13 7.90 -2.87
C LYS D 766 6.72 9.36 -2.79
N ILE D 767 5.53 9.71 -3.29
CA ILE D 767 5.05 11.09 -3.26
C ILE D 767 3.62 11.07 -2.73
N ARG D 768 3.33 11.97 -1.77
CA ARG D 768 2.04 12.01 -1.10
C ARG D 768 1.36 13.34 -1.41
N PHE D 769 0.07 13.29 -1.76
CA PHE D 769 -0.67 14.45 -2.21
C PHE D 769 -1.68 14.88 -1.15
N GLU D 770 -1.92 16.19 -1.05
CA GLU D 770 -2.91 16.74 -0.15
C GLU D 770 -3.99 17.46 -0.95
N ASP D 771 -5.02 17.92 -0.24
CA ASP D 771 -6.18 18.54 -0.88
C ASP D 771 -5.84 19.92 -1.43
N LEU D 772 -6.67 20.38 -2.36
CA LEU D 772 -6.60 21.73 -2.92
C LEU D 772 -7.75 22.53 -2.33
N GLU D 773 -7.43 23.43 -1.40
CA GLU D 773 -8.43 24.23 -0.71
C GLU D 773 -8.55 25.61 -1.35
N LEU D 774 -9.77 26.13 -1.36
CA LEU D 774 -10.05 27.45 -1.90
C LEU D 774 -9.80 28.50 -0.82
N ILE D 775 -9.02 29.52 -1.15
CA ILE D 775 -8.52 30.46 -0.16
C ILE D 775 -9.05 31.88 -0.35
N ASN D 776 -9.71 32.18 -1.47
CA ASN D 776 -10.17 33.53 -1.76
C ASN D 776 -11.68 33.57 -1.95
N GLY D 777 -12.41 32.80 -1.15
CA GLY D 777 -13.86 32.76 -1.27
C GLY D 777 -14.59 33.91 -0.61
N ASN D 778 -13.90 34.74 0.16
CA ASN D 778 -14.52 35.88 0.81
C ASN D 778 -14.56 37.12 -0.07
N GLU D 779 -13.91 37.09 -1.24
CA GLU D 779 -13.93 38.21 -2.18
C GLU D 779 -14.94 38.00 -3.31
N PHE D 780 -15.76 36.96 -3.23
CA PHE D 780 -16.78 36.68 -4.22
C PHE D 780 -18.17 36.89 -3.63
N GLU D 781 -19.01 37.59 -4.38
CA GLU D 781 -20.44 37.66 -4.10
C GLU D 781 -21.16 36.77 -5.10
N LYS D 782 -22.05 35.91 -4.59
CA LYS D 782 -22.64 34.83 -5.38
C LYS D 782 -21.53 33.95 -5.97
N LEU D 783 -20.80 33.32 -5.05
CA LEU D 783 -19.61 32.56 -5.41
C LEU D 783 -19.92 31.45 -6.40
N GLU D 784 -21.14 30.92 -6.37
CA GLU D 784 -21.53 29.82 -7.24
C GLU D 784 -22.57 30.29 -8.25
N LYS D 785 -22.49 29.73 -9.46
CA LYS D 785 -23.34 30.14 -10.57
C LYS D 785 -24.22 28.98 -11.00
N HIS D 786 -25.39 29.33 -11.54
CA HIS D 786 -26.33 28.36 -12.08
C HIS D 786 -26.23 28.35 -13.60
N ILE D 787 -25.93 27.17 -14.16
CA ILE D 787 -25.79 27.01 -15.61
C ILE D 787 -26.66 25.84 -16.03
N ASP D 788 -27.54 26.07 -17.01
CA ASP D 788 -28.40 25.02 -17.53
C ASP D 788 -27.82 24.44 -18.82
N HIS D 789 -28.36 23.30 -19.22
CA HIS D 789 -27.91 22.60 -20.41
C HIS D 789 -29.09 21.86 -21.03
N VAL D 790 -28.96 21.54 -22.32
CA VAL D 790 -30.03 20.88 -23.06
C VAL D 790 -29.42 20.16 -24.26
N ALA D 791 -30.06 19.07 -24.67
CA ALA D 791 -29.68 18.34 -25.87
C ALA D 791 -30.70 18.63 -26.96
N ILE D 792 -30.20 18.99 -28.15
CA ILE D 792 -31.05 19.43 -29.26
C ILE D 792 -31.13 18.30 -30.28
N ASP D 793 -32.34 17.98 -30.70
CA ASP D 793 -32.55 16.96 -31.73
C ASP D 793 -32.00 17.44 -33.07
N ARG D 794 -31.44 16.49 -33.83
CA ARG D 794 -30.90 16.79 -35.14
C ARG D 794 -31.98 16.97 -36.20
N PHE D 795 -33.12 16.28 -36.07
CA PHE D 795 -34.19 16.37 -37.05
C PHE D 795 -35.21 17.45 -36.69
N THR D 796 -35.81 17.33 -35.51
CA THR D 796 -36.81 18.30 -35.08
C THR D 796 -36.21 19.68 -34.81
N GLY D 797 -34.95 19.74 -34.40
CA GLY D 797 -34.31 20.99 -34.10
C GLY D 797 -34.64 21.57 -32.74
N GLY D 798 -35.42 20.86 -31.93
CA GLY D 798 -35.79 21.31 -30.61
C GLY D 798 -35.17 20.46 -29.51
N ALA D 799 -35.58 20.77 -28.28
CA ALA D 799 -35.07 20.06 -27.12
C ALA D 799 -35.60 18.63 -27.11
N LEU D 800 -34.71 17.69 -26.78
CA LEU D 800 -35.09 16.29 -26.71
C LEU D 800 -35.88 16.03 -25.43
N ASP D 801 -36.71 14.97 -25.48
CA ASP D 801 -37.48 14.58 -24.30
C ASP D 801 -36.55 14.12 -23.19
N LYS D 802 -36.88 14.52 -21.96
CA LYS D 802 -36.12 14.22 -20.74
C LYS D 802 -34.61 14.30 -20.98
N ALA D 803 -34.19 15.42 -21.57
CA ALA D 803 -32.79 15.66 -21.90
C ALA D 803 -32.39 17.08 -21.50
N LYS D 804 -32.88 17.53 -20.35
CA LYS D 804 -32.53 18.83 -19.81
C LYS D 804 -31.98 18.65 -18.41
N PHE D 805 -30.93 19.40 -18.08
CA PHE D 805 -30.30 19.33 -16.78
C PHE D 805 -29.61 20.65 -16.49
N ASP D 806 -29.15 20.80 -15.25
CA ASP D 806 -28.50 22.01 -14.79
C ASP D 806 -27.17 21.69 -14.12
N THR D 807 -26.32 22.70 -14.04
CA THR D 807 -25.01 22.59 -13.40
C THR D 807 -24.84 23.76 -12.44
N TYR D 808 -24.20 23.49 -11.30
CA TYR D 808 -24.07 24.46 -10.21
C TYR D 808 -22.61 24.53 -9.79
N PRO D 809 -21.73 25.08 -10.65
CA PRO D 809 -20.31 25.16 -10.30
C PRO D 809 -19.95 26.44 -9.57
N LEU D 810 -18.65 26.60 -9.28
CA LEU D 810 -18.14 27.84 -8.70
C LEU D 810 -17.87 28.85 -9.81
N ALA D 811 -18.19 30.11 -9.55
CA ALA D 811 -18.09 31.14 -10.58
C ALA D 811 -16.64 31.47 -10.91
N GLY D 812 -16.15 30.93 -12.02
CA GLY D 812 -14.79 31.20 -12.47
C GLY D 812 -14.74 32.11 -13.69
N SER D 813 -14.00 33.20 -13.58
CA SER D 813 -13.89 34.18 -14.65
C SER D 813 -12.44 34.54 -14.92
N PRO D 814 -12.11 34.89 -16.17
CA PRO D 814 -10.74 35.37 -16.45
C PRO D 814 -10.38 36.66 -15.71
N LYS D 815 -11.33 37.54 -15.47
CA LYS D 815 -11.07 38.79 -14.76
C LYS D 815 -11.02 38.60 -13.24
N LYS D 816 -11.51 37.46 -12.74
CA LYS D 816 -11.46 37.17 -11.31
C LYS D 816 -11.43 35.65 -11.17
N PRO D 817 -10.25 35.08 -10.96
CA PRO D 817 -10.11 33.62 -10.92
C PRO D 817 -10.20 33.06 -9.50
N LEU D 818 -10.23 31.74 -9.43
CA LEU D 818 -10.21 31.02 -8.16
C LEU D 818 -8.80 30.54 -7.86
N LYS D 819 -8.33 30.79 -6.64
CA LYS D 819 -7.01 30.40 -6.20
C LYS D 819 -7.13 29.20 -5.27
N LEU D 820 -6.50 28.09 -5.65
CA LEU D 820 -6.53 26.86 -4.86
C LEU D 820 -5.11 26.55 -4.41
N LYS D 821 -4.92 26.43 -3.10
CA LYS D 821 -3.61 26.19 -2.51
C LYS D 821 -3.50 24.73 -2.08
N GLY D 822 -2.45 24.05 -2.54
CA GLY D 822 -2.25 22.66 -2.19
C GLY D 822 -0.78 22.32 -2.21
N ARG D 823 -0.45 21.19 -1.58
CA ARG D 823 0.94 20.77 -1.42
C ARG D 823 1.04 19.27 -1.63
N PHE D 824 2.24 18.83 -2.03
CA PHE D 824 2.57 17.42 -2.07
C PHE D 824 3.98 17.22 -1.52
N TRP D 825 4.21 16.05 -0.96
CA TRP D 825 5.47 15.74 -0.28
C TRP D 825 6.30 14.80 -1.13
N ILE D 826 7.63 15.01 -1.10
CA ILE D 826 8.58 14.22 -1.87
C ILE D 826 9.53 13.53 -0.91
N LYS D 827 9.69 12.21 -1.07
CA LYS D 827 10.56 11.45 -0.22
C LYS D 827 12.02 11.61 -0.65
N LYS D 828 12.92 11.47 0.32
CA LYS D 828 14.35 11.55 0.03
C LYS D 828 14.80 10.33 -0.76
N GLY D 829 15.69 10.56 -1.72
CA GLY D 829 16.18 9.51 -2.60
C GLY D 829 15.80 9.67 -4.05
N PHE D 830 15.17 10.78 -4.44
CA PHE D 830 14.74 10.97 -5.82
C PHE D 830 15.93 11.34 -6.69
N SER D 831 15.99 10.72 -7.88
CA SER D 831 17.05 11.02 -8.82
C SER D 831 16.69 12.27 -9.63
N GLY D 832 17.63 12.69 -10.49
CA GLY D 832 17.38 13.85 -11.34
C GLY D 832 16.29 13.63 -12.36
N ASP D 833 16.20 12.42 -12.92
CA ASP D 833 15.19 12.14 -13.93
C ASP D 833 13.77 12.23 -13.35
N HIS D 834 13.58 11.73 -12.13
CA HIS D 834 12.25 11.78 -11.52
C HIS D 834 11.84 13.21 -11.17
N LYS D 835 12.77 14.03 -10.68
CA LYS D 835 12.47 15.44 -10.45
C LYS D 835 12.18 16.15 -11.77
N LEU D 836 12.92 15.81 -12.82
CA LEU D 836 12.61 16.33 -14.16
C LEU D 836 11.19 15.98 -14.55
N LEU D 837 10.80 14.73 -14.34
CA LEU D 837 9.46 14.28 -14.70
C LEU D 837 8.38 15.02 -13.92
N ILE D 838 8.60 15.19 -12.62
CA ILE D 838 7.62 15.90 -11.79
C ILE D 838 7.49 17.36 -12.22
N THR D 839 8.62 18.01 -12.50
CA THR D 839 8.58 19.40 -12.95
C THR D 839 7.90 19.52 -14.30
N THR D 840 8.17 18.59 -15.22
CA THR D 840 7.48 18.62 -16.51
C THR D 840 5.99 18.39 -16.36
N ALA D 841 5.59 17.50 -15.45
CA ALA D 841 4.16 17.30 -15.20
C ALA D 841 3.52 18.56 -14.64
N LEU D 842 4.20 19.24 -13.70
CA LEU D 842 3.67 20.48 -13.17
C LEU D 842 3.55 21.56 -14.24
N SER D 843 4.56 21.69 -15.10
CA SER D 843 4.52 22.66 -16.17
C SER D 843 3.43 22.34 -17.18
N ASP D 844 3.24 21.06 -17.50
CA ASP D 844 2.20 20.66 -18.44
C ASP D 844 0.81 20.84 -17.83
N ILE D 845 0.72 20.80 -16.50
CA ILE D 845 -0.51 21.23 -15.84
C ILE D 845 -0.66 22.74 -15.99
N ARG D 846 0.45 23.49 -15.93
CA ARG D 846 0.39 24.94 -15.95
C ARG D 846 -0.23 25.47 -17.25
N ASP D 847 0.22 24.94 -18.40
CA ASP D 847 -0.24 25.51 -19.66
C ASP D 847 -1.69 25.17 -19.97
N GLY D 848 -2.26 24.17 -19.31
CA GLY D 848 -3.68 23.90 -19.44
C GLY D 848 -4.05 22.71 -20.29
N LEU D 849 -3.31 21.61 -20.18
CA LEU D 849 -3.66 20.39 -20.90
C LEU D 849 -4.62 19.51 -20.11
N TYR D 850 -4.42 19.38 -18.80
CA TYR D 850 -5.30 18.59 -17.96
C TYR D 850 -6.20 19.51 -17.15
N PRO D 851 -7.49 19.59 -17.46
CA PRO D 851 -8.40 20.40 -16.66
C PRO D 851 -8.82 19.67 -15.39
N LEU D 852 -9.31 20.47 -14.44
CA LEU D 852 -9.76 19.95 -13.15
C LEU D 852 -11.28 19.85 -13.14
N GLY D 853 -11.78 18.76 -12.55
CA GLY D 853 -13.21 18.57 -12.43
C GLY D 853 -13.83 17.92 -13.65
N SER D 854 -15.16 18.04 -13.73
CA SER D 854 -15.94 17.43 -14.79
C SER D 854 -16.19 18.42 -15.93
N LYS D 855 -16.68 17.88 -17.04
CA LYS D 855 -17.08 18.66 -18.21
C LYS D 855 -15.93 19.53 -18.73
N GLY D 856 -14.73 18.95 -18.73
CA GLY D 856 -13.56 19.67 -19.22
C GLY D 856 -13.59 19.95 -20.71
N GLY D 857 -14.40 19.20 -21.46
CA GLY D 857 -14.48 19.38 -22.91
C GLY D 857 -15.28 20.59 -23.34
N VAL D 858 -16.01 21.23 -22.42
CA VAL D 858 -16.80 22.41 -22.74
C VAL D 858 -16.33 23.67 -22.02
N GLY D 859 -15.23 23.58 -21.26
CA GLY D 859 -14.67 24.76 -20.64
C GLY D 859 -14.89 24.87 -19.15
N TYR D 860 -14.88 23.73 -18.45
CA TYR D 860 -15.09 23.69 -17.01
C TYR D 860 -13.77 23.36 -16.33
N GLY D 861 -13.37 24.20 -15.37
CA GLY D 861 -12.17 23.94 -14.60
C GLY D 861 -10.87 23.99 -15.37
N TRP D 862 -10.69 25.00 -16.22
CA TRP D 862 -9.46 25.13 -16.98
C TRP D 862 -8.44 25.94 -16.19
N VAL D 863 -7.18 25.49 -16.22
CA VAL D 863 -6.12 26.12 -15.44
C VAL D 863 -5.51 27.25 -16.26
N ALA D 864 -5.49 28.45 -15.70
CA ALA D 864 -4.86 29.60 -16.35
C ALA D 864 -3.37 29.67 -16.07
N GLY D 865 -2.95 29.35 -14.85
CA GLY D 865 -1.53 29.37 -14.51
C GLY D 865 -1.33 28.92 -13.07
N ILE D 866 -0.06 28.76 -12.71
CA ILE D 866 0.33 28.36 -11.37
C ILE D 866 1.36 29.35 -10.84
N SER D 867 1.42 29.45 -9.51
CA SER D 867 2.37 30.34 -8.85
C SER D 867 2.98 29.59 -7.68
N ILE D 868 4.31 29.53 -7.64
CA ILE D 868 5.05 28.83 -6.60
C ILE D 868 5.65 29.86 -5.66
N ASP D 869 5.39 29.71 -4.36
CA ASP D 869 5.89 30.62 -3.35
C ASP D 869 7.36 30.33 -3.06
N ASP D 870 8.01 31.24 -2.34
CA ASP D 870 9.43 31.15 -2.05
C ASP D 870 9.72 30.31 -0.79
N ASN D 871 9.18 29.09 -0.76
CA ASN D 871 9.45 28.17 0.33
C ASN D 871 9.75 26.76 -0.13
N VAL D 872 9.66 26.48 -1.43
CA VAL D 872 9.95 25.17 -1.98
C VAL D 872 11.47 24.98 -2.05
N PRO D 873 11.97 23.76 -2.19
CA PRO D 873 13.42 23.58 -2.33
C PRO D 873 13.98 24.34 -3.51
N ASP D 874 15.21 24.83 -3.35
CA ASP D 874 15.82 25.70 -4.36
C ASP D 874 15.98 24.98 -5.69
N ASP D 875 16.29 23.68 -5.67
CA ASP D 875 16.42 22.94 -6.91
C ASP D 875 15.11 22.93 -7.70
N PHE D 876 13.99 22.67 -7.01
CA PHE D 876 12.69 22.70 -7.67
C PHE D 876 12.37 24.10 -8.19
N LYS D 877 12.68 25.13 -7.41
CA LYS D 877 12.36 26.50 -7.82
C LYS D 877 13.16 26.92 -9.04
N GLU D 878 14.44 26.53 -9.12
CA GLU D 878 15.22 26.87 -10.30
C GLU D 878 14.89 25.96 -11.48
N MET D 879 14.37 24.76 -11.22
CA MET D 879 13.98 23.85 -12.28
C MET D 879 12.66 24.26 -12.95
N ILE D 880 11.70 24.76 -12.17
CA ILE D 880 10.40 25.07 -12.73
C ILE D 880 10.48 26.24 -13.71
N ASN D 881 11.35 27.21 -13.45
CA ASN D 881 11.53 28.35 -14.35
C ASN D 881 12.33 27.96 -15.58
N GLY D 897 0.29 37.51 -38.61
CA GLY D 897 -0.61 37.74 -39.72
C GLY D 897 -1.89 36.92 -39.63
N PRO D 898 -3.03 37.56 -39.90
CA PRO D 898 -4.31 36.84 -39.86
C PRO D 898 -4.39 35.79 -40.95
N ILE D 899 -5.17 34.76 -40.67
CA ILE D 899 -5.39 33.65 -41.60
C ILE D 899 -6.72 33.85 -42.29
N ASN D 900 -6.72 33.82 -43.62
CA ASN D 900 -7.92 34.00 -44.43
C ASN D 900 -8.09 32.82 -45.37
N ASN D 901 -9.35 32.41 -45.55
CA ASN D 901 -9.63 31.26 -46.42
C ASN D 901 -9.73 31.70 -47.88
N ASP D 902 -10.28 32.88 -48.12
CA ASP D 902 -10.44 33.43 -49.48
C ASP D 902 -11.21 32.48 -50.39
N TYR D 903 -12.28 31.90 -49.85
CA TYR D 903 -13.16 31.02 -50.60
C TYR D 903 -14.53 31.68 -50.70
N VAL D 904 -15.03 31.83 -51.93
CA VAL D 904 -16.33 32.45 -52.17
C VAL D 904 -17.28 31.39 -52.68
N HIS D 905 -18.58 31.62 -52.45
CA HIS D 905 -19.61 30.69 -52.87
C HIS D 905 -20.59 31.37 -53.81
N PRO D 906 -20.91 30.74 -54.95
CA PRO D 906 -21.86 31.38 -55.88
C PRO D 906 -23.24 31.58 -55.29
N GLY D 907 -23.69 30.67 -54.43
CA GLY D 907 -25.00 30.79 -53.82
C GLY D 907 -26.12 30.42 -54.77
N HIS D 908 -27.34 30.48 -54.25
CA HIS D 908 -28.51 30.20 -55.05
C HIS D 908 -28.82 31.36 -55.99
N GLN D 909 -29.54 31.05 -57.08
CA GLN D 909 -29.90 32.04 -58.06
C GLN D 909 -31.28 32.63 -57.83
N SER D 910 -32.17 31.91 -57.14
CA SER D 910 -33.56 32.32 -56.94
C SER D 910 -33.65 33.68 -56.26
N PRO D 911 -32.90 33.96 -55.18
CA PRO D 911 -32.87 35.33 -54.66
C PRO D 911 -31.98 36.26 -55.47
N LYS D 912 -31.01 35.73 -56.22
CA LYS D 912 -30.06 36.58 -56.92
C LYS D 912 -30.71 37.32 -58.09
N GLN D 913 -31.48 36.61 -58.92
CA GLN D 913 -32.11 37.29 -60.06
C GLN D 913 -33.29 38.16 -59.63
N ASP D 914 -34.10 37.69 -58.68
CA ASP D 914 -35.19 38.48 -58.14
C ASP D 914 -34.66 39.32 -56.97
N HIS D 915 -33.89 40.34 -57.33
CA HIS D 915 -33.11 41.10 -56.37
C HIS D 915 -33.91 42.19 -55.67
N LYS D 916 -35.08 42.58 -56.18
CA LYS D 916 -35.76 43.75 -55.64
C LYS D 916 -36.56 43.43 -54.38
N ASN D 917 -37.60 42.61 -54.53
CA ASN D 917 -38.54 42.29 -53.44
C ASN D 917 -39.41 41.11 -53.89
N LYS D 918 -40.51 40.91 -53.18
CA LYS D 918 -41.59 39.96 -53.52
C LYS D 918 -41.07 38.53 -53.64
N ASN D 919 -40.40 38.06 -52.60
CA ASN D 919 -40.04 36.65 -52.48
C ASN D 919 -39.95 36.27 -51.01
N ILE D 920 -40.68 35.23 -50.62
CA ILE D 920 -40.74 34.77 -49.24
C ILE D 920 -40.21 33.34 -49.18
N TYR D 921 -39.24 33.10 -48.32
CA TYR D 921 -38.62 31.79 -48.16
C TYR D 921 -38.94 31.21 -46.79
N TYR D 922 -38.83 29.89 -46.69
CA TYR D 922 -39.10 29.19 -45.43
C TYR D 922 -37.92 29.38 -44.47
N PRO D 923 -38.22 29.60 -43.18
CA PRO D 923 -37.14 29.83 -42.21
C PRO D 923 -36.14 28.70 -42.08
N HIS D 924 -36.56 27.44 -42.23
CA HIS D 924 -35.66 26.30 -42.08
C HIS D 924 -35.86 25.33 -43.23
N TYR D 925 -34.75 24.73 -43.67
CA TYR D 925 -34.74 23.71 -44.70
C TYR D 925 -34.03 22.47 -44.15
N PHE D 926 -34.04 21.40 -44.94
CA PHE D 926 -33.51 20.11 -44.52
C PHE D 926 -32.41 19.66 -45.45
N LEU D 927 -31.42 18.96 -44.89
CA LEU D 927 -30.33 18.38 -45.65
C LEU D 927 -30.45 16.86 -45.60
N ASP D 928 -30.20 16.21 -46.74
CA ASP D 928 -30.42 14.77 -46.87
C ASP D 928 -29.14 14.09 -47.38
N SER D 929 -28.44 13.42 -46.47
CA SER D 929 -27.42 12.45 -46.84
C SER D 929 -28.01 11.05 -46.66
N GLY D 930 -27.97 10.24 -47.72
CA GLY D 930 -28.85 9.11 -47.79
C GLY D 930 -28.61 7.95 -46.85
N SER D 931 -27.55 7.16 -47.05
CA SER D 931 -27.38 5.95 -46.26
C SER D 931 -25.96 5.68 -45.78
N LYS D 932 -24.92 6.19 -46.43
CA LYS D 932 -23.56 5.70 -46.20
C LYS D 932 -22.93 6.45 -45.02
N VAL D 933 -22.54 5.68 -44.00
CA VAL D 933 -21.81 6.19 -42.85
C VAL D 933 -20.55 5.35 -42.69
N TYR D 934 -19.43 6.04 -42.47
CA TYR D 934 -18.12 5.38 -42.36
C TYR D 934 -17.85 5.06 -40.89
N ARG D 935 -17.60 3.79 -40.60
CA ARG D 935 -17.25 3.36 -39.26
C ARG D 935 -15.75 3.08 -39.19
N GLU D 936 -15.09 3.65 -38.19
CA GLU D 936 -13.64 3.52 -38.04
C GLU D 936 -13.38 2.45 -36.98
N LYS D 937 -12.84 1.31 -37.42
CA LYS D 937 -12.75 0.14 -36.54
C LYS D 937 -11.72 0.34 -35.43
N ASP D 938 -10.50 0.74 -35.78
CA ASP D 938 -9.48 0.99 -34.77
C ASP D 938 -9.64 2.39 -34.22
N ILE D 939 -9.32 2.59 -32.96
CA ILE D 939 -9.61 3.84 -32.26
C ILE D 939 -8.31 4.43 -31.74
N ILE D 940 -8.11 5.73 -31.98
CA ILE D 940 -6.95 6.42 -31.44
C ILE D 940 -7.05 6.46 -29.92
N THR D 941 -6.02 5.94 -29.26
CA THR D 941 -6.03 5.79 -27.82
C THR D 941 -5.59 7.08 -27.12
N HIS D 942 -6.03 7.23 -25.88
CA HIS D 942 -5.64 8.35 -25.04
C HIS D 942 -4.46 8.02 -24.15
N GLU D 943 -3.87 6.83 -24.31
CA GLU D 943 -2.81 6.37 -23.43
C GLU D 943 -1.51 7.15 -23.60
N GLU D 944 -1.20 7.60 -24.81
CA GLU D 944 0.06 8.28 -25.06
C GLU D 944 -0.10 9.25 -26.22
N PHE D 945 0.86 10.14 -26.35
CA PHE D 945 0.91 11.10 -27.46
C PHE D 945 1.70 10.47 -28.60
N THR D 946 1.00 10.02 -29.63
CA THR D 946 1.63 9.27 -30.71
C THR D 946 2.56 10.15 -31.53
N GLU D 947 3.64 9.55 -32.03
CA GLU D 947 4.65 10.30 -32.77
C GLU D 947 4.15 10.78 -34.12
N GLU D 948 3.16 10.10 -34.71
CA GLU D 948 2.68 10.48 -36.03
C GLU D 948 1.57 11.52 -35.98
N LEU D 949 0.73 11.49 -34.96
CA LEU D 949 -0.34 12.47 -34.81
C LEU D 949 0.19 13.74 -34.16
N LEU D 950 -0.62 14.80 -34.21
CA LEU D 950 -0.21 16.11 -33.73
C LEU D 950 -1.24 16.64 -32.76
N SER D 951 -0.79 17.56 -31.90
CA SER D 951 -1.63 18.15 -30.87
C SER D 951 -1.28 19.62 -30.73
N GLY D 952 -2.23 20.41 -30.21
CA GLY D 952 -1.99 21.83 -30.02
C GLY D 952 -3.23 22.63 -29.68
N LYS D 953 -3.18 23.94 -29.93
CA LYS D 953 -4.24 24.85 -29.56
C LYS D 953 -4.51 25.83 -30.70
N ILE D 954 -5.77 26.23 -30.85
CA ILE D 954 -6.17 27.24 -31.83
C ILE D 954 -6.83 28.39 -31.08
N ASN D 955 -6.39 29.61 -31.38
CA ASN D 955 -7.02 30.82 -30.86
C ASN D 955 -7.92 31.38 -31.95
N CYS D 956 -9.20 31.55 -31.65
CA CYS D 956 -10.19 31.96 -32.63
C CYS D 956 -10.92 33.20 -32.14
N LYS D 957 -11.40 33.99 -33.10
CA LYS D 957 -12.16 35.20 -32.83
C LYS D 957 -13.55 35.07 -33.43
N LEU D 958 -14.57 35.31 -32.61
CA LEU D 958 -15.96 35.25 -33.04
C LEU D 958 -16.53 36.65 -33.13
N GLU D 959 -17.01 37.03 -34.32
CA GLU D 959 -17.60 38.33 -34.56
C GLU D 959 -19.01 38.14 -35.13
N THR D 960 -19.93 38.96 -34.67
CA THR D 960 -21.35 38.80 -34.99
C THR D 960 -21.70 39.50 -36.30
N LEU D 961 -22.68 38.94 -37.00
CA LEU D 961 -23.26 39.56 -38.19
C LEU D 961 -24.62 40.17 -37.94
N THR D 962 -25.45 39.54 -37.11
CA THR D 962 -26.74 40.03 -36.65
C THR D 962 -26.71 40.04 -35.13
N PRO D 963 -27.61 40.79 -34.48
CA PRO D 963 -27.57 40.82 -33.01
C PRO D 963 -27.75 39.44 -32.41
N LEU D 964 -27.13 39.22 -31.26
CA LEU D 964 -27.07 37.91 -30.63
C LEU D 964 -27.89 37.89 -29.35
N ILE D 965 -28.47 36.73 -29.05
CA ILE D 965 -29.26 36.53 -27.83
C ILE D 965 -28.74 35.27 -27.16
N ILE D 966 -28.23 35.42 -25.93
CA ILE D 966 -27.84 34.28 -25.10
C ILE D 966 -28.32 34.59 -23.69
N PRO D 967 -29.32 33.88 -23.18
CA PRO D 967 -29.91 34.24 -21.89
C PRO D 967 -29.17 33.65 -20.70
N ASP D 968 -29.20 34.42 -19.61
CA ASP D 968 -28.68 33.98 -18.33
C ASP D 968 -29.92 33.53 -17.56
N THR D 969 -30.21 32.23 -17.60
CA THR D 969 -31.42 31.68 -17.04
C THR D 969 -31.30 31.33 -15.56
N SER D 970 -30.27 31.83 -14.89
CA SER D 970 -30.13 31.60 -13.45
C SER D 970 -31.29 32.23 -12.69
N ASP D 971 -31.68 33.45 -13.08
CA ASP D 971 -32.81 34.15 -12.49
C ASP D 971 -33.89 34.35 -13.55
N GLU D 972 -35.15 34.38 -13.10
CA GLU D 972 -36.25 34.54 -14.04
C GLU D 972 -36.60 36.00 -14.29
N ASN D 973 -36.12 36.92 -13.45
CA ASN D 973 -36.36 38.36 -13.60
C ASN D 973 -35.07 39.12 -13.36
N GLY D 974 -34.26 39.23 -14.41
CA GLY D 974 -32.99 39.92 -14.31
C GLY D 974 -33.07 41.41 -14.54
N LEU D 975 -34.24 41.88 -15.00
CA LEU D 975 -34.46 43.30 -15.25
C LEU D 975 -35.56 43.87 -14.37
N LYS D 976 -36.22 43.04 -13.56
CA LYS D 976 -37.26 43.47 -12.63
C LYS D 976 -38.45 44.09 -13.37
N LEU D 977 -39.05 43.30 -14.26
CA LEU D 977 -40.28 43.68 -14.94
C LEU D 977 -41.49 42.87 -14.48
N GLN D 978 -41.33 41.98 -13.49
CA GLN D 978 -42.45 41.19 -13.00
C GLN D 978 -43.32 41.96 -12.00
N GLY D 979 -42.85 43.09 -11.50
CA GLY D 979 -43.67 43.87 -10.58
C GLY D 979 -44.92 44.43 -11.22
N ASN D 980 -44.80 44.94 -12.45
CA ASN D 980 -45.94 45.50 -13.14
C ASN D 980 -46.69 44.46 -13.97
N LYS D 981 -45.97 43.51 -14.57
CA LYS D 981 -46.56 42.46 -15.40
C LYS D 981 -46.22 41.11 -14.81
N PRO D 982 -47.09 40.52 -13.99
CA PRO D 982 -46.80 39.21 -13.41
C PRO D 982 -46.73 38.13 -14.49
N GLY D 983 -45.86 37.15 -14.27
CA GLY D 983 -45.71 36.03 -15.16
C GLY D 983 -44.81 36.25 -16.35
N HIS D 984 -44.16 37.40 -16.45
CA HIS D 984 -43.24 37.68 -17.54
C HIS D 984 -41.84 37.23 -17.19
N LYS D 985 -41.10 36.77 -18.20
CA LYS D 985 -39.75 36.25 -18.02
C LYS D 985 -38.76 37.29 -18.53
N ASN D 986 -37.93 37.80 -17.63
CA ASN D 986 -36.90 38.77 -17.96
C ASN D 986 -35.53 38.12 -17.83
N TYR D 987 -34.72 38.20 -18.88
CA TYR D 987 -33.41 37.57 -18.91
C TYR D 987 -32.34 38.59 -19.25
N LYS D 988 -31.18 38.43 -18.64
CA LYS D 988 -29.99 39.19 -18.97
C LYS D 988 -29.07 38.33 -19.84
N PHE D 989 -28.01 38.94 -20.34
CA PHE D 989 -27.01 38.15 -21.07
C PHE D 989 -26.24 37.26 -20.10
N PHE D 990 -25.71 36.16 -20.64
CA PHE D 990 -24.93 35.24 -19.83
C PHE D 990 -23.65 35.92 -19.35
N ASN D 991 -23.51 36.06 -18.04
CA ASN D 991 -22.35 36.71 -17.44
C ASN D 991 -21.88 35.94 -16.22
N ILE D 992 -20.60 36.05 -15.90
CA ILE D 992 -20.03 35.50 -14.69
C ILE D 992 -19.17 36.60 -14.07
N ASN D 993 -19.48 36.99 -12.84
CA ASN D 993 -18.76 38.04 -12.12
C ASN D 993 -18.78 39.36 -12.89
N GLY D 994 -19.89 39.63 -13.57
CA GLY D 994 -20.13 40.94 -14.13
C GLY D 994 -19.53 41.24 -15.48
N GLU D 995 -19.15 40.21 -16.24
CA GLU D 995 -18.66 40.42 -17.60
C GLU D 995 -19.33 39.44 -18.54
N LEU D 996 -19.59 39.90 -19.77
CA LEU D 996 -20.28 39.08 -20.76
C LEU D 996 -19.40 37.94 -21.21
N MET D 997 -20.00 36.76 -21.36
CA MET D 997 -19.24 35.55 -21.70
C MET D 997 -20.17 34.54 -22.34
N ILE D 998 -19.69 33.91 -23.41
CA ILE D 998 -20.45 32.90 -24.15
C ILE D 998 -20.04 31.53 -23.64
N PRO D 999 -20.98 30.68 -23.22
CA PRO D 999 -20.61 29.35 -22.76
C PRO D 999 -20.02 28.50 -23.87
N GLY D 1000 -19.07 27.63 -23.50
CA GLY D 1000 -18.41 26.78 -24.48
C GLY D 1000 -19.25 25.64 -24.98
N SER D 1001 -20.29 25.25 -24.23
CA SER D 1001 -21.15 24.15 -24.68
C SER D 1001 -21.90 24.50 -25.96
N GLU D 1002 -22.36 25.75 -26.08
CA GLU D 1002 -23.06 26.15 -27.30
C GLU D 1002 -22.12 26.12 -28.50
N LEU D 1003 -20.89 26.62 -28.35
CA LEU D 1003 -19.93 26.56 -29.44
C LEU D 1003 -19.60 25.12 -29.81
N ARG D 1004 -19.40 24.27 -28.80
CA ARG D 1004 -19.13 22.86 -29.07
C ARG D 1004 -20.28 22.20 -29.82
N GLY D 1005 -21.52 22.47 -29.41
CA GLY D 1005 -22.66 21.88 -30.09
C GLY D 1005 -22.81 22.36 -31.52
N MET D 1006 -22.60 23.65 -31.76
CA MET D 1006 -22.76 24.18 -33.11
C MET D 1006 -21.65 23.68 -34.04
N LEU D 1007 -20.40 23.65 -33.56
CA LEU D 1007 -19.34 23.04 -34.35
C LEU D 1007 -19.58 21.54 -34.56
N ARG D 1008 -20.13 20.85 -33.56
CA ARG D 1008 -20.39 19.43 -33.73
C ARG D 1008 -21.46 19.19 -34.78
N THR D 1009 -22.51 20.02 -34.79
CA THR D 1009 -23.53 19.90 -35.84
C THR D 1009 -22.94 20.19 -37.21
N HIS D 1010 -22.11 21.23 -37.32
CA HIS D 1010 -21.49 21.54 -38.61
C HIS D 1010 -20.58 20.41 -39.08
N PHE D 1011 -19.81 19.83 -38.16
CA PHE D 1011 -18.90 18.74 -38.51
C PHE D 1011 -19.67 17.48 -38.89
N GLU D 1012 -20.76 17.19 -38.18
CA GLU D 1012 -21.59 16.04 -38.51
C GLU D 1012 -22.24 16.18 -39.87
N ALA D 1013 -22.72 17.38 -40.20
CA ALA D 1013 -23.26 17.60 -41.54
C ALA D 1013 -22.16 17.58 -42.60
N LEU D 1014 -20.96 18.01 -42.23
CA LEU D 1014 -19.86 18.09 -43.20
C LEU D 1014 -19.29 16.72 -43.53
N THR D 1015 -19.16 15.84 -42.54
CA THR D 1015 -18.49 14.56 -42.72
C THR D 1015 -19.46 13.40 -42.97
N LYS D 1016 -20.76 13.68 -43.04
CA LYS D 1016 -21.78 12.67 -43.32
C LYS D 1016 -21.70 11.53 -42.30
N SER D 1017 -21.96 11.89 -41.05
CA SER D 1017 -21.89 10.97 -39.92
C SER D 1017 -23.29 10.69 -39.39
N CYS D 1018 -23.35 9.94 -38.29
CA CYS D 1018 -24.61 9.52 -37.70
C CYS D 1018 -25.28 10.67 -36.97
N PHE D 1019 -26.55 10.46 -36.62
CA PHE D 1019 -27.29 11.39 -35.79
C PHE D 1019 -26.97 11.09 -34.33
N ALA D 1020 -26.10 11.92 -33.72
CA ALA D 1020 -25.71 11.69 -32.34
C ALA D 1020 -26.89 11.80 -31.38
N ILE D 1021 -27.76 12.78 -31.61
CA ILE D 1021 -28.94 12.99 -30.78
C ILE D 1021 -30.17 12.75 -31.64
N PHE D 1022 -30.98 11.75 -31.24
CA PHE D 1022 -32.18 11.42 -31.97
C PHE D 1022 -33.25 10.94 -31.00
N GLY D 1023 -34.48 11.35 -31.23
CA GLY D 1023 -35.59 10.95 -30.40
C GLY D 1023 -36.42 9.84 -31.01
N GLU D 1024 -36.33 8.64 -30.44
CA GLU D 1024 -37.07 7.48 -30.93
C GLU D 1024 -38.36 7.34 -30.13
N ASP D 1025 -39.37 8.10 -30.55
CA ASP D 1025 -40.66 8.09 -29.89
C ASP D 1025 -41.81 8.04 -30.89
N SER D 1026 -43.04 8.23 -30.41
CA SER D 1026 -44.20 8.18 -31.29
C SER D 1026 -44.26 9.43 -32.16
N THR D 1027 -45.07 9.35 -33.22
CA THR D 1027 -45.24 10.46 -34.15
C THR D 1027 -45.98 11.63 -33.49
N LYS D 1393 -45.03 3.50 -38.12
CA LYS D 1393 -44.36 3.10 -36.90
C LYS D 1393 -43.80 4.30 -36.14
N THR D 1394 -42.84 4.05 -35.27
CA THR D 1394 -42.24 5.11 -34.47
C THR D 1394 -41.27 5.93 -35.31
N LEU D 1395 -40.78 7.03 -34.73
CA LEU D 1395 -39.83 7.90 -35.43
C LEU D 1395 -38.50 7.20 -35.66
N GLY D 1396 -38.10 6.30 -34.75
CA GLY D 1396 -36.85 5.58 -34.92
C GLY D 1396 -36.89 4.57 -36.05
N GLY D 1397 -38.09 4.09 -36.40
CA GLY D 1397 -38.22 3.16 -37.51
C GLY D 1397 -38.06 3.82 -38.86
N LYS D 1398 -38.45 5.08 -38.99
CA LYS D 1398 -38.30 5.79 -40.26
C LYS D 1398 -36.83 5.98 -40.61
N LEU D 1399 -35.99 6.25 -39.62
CA LEU D 1399 -34.57 6.45 -39.86
C LEU D 1399 -33.90 5.14 -40.30
N ASP D 1400 -32.91 5.28 -41.18
CA ASP D 1400 -32.14 4.14 -41.62
C ASP D 1400 -31.31 3.61 -40.45
N LYS D 1401 -31.12 2.28 -40.45
CA LYS D 1401 -30.39 1.64 -39.35
C LYS D 1401 -28.94 2.11 -39.30
N ALA D 1402 -28.30 2.32 -40.45
CA ALA D 1402 -26.91 2.75 -40.47
C ALA D 1402 -26.72 4.17 -39.93
N LEU D 1403 -27.76 5.00 -39.98
CA LEU D 1403 -27.70 6.37 -39.49
C LEU D 1403 -28.02 6.48 -38.00
N HIS D 1404 -28.29 5.35 -37.34
CA HIS D 1404 -28.60 5.37 -35.92
C HIS D 1404 -27.38 5.78 -35.11
N PRO D 1405 -27.59 6.38 -33.93
CA PRO D 1405 -26.45 6.81 -33.11
C PRO D 1405 -25.55 5.65 -32.73
N CYS D 1406 -24.26 5.94 -32.65
CA CYS D 1406 -23.27 4.91 -32.33
C CYS D 1406 -23.49 4.39 -30.92
N THR D 1407 -23.50 3.06 -30.78
CA THR D 1407 -23.69 2.39 -29.49
C THR D 1407 -22.63 1.31 -29.36
N GLY D 1408 -21.66 1.53 -28.48
CA GLY D 1408 -20.58 0.60 -28.28
C GLY D 1408 -19.43 0.84 -29.24
N LEU D 1409 -18.26 0.28 -28.88
CA LEU D 1409 -17.05 0.41 -29.68
C LEU D 1409 -16.79 -0.82 -30.54
N SER D 1410 -17.69 -1.80 -30.52
CA SER D 1410 -17.51 -3.01 -31.31
C SER D 1410 -17.67 -2.77 -32.80
N ASP D 1411 -18.68 -1.99 -33.20
CA ASP D 1411 -18.92 -1.72 -34.60
C ASP D 1411 -18.11 -0.55 -35.15
N GLY D 1412 -17.40 0.18 -34.29
CA GLY D 1412 -16.59 1.30 -34.70
C GLY D 1412 -17.22 2.62 -34.29
N LEU D 1413 -16.54 3.70 -34.69
CA LEU D 1413 -16.97 5.06 -34.39
C LEU D 1413 -16.99 5.89 -35.66
N CYS D 1414 -18.08 6.62 -35.88
CA CYS D 1414 -18.18 7.51 -37.02
C CYS D 1414 -17.30 8.73 -36.82
N PRO D 1415 -16.96 9.43 -37.90
CA PRO D 1415 -16.10 10.62 -37.77
C PRO D 1415 -16.61 11.64 -36.76
N GLY D 1416 -17.92 11.86 -36.68
CA GLY D 1416 -18.45 12.79 -35.70
C GLY D 1416 -18.28 12.33 -34.28
N CYS D 1417 -18.50 11.04 -34.01
CA CYS D 1417 -18.34 10.49 -32.67
C CYS D 1417 -16.90 10.18 -32.32
N HIS D 1418 -16.04 9.92 -33.30
CA HIS D 1418 -14.65 9.62 -33.03
C HIS D 1418 -13.84 10.86 -32.65
N LEU D 1419 -14.31 12.04 -33.03
CA LEU D 1419 -13.61 13.30 -32.73
C LEU D 1419 -14.17 13.99 -31.49
N PHE D 1420 -15.46 14.31 -31.49
CA PHE D 1420 -16.06 15.03 -30.37
C PHE D 1420 -16.33 14.13 -29.17
N GLY D 1421 -16.39 12.81 -29.38
CA GLY D 1421 -16.52 11.88 -28.28
C GLY D 1421 -17.89 11.27 -28.12
N THR D 1422 -17.95 10.13 -27.44
CA THR D 1422 -19.21 9.47 -27.15
C THR D 1422 -19.27 9.08 -25.67
N THR D 1423 -20.28 8.29 -25.29
CA THR D 1423 -20.48 7.93 -23.89
C THR D 1423 -19.44 6.96 -23.36
N ASP D 1424 -18.73 6.25 -24.24
CA ASP D 1424 -17.68 5.32 -23.81
C ASP D 1424 -16.35 5.64 -24.46
N TYR D 1425 -16.16 6.88 -24.93
CA TYR D 1425 -14.89 7.31 -25.50
C TYR D 1425 -14.82 8.83 -25.41
N LYS D 1426 -13.90 9.32 -24.57
CA LYS D 1426 -13.78 10.76 -24.36
C LYS D 1426 -13.25 11.43 -25.62
N GLY D 1427 -13.80 12.59 -25.95
CA GLY D 1427 -13.41 13.30 -27.15
C GLY D 1427 -12.02 13.88 -27.05
N ARG D 1428 -11.48 14.24 -28.22
CA ARG D 1428 -10.14 14.78 -28.33
C ARG D 1428 -10.09 16.28 -28.52
N VAL D 1429 -11.25 16.95 -28.56
CA VAL D 1429 -11.33 18.39 -28.74
C VAL D 1429 -12.00 19.01 -27.52
N LYS D 1430 -11.37 20.03 -26.97
CA LYS D 1430 -11.87 20.72 -25.79
C LYS D 1430 -12.10 22.18 -26.12
N PHE D 1431 -13.30 22.68 -25.79
CA PHE D 1431 -13.67 24.06 -26.05
C PHE D 1431 -13.61 24.89 -24.78
N GLY D 1432 -13.47 26.20 -24.96
CA GLY D 1432 -13.38 27.12 -23.86
C GLY D 1432 -14.42 28.21 -23.95
N PHE D 1433 -14.62 28.89 -22.83
CA PHE D 1433 -15.61 29.96 -22.76
C PHE D 1433 -15.11 31.18 -23.54
N ALA D 1434 -15.98 31.72 -24.39
CA ALA D 1434 -15.63 32.86 -25.23
C ALA D 1434 -15.70 34.14 -24.41
N LYS D 1435 -14.68 34.99 -24.57
CA LYS D 1435 -14.60 36.25 -23.84
C LYS D 1435 -14.83 37.41 -24.80
N TYR D 1436 -15.55 38.41 -24.31
CA TYR D 1436 -15.84 39.63 -25.05
C TYR D 1436 -14.71 40.65 -24.93
N GLU D 1437 -14.37 41.28 -26.05
CA GLU D 1437 -13.36 42.35 -26.05
C GLU D 1437 -13.92 43.70 -26.48
N ASN D 1438 -14.52 43.82 -27.67
CA ASN D 1438 -14.82 45.13 -28.25
C ASN D 1438 -16.16 45.11 -28.98
N GLY D 1439 -16.60 46.31 -29.38
CA GLY D 1439 -17.77 46.49 -30.21
C GLY D 1439 -18.74 47.54 -29.67
N PRO D 1440 -19.87 47.75 -30.38
CA PRO D 1440 -20.98 48.52 -29.81
C PRO D 1440 -22.01 47.59 -29.17
N GLU D 1441 -22.31 47.81 -27.89
CA GLU D 1441 -23.13 46.87 -27.14
C GLU D 1441 -24.58 47.35 -27.03
N TRP D 1442 -25.44 46.44 -26.60
CA TRP D 1442 -26.78 46.80 -26.12
C TRP D 1442 -27.59 47.57 -27.14
N LEU D 1443 -27.94 46.91 -28.25
CA LEU D 1443 -28.69 47.55 -29.33
C LEU D 1443 -29.88 48.32 -28.77
N ILE D 1444 -29.85 49.64 -28.96
CA ILE D 1444 -30.75 50.57 -28.27
C ILE D 1444 -32.02 50.72 -29.10
N THR D 1445 -33.16 50.51 -28.45
CA THR D 1445 -34.47 50.76 -29.04
C THR D 1445 -35.26 51.69 -28.12
N ARG D 1446 -35.71 52.82 -28.67
CA ARG D 1446 -36.48 53.79 -27.89
C ARG D 1446 -37.95 53.36 -27.87
N GLY D 1447 -38.48 53.17 -26.66
CA GLY D 1447 -39.88 52.78 -26.51
C GLY D 1447 -40.08 51.64 -25.54
N ASN D 1448 -38.99 51.07 -25.04
CA ASN D 1448 -39.04 49.99 -24.07
C ASN D 1448 -38.58 50.50 -22.71
N ASN D 1449 -39.09 49.87 -21.64
CA ASN D 1449 -38.75 50.29 -20.29
C ASN D 1449 -37.25 50.15 -20.06
N PRO D 1450 -36.62 49.04 -20.43
CA PRO D 1450 -35.17 49.06 -20.61
C PRO D 1450 -34.80 49.36 -22.05
N GLU D 1451 -33.84 50.27 -22.21
CA GLU D 1451 -33.46 50.72 -23.55
C GLU D 1451 -32.68 49.67 -24.33
N ARG D 1452 -32.29 48.57 -23.69
CA ARG D 1452 -31.42 47.56 -24.28
C ARG D 1452 -32.11 46.20 -24.39
N SER D 1453 -33.43 46.16 -24.30
CA SER D 1453 -34.17 44.90 -24.25
C SER D 1453 -35.11 44.80 -25.44
N LEU D 1454 -35.31 43.58 -25.91
CA LEU D 1454 -36.26 43.26 -26.97
C LEU D 1454 -37.25 42.22 -26.47
N THR D 1455 -38.52 42.41 -26.83
CA THR D 1455 -39.58 41.46 -26.51
C THR D 1455 -39.86 40.62 -27.75
N LEU D 1456 -39.61 39.32 -27.66
CA LEU D 1456 -39.77 38.42 -28.79
C LEU D 1456 -41.21 37.94 -28.90
N GLY D 1457 -41.49 37.16 -29.93
CA GLY D 1457 -42.82 36.62 -30.17
C GLY D 1457 -43.01 35.28 -29.49
N VAL D 1458 -43.99 34.55 -29.99
CA VAL D 1458 -44.29 33.21 -29.47
C VAL D 1458 -43.41 32.19 -30.17
N LEU D 1459 -42.70 31.39 -29.37
CA LEU D 1459 -41.85 30.32 -29.89
C LEU D 1459 -42.47 28.98 -29.48
N GLU D 1460 -43.05 28.29 -30.44
CA GLU D 1460 -43.76 27.04 -30.18
C GLU D 1460 -42.89 25.83 -30.55
N SER D 1461 -43.28 24.68 -30.03
CA SER D 1461 -42.51 23.46 -30.22
C SER D 1461 -42.55 23.02 -31.69
N PRO D 1462 -41.50 22.37 -32.17
CA PRO D 1462 -41.48 21.95 -33.57
C PRO D 1462 -42.37 20.74 -33.79
N ARG D 1463 -43.09 20.76 -34.91
CA ARG D 1463 -44.02 19.68 -35.24
C ARG D 1463 -43.51 18.90 -36.42
N PRO D 1464 -43.04 17.65 -36.23
CA PRO D 1464 -42.57 16.85 -37.37
C PRO D 1464 -43.64 16.49 -38.37
N ALA D 1465 -44.93 16.60 -38.00
CA ALA D 1465 -46.01 16.18 -38.89
C ALA D 1465 -45.99 16.95 -40.21
N PHE D 1466 -45.59 18.22 -40.19
CA PHE D 1466 -45.48 18.97 -41.43
C PHE D 1466 -44.27 18.52 -42.26
N SER D 1467 -43.18 18.16 -41.60
CA SER D 1467 -41.98 17.74 -42.32
C SER D 1467 -42.19 16.40 -43.01
N ILE D 1468 -42.73 15.42 -42.30
CA ILE D 1468 -42.96 14.09 -42.84
C ILE D 1468 -44.46 13.87 -42.96
N PRO D 1469 -44.99 13.76 -44.18
CA PRO D 1469 -46.39 13.36 -44.36
C PRO D 1469 -46.61 11.89 -44.05
N ASP D 1470 -47.79 11.38 -44.40
CA ASP D 1470 -48.17 9.98 -44.14
C ASP D 1470 -47.05 9.00 -44.51
N ASP D 1471 -47.06 7.83 -43.87
CA ASP D 1471 -45.93 6.91 -43.72
C ASP D 1471 -45.32 6.44 -45.05
N GLU D 1472 -45.80 6.83 -46.23
CA GLU D 1472 -45.12 6.52 -47.48
C GLU D 1472 -43.87 7.38 -47.69
N SER D 1473 -43.64 8.37 -46.83
CA SER D 1473 -42.52 9.29 -46.97
C SER D 1473 -41.34 8.82 -46.11
N GLU D 1474 -40.23 9.56 -46.22
CA GLU D 1474 -38.99 9.24 -45.55
C GLU D 1474 -38.46 10.50 -44.87
N ILE D 1475 -37.75 10.30 -43.76
CA ILE D 1475 -37.23 11.38 -42.94
C ILE D 1475 -36.28 12.26 -43.75
N PRO D 1476 -36.46 13.58 -43.74
CA PRO D 1476 -35.57 14.44 -44.55
C PRO D 1476 -34.16 14.55 -44.02
N GLY D 1477 -33.95 14.57 -42.72
CA GLY D 1477 -32.61 14.65 -42.14
C GLY D 1477 -32.47 15.83 -41.19
N ARG D 1478 -31.28 16.42 -41.20
CA ARG D 1478 -30.96 17.51 -40.30
C ARG D 1478 -31.71 18.78 -40.69
N LYS D 1479 -31.95 19.64 -39.70
CA LYS D 1479 -32.63 20.91 -39.92
C LYS D 1479 -31.65 22.06 -39.73
N PHE D 1480 -31.66 23.01 -40.66
CA PHE D 1480 -30.78 24.17 -40.63
C PHE D 1480 -31.59 25.43 -40.83
N TYR D 1481 -31.12 26.54 -40.26
CA TYR D 1481 -31.82 27.82 -40.34
C TYR D 1481 -31.06 28.77 -41.26
N LEU D 1482 -31.83 29.64 -41.94
CA LEU D 1482 -31.30 30.54 -42.93
C LEU D 1482 -30.69 31.78 -42.29
N HIS D 1483 -30.04 32.60 -43.12
CA HIS D 1483 -29.47 33.87 -42.70
C HIS D 1483 -30.30 34.99 -43.30
N HIS D 1484 -30.85 35.86 -42.44
CA HIS D 1484 -31.69 36.95 -42.90
C HIS D 1484 -31.79 37.98 -41.80
N ASN D 1485 -31.92 39.25 -42.20
CA ASN D 1485 -32.07 40.35 -41.24
C ASN D 1485 -33.55 40.58 -40.91
N GLY D 1486 -34.18 39.49 -40.45
CA GLY D 1486 -35.58 39.52 -40.09
C GLY D 1486 -35.87 40.01 -38.68
N TRP D 1487 -34.85 40.38 -37.91
CA TRP D 1487 -35.05 40.87 -36.56
C TRP D 1487 -35.62 42.27 -36.53
N ARG D 1488 -35.44 43.05 -37.60
CA ARG D 1488 -36.02 44.39 -37.63
C ARG D 1488 -37.54 44.36 -37.66
N ILE D 1489 -38.14 43.32 -38.23
CA ILE D 1489 -39.59 43.17 -38.18
C ILE D 1489 -40.07 43.05 -36.74
N ILE D 1490 -39.37 42.24 -35.93
CA ILE D 1490 -39.70 42.15 -34.52
C ILE D 1490 -39.41 43.47 -33.81
N ARG D 1491 -38.36 44.17 -34.24
CA ARG D 1491 -37.98 45.44 -33.62
C ARG D 1491 -39.05 46.51 -33.80
N GLN D 1492 -39.62 46.64 -34.99
CA GLN D 1492 -40.49 47.76 -35.30
C GLN D 1492 -41.92 47.58 -34.80
N LYS D 1493 -42.31 46.39 -34.36
CA LYS D 1493 -43.66 46.15 -33.84
C LYS D 1493 -43.62 45.70 -32.38
N GLN D 1494 -42.75 46.32 -31.58
CA GLN D 1494 -42.75 46.05 -30.15
C GLN D 1494 -44.05 46.55 -29.51
N LEU D 1495 -44.52 47.73 -29.94
CA LEU D 1495 -45.75 48.31 -29.39
C LEU D 1495 -46.97 47.48 -29.72
N GLU D 1496 -46.90 46.63 -30.74
CA GLU D 1496 -48.01 45.76 -31.13
C GLU D 1496 -47.84 44.38 -30.51
N ILE D 1497 -46.61 43.90 -30.36
CA ILE D 1497 -46.35 42.59 -29.78
C ILE D 1497 -46.51 42.62 -28.26
N ARG D 1498 -46.34 43.78 -27.64
CA ARG D 1498 -46.53 43.89 -26.20
C ARG D 1498 -48.00 44.03 -25.83
N GLU D 1499 -48.88 44.26 -26.79
CA GLU D 1499 -50.31 44.40 -26.52
C GLU D 1499 -51.12 43.22 -27.03
N THR D 1500 -50.92 42.78 -28.27
CA THR D 1500 -51.76 41.71 -28.80
C THR D 1500 -51.38 40.34 -28.26
N VAL D 1501 -50.22 40.20 -27.64
CA VAL D 1501 -49.74 38.92 -27.11
C VAL D 1501 -49.84 38.94 -25.60
N GLN D 1502 -50.46 37.91 -25.04
CA GLN D 1502 -50.62 37.82 -23.59
C GLN D 1502 -49.24 37.76 -22.92
N PRO D 1503 -49.05 38.45 -21.79
CA PRO D 1503 -47.74 38.50 -21.12
C PRO D 1503 -47.39 37.19 -20.41
N GLU D 1504 -47.56 36.07 -21.09
CA GLU D 1504 -47.23 34.75 -20.56
C GLU D 1504 -46.47 33.87 -21.53
N ARG D 1505 -46.56 34.12 -22.84
CA ARG D 1505 -45.96 33.26 -23.85
C ARG D 1505 -44.80 33.92 -24.57
N ASN D 1506 -44.29 35.05 -24.07
CA ASN D 1506 -43.18 35.75 -24.67
C ASN D 1506 -42.18 36.14 -23.59
N VAL D 1507 -40.94 36.37 -24.02
CA VAL D 1507 -39.85 36.69 -23.10
C VAL D 1507 -39.17 37.97 -23.57
N THR D 1508 -38.55 38.66 -22.62
CA THR D 1508 -37.75 39.84 -22.89
C THR D 1508 -36.33 39.60 -22.39
N THR D 1509 -35.36 39.82 -23.30
CA THR D 1509 -33.96 39.55 -23.00
C THR D 1509 -33.12 40.73 -23.49
N GLU D 1510 -31.96 40.90 -22.86
CA GLU D 1510 -30.99 41.89 -23.32
C GLU D 1510 -30.41 41.43 -24.65
N VAL D 1511 -30.36 42.34 -25.62
CA VAL D 1511 -30.02 42.03 -26.99
C VAL D 1511 -28.74 42.76 -27.37
N MET D 1512 -27.77 42.01 -27.90
CA MET D 1512 -26.49 42.56 -28.31
C MET D 1512 -26.62 43.26 -29.67
N ASP D 1513 -25.49 43.65 -30.24
CA ASP D 1513 -25.45 44.35 -31.51
C ASP D 1513 -24.39 43.73 -32.43
N LYS D 1514 -24.53 44.02 -33.72
CA LYS D 1514 -23.61 43.54 -34.73
C LYS D 1514 -22.28 44.27 -34.65
N GLY D 1515 -21.22 43.58 -35.05
CA GLY D 1515 -19.87 44.12 -34.98
C GLY D 1515 -19.13 43.84 -33.69
N ASN D 1516 -19.69 43.01 -32.81
CA ASN D 1516 -19.08 42.68 -31.54
C ASN D 1516 -18.21 41.44 -31.68
N VAL D 1517 -17.03 41.47 -31.05
CA VAL D 1517 -16.02 40.44 -31.23
C VAL D 1517 -15.86 39.65 -29.94
N PHE D 1518 -15.87 38.33 -30.07
CA PHE D 1518 -15.59 37.41 -28.98
C PHE D 1518 -14.34 36.61 -29.30
N SER D 1519 -13.63 36.20 -28.26
CA SER D 1519 -12.42 35.41 -28.40
C SER D 1519 -12.55 34.11 -27.60
N PHE D 1520 -12.39 33.00 -28.29
CA PHE D 1520 -12.43 31.69 -27.67
C PHE D 1520 -11.31 30.83 -28.25
N ASP D 1521 -10.88 29.84 -27.48
CA ASP D 1521 -9.79 28.96 -27.89
C ASP D 1521 -10.28 27.52 -27.99
N VAL D 1522 -9.58 26.72 -28.79
CA VAL D 1522 -9.89 25.31 -28.99
C VAL D 1522 -8.63 24.51 -28.77
N ARG D 1523 -8.66 23.56 -27.85
CA ARG D 1523 -7.53 22.69 -27.57
C ARG D 1523 -7.83 21.28 -28.04
N PHE D 1524 -6.83 20.66 -28.68
CA PHE D 1524 -6.98 19.33 -29.22
C PHE D 1524 -5.72 18.52 -28.97
N GLU D 1525 -5.87 17.20 -28.86
CA GLU D 1525 -4.74 16.30 -28.67
C GLU D 1525 -4.96 15.03 -29.47
N ASN D 1526 -3.85 14.45 -29.93
CA ASN D 1526 -3.86 13.17 -30.66
C ASN D 1526 -4.80 13.21 -31.86
N LEU D 1527 -4.51 14.11 -32.80
CA LEU D 1527 -5.33 14.27 -34.00
C LEU D 1527 -4.54 13.89 -35.25
N ARG D 1528 -5.26 13.32 -36.21
CA ARG D 1528 -4.71 13.07 -37.53
C ARG D 1528 -4.69 14.37 -38.34
N GLU D 1529 -4.19 14.27 -39.57
CA GLU D 1529 -4.02 15.49 -40.37
C GLU D 1529 -5.32 15.92 -41.03
N TRP D 1530 -6.01 14.98 -41.69
CA TRP D 1530 -7.26 15.29 -42.37
C TRP D 1530 -8.35 15.73 -41.39
N GLU D 1531 -8.39 15.14 -40.19
CA GLU D 1531 -9.37 15.57 -39.20
C GLU D 1531 -9.13 17.01 -38.77
N LEU D 1532 -7.86 17.38 -38.57
CA LEU D 1532 -7.56 18.77 -38.23
C LEU D 1532 -7.90 19.71 -39.37
N GLY D 1533 -7.62 19.31 -40.62
CA GLY D 1533 -8.02 20.13 -41.75
C GLY D 1533 -9.52 20.33 -41.83
N LEU D 1534 -10.28 19.25 -41.60
CA LEU D 1534 -11.74 19.35 -41.59
C LEU D 1534 -12.23 20.25 -40.46
N LEU D 1535 -11.63 20.15 -39.28
CA LEU D 1535 -12.01 21.03 -38.18
C LEU D 1535 -11.70 22.49 -38.51
N LEU D 1536 -10.56 22.74 -39.14
CA LEU D 1536 -10.20 24.10 -39.55
C LEU D 1536 -11.18 24.64 -40.57
N GLN D 1537 -11.60 23.82 -41.54
CA GLN D 1537 -12.59 24.25 -42.51
C GLN D 1537 -13.97 24.45 -41.88
N SER D 1538 -14.30 23.66 -40.85
CA SER D 1538 -15.58 23.84 -40.17
C SER D 1538 -15.59 25.10 -39.33
N LEU D 1539 -14.44 25.48 -38.77
CA LEU D 1539 -14.36 26.74 -38.02
C LEU D 1539 -14.68 27.93 -38.91
N ASP D 1540 -14.11 27.95 -40.12
CA ASP D 1540 -14.47 28.93 -41.13
C ASP D 1540 -14.45 28.32 -42.54
N PRO D 1541 -15.59 28.34 -43.24
CA PRO D 1541 -15.63 27.81 -44.61
C PRO D 1541 -15.30 28.83 -45.70
N GLY D 1542 -14.78 30.00 -45.33
CA GLY D 1542 -14.49 31.05 -46.29
C GLY D 1542 -15.42 32.24 -46.08
N LYS D 1543 -15.37 33.14 -47.06
CA LYS D 1543 -16.25 34.30 -47.03
C LYS D 1543 -17.69 33.90 -47.34
N ASN D 1544 -18.59 34.87 -47.17
CA ASN D 1544 -20.05 34.79 -47.43
C ASN D 1544 -20.66 33.46 -46.97
N ILE D 1545 -20.05 32.85 -45.95
CA ILE D 1545 -20.58 31.68 -45.26
C ILE D 1545 -20.32 31.87 -43.78
N ALA D 1546 -21.35 31.73 -42.96
CA ALA D 1546 -21.23 31.95 -41.52
C ALA D 1546 -22.03 30.88 -40.78
N HIS D 1547 -22.11 31.02 -39.47
CA HIS D 1547 -22.81 30.09 -38.60
C HIS D 1547 -24.04 30.76 -37.99
N LYS D 1548 -24.84 29.95 -37.30
CA LYS D 1548 -25.99 30.44 -36.56
C LYS D 1548 -25.90 29.91 -35.14
N LEU D 1549 -26.07 30.79 -34.16
CA LEU D 1549 -25.88 30.42 -32.76
C LEU D 1549 -26.67 31.36 -31.87
N GLY D 1550 -27.55 30.80 -31.04
CA GLY D 1550 -28.31 31.56 -30.08
C GLY D 1550 -29.80 31.42 -30.29
N LYS D 1551 -30.54 32.12 -29.45
CA LYS D 1551 -32.00 32.12 -29.53
C LYS D 1551 -32.46 33.00 -30.69
N GLY D 1552 -33.60 32.65 -31.27
CA GLY D 1552 -34.18 33.46 -32.33
C GLY D 1552 -33.60 33.20 -33.71
N LYS D 1553 -32.99 32.02 -33.89
CA LYS D 1553 -32.45 31.61 -35.19
C LYS D 1553 -33.52 31.65 -36.29
N PRO D 1554 -34.74 31.17 -36.05
CA PRO D 1554 -35.78 31.32 -37.09
C PRO D 1554 -36.06 32.78 -37.46
N TYR D 1555 -35.90 33.70 -36.51
CA TYR D 1555 -36.09 35.12 -36.78
C TYR D 1555 -34.81 35.82 -37.22
N GLY D 1556 -33.73 35.07 -37.43
CA GLY D 1556 -32.47 35.66 -37.82
C GLY D 1556 -31.85 36.48 -36.70
N PHE D 1557 -31.45 35.80 -35.62
CA PHE D 1557 -31.02 36.49 -34.41
C PHE D 1557 -29.77 35.84 -33.82
N GLY D 1558 -29.04 35.07 -34.61
CA GLY D 1558 -27.88 34.35 -34.09
C GLY D 1558 -26.71 34.19 -35.03
N SER D 1559 -26.63 34.99 -36.09
CA SER D 1559 -25.56 34.84 -37.07
C SER D 1559 -24.22 35.29 -36.49
N VAL D 1560 -23.20 34.45 -36.63
CA VAL D 1560 -21.86 34.73 -36.15
C VAL D 1560 -20.84 34.27 -37.18
N LYS D 1561 -19.73 35.00 -37.25
CA LYS D 1561 -18.61 34.65 -38.12
C LYS D 1561 -17.40 34.34 -37.26
N ILE D 1562 -16.80 33.17 -37.48
CA ILE D 1562 -15.64 32.72 -36.72
C ILE D 1562 -14.40 32.93 -37.57
N LYS D 1563 -13.44 33.67 -37.04
CA LYS D 1563 -12.18 33.97 -37.72
C LYS D 1563 -11.04 33.34 -36.94
N ILE D 1564 -10.21 32.57 -37.62
CA ILE D 1564 -9.09 31.90 -36.98
C ILE D 1564 -7.91 32.86 -36.91
N ASP D 1565 -7.38 33.06 -35.71
CA ASP D 1565 -6.28 34.00 -35.49
C ASP D 1565 -4.93 33.30 -35.52
N SER D 1566 -4.72 32.31 -34.65
CA SER D 1566 -3.47 31.59 -34.60
C SER D 1566 -3.73 30.14 -34.20
N LEU D 1567 -2.84 29.26 -34.64
CA LEU D 1567 -2.89 27.85 -34.30
C LEU D 1567 -1.48 27.38 -33.97
N HIS D 1568 -1.31 26.84 -32.76
CA HIS D 1568 -0.02 26.38 -32.27
C HIS D 1568 -0.01 24.87 -32.20
N THR D 1569 1.07 24.27 -32.70
CA THR D 1569 1.26 22.83 -32.66
C THR D 1569 2.48 22.50 -31.80
N PHE D 1570 2.27 21.59 -30.85
CA PHE D 1570 3.30 21.20 -29.91
C PHE D 1570 3.43 19.69 -29.88
N LYS D 1571 4.65 19.20 -29.77
CA LYS D 1571 4.98 17.80 -30.00
C LYS D 1571 5.78 17.29 -28.81
N ILE D 1572 5.41 16.11 -28.29
CA ILE D 1572 5.89 15.66 -26.98
C ILE D 1572 6.88 14.50 -27.05
N ASN D 1573 6.83 13.65 -28.07
CA ASN D 1573 7.89 12.65 -28.16
C ASN D 1573 9.22 13.24 -28.60
N SER D 1574 9.31 14.58 -28.67
CA SER D 1574 10.58 15.28 -28.83
C SER D 1574 11.28 15.33 -27.47
N ASN D 1575 12.30 16.18 -27.34
CA ASN D 1575 13.12 16.17 -26.13
C ASN D 1575 12.28 16.49 -24.89
N ASN D 1576 11.78 17.72 -24.77
CA ASN D 1576 10.81 18.04 -23.72
C ASN D 1576 9.49 18.50 -24.31
N ASP D 1577 9.48 19.60 -25.08
CA ASP D 1577 8.30 20.18 -25.69
C ASP D 1577 8.75 21.42 -26.46
N LYS D 1578 7.87 21.93 -27.33
CA LYS D 1578 8.14 23.17 -28.05
C LYS D 1578 6.84 23.70 -28.63
N ILE D 1579 6.72 25.03 -28.65
CA ILE D 1579 5.55 25.72 -29.22
C ILE D 1579 5.93 26.23 -30.60
N LYS D 1580 5.12 25.87 -31.59
CA LYS D 1580 5.35 26.29 -32.97
C LYS D 1580 4.27 27.29 -33.40
N ARG D 1581 4.33 27.72 -34.66
CA ARG D 1581 3.39 28.70 -35.18
C ARG D 1581 2.58 28.20 -36.36
N VAL D 1582 3.06 27.20 -37.10
CA VAL D 1582 2.32 26.58 -38.19
C VAL D 1582 1.84 27.62 -39.19
N PRO D 1583 2.73 28.17 -40.04
CA PRO D 1583 2.31 29.21 -40.98
C PRO D 1583 1.25 28.75 -41.98
N GLN D 1584 0.81 29.67 -42.84
CA GLN D 1584 -0.34 29.43 -43.70
C GLN D 1584 -0.13 28.25 -44.64
N SER D 1585 1.11 27.96 -45.03
CA SER D 1585 1.35 26.87 -45.97
C SER D 1585 0.92 25.53 -45.40
N ASP D 1586 1.30 25.24 -44.16
CA ASP D 1586 0.90 23.98 -43.53
C ASP D 1586 -0.61 23.92 -43.35
N ILE D 1587 -1.25 25.04 -43.01
CA ILE D 1587 -2.71 25.06 -42.90
C ILE D 1587 -3.34 24.69 -44.23
N ARG D 1588 -2.92 25.35 -45.31
CA ARG D 1588 -3.48 25.08 -46.63
C ARG D 1588 -3.28 23.63 -47.01
N GLU D 1589 -2.10 23.08 -46.72
CA GLU D 1589 -1.88 21.65 -46.94
C GLU D 1589 -2.88 20.81 -46.14
N TYR D 1590 -3.25 21.26 -44.94
CA TYR D 1590 -4.17 20.48 -44.12
C TYR D 1590 -5.59 20.51 -44.69
N ILE D 1591 -6.07 21.68 -45.14
CA ILE D 1591 -7.37 21.69 -45.81
C ILE D 1591 -7.31 20.87 -47.10
N ASN D 1592 -6.18 20.90 -47.81
CA ASN D 1592 -6.09 20.08 -49.02
C ASN D 1592 -6.19 18.59 -48.68
N LYS D 1593 -5.54 18.16 -47.60
CA LYS D 1593 -5.65 16.77 -47.17
C LYS D 1593 -7.08 16.42 -46.76
N GLY D 1594 -7.75 17.34 -46.06
CA GLY D 1594 -9.15 17.10 -45.71
C GLY D 1594 -10.05 16.98 -46.92
N TYR D 1595 -9.82 17.83 -47.93
CA TYR D 1595 -10.58 17.73 -49.17
C TYR D 1595 -10.33 16.41 -49.88
N GLN D 1596 -9.06 15.96 -49.89
CA GLN D 1596 -8.77 14.67 -50.50
C GLN D 1596 -9.45 13.53 -49.75
N LYS D 1597 -9.49 13.61 -48.42
CA LYS D 1597 -10.20 12.60 -47.63
C LYS D 1597 -11.69 12.61 -47.96
N LEU D 1598 -12.29 13.79 -48.08
CA LEU D 1598 -13.71 13.87 -48.44
C LEU D 1598 -13.96 13.29 -49.83
N ILE D 1599 -13.07 13.58 -50.78
CA ILE D 1599 -13.21 13.05 -52.14
C ILE D 1599 -13.11 11.53 -52.13
N GLU D 1600 -12.16 10.99 -51.35
CA GLU D 1600 -12.04 9.54 -51.23
C GLU D 1600 -13.29 8.93 -50.60
N TRP D 1601 -13.88 9.62 -49.62
CA TRP D 1601 -15.14 9.16 -49.04
C TRP D 1601 -16.28 9.21 -50.06
N SER D 1602 -16.23 10.15 -51.00
CA SER D 1602 -17.28 10.26 -51.99
C SER D 1602 -17.40 9.03 -52.87
N GLY D 1603 -16.33 8.26 -53.04
CA GLY D 1603 -16.35 7.02 -53.78
C GLY D 1603 -15.81 7.10 -55.19
N ASN D 1604 -15.67 8.30 -55.76
CA ASN D 1604 -15.16 8.46 -57.11
C ASN D 1604 -14.17 9.61 -57.14
N ASN D 1605 -13.07 9.42 -57.87
CA ASN D 1605 -12.04 10.45 -57.99
C ASN D 1605 -12.42 11.40 -59.12
N SER D 1606 -13.38 12.28 -58.82
CA SER D 1606 -13.82 13.26 -59.80
C SER D 1606 -12.70 14.25 -60.13
N ILE D 1607 -11.94 14.67 -59.11
CA ILE D 1607 -10.83 15.60 -59.29
C ILE D 1607 -9.53 14.82 -59.12
N GLN D 1608 -8.62 14.96 -60.08
CA GLN D 1608 -7.35 14.26 -60.04
C GLN D 1608 -6.46 14.84 -58.94
N LYS D 1609 -5.40 14.10 -58.62
CA LYS D 1609 -4.49 14.51 -57.55
C LYS D 1609 -3.76 15.78 -57.95
N GLY D 1610 -3.60 16.69 -57.00
CA GLY D 1610 -2.90 17.94 -57.25
C GLY D 1610 -3.03 18.86 -56.06
N ASN D 1611 -2.28 19.96 -56.12
CA ASN D 1611 -2.25 20.97 -55.07
C ASN D 1611 -2.82 22.26 -55.63
N VAL D 1612 -4.15 22.41 -55.53
CA VAL D 1612 -4.85 23.58 -56.00
C VAL D 1612 -5.87 23.98 -54.93
N LEU D 1613 -6.41 25.19 -55.07
CA LEU D 1613 -7.44 25.66 -54.16
C LEU D 1613 -8.65 24.75 -54.25
N PRO D 1614 -9.10 24.15 -53.15
CA PRO D 1614 -10.19 23.16 -53.22
C PRO D 1614 -11.52 23.82 -53.55
N GLN D 1615 -12.26 23.21 -54.49
CA GLN D 1615 -13.61 23.64 -54.83
C GLN D 1615 -14.57 22.76 -54.05
N TRP D 1616 -15.20 23.33 -53.01
CA TRP D 1616 -16.08 22.55 -52.16
C TRP D 1616 -17.43 22.26 -52.80
N HIS D 1617 -17.81 23.02 -53.83
CA HIS D 1617 -19.11 22.88 -54.46
C HIS D 1617 -19.18 21.74 -55.47
N VAL D 1618 -18.17 20.87 -55.50
CA VAL D 1618 -18.23 19.70 -56.37
C VAL D 1618 -19.01 18.58 -55.70
N ILE D 1619 -18.76 18.34 -54.43
CA ILE D 1619 -19.53 17.33 -53.68
C ILE D 1619 -20.96 17.83 -53.50
N PRO D 1620 -21.97 17.02 -53.80
CA PRO D 1620 -23.35 17.54 -53.73
C PRO D 1620 -23.81 17.93 -52.34
N HIS D 1621 -23.51 17.12 -51.32
CA HIS D 1621 -23.98 17.45 -49.98
C HIS D 1621 -23.23 18.63 -49.38
N ILE D 1622 -21.92 18.75 -49.66
CA ILE D 1622 -21.20 19.96 -49.29
C ILE D 1622 -21.80 21.17 -49.99
N ASP D 1623 -22.15 21.03 -51.27
CA ASP D 1623 -22.71 22.14 -52.02
C ASP D 1623 -24.04 22.58 -51.41
N LYS D 1624 -24.89 21.63 -51.05
CA LYS D 1624 -26.16 21.95 -50.40
C LYS D 1624 -25.94 22.61 -49.05
N LEU D 1625 -25.01 22.08 -48.25
CA LEU D 1625 -24.74 22.65 -46.93
C LEU D 1625 -24.24 24.09 -47.04
N TYR D 1626 -23.37 24.36 -48.02
CA TYR D 1626 -22.87 25.72 -48.19
C TYR D 1626 -23.91 26.66 -48.78
N LYS D 1627 -24.84 26.15 -49.60
CA LYS D 1627 -25.99 26.96 -49.96
C LYS D 1627 -26.86 27.27 -48.75
N LEU D 1628 -26.91 26.35 -47.79
CA LEU D 1628 -27.77 26.55 -46.63
C LEU D 1628 -27.19 27.60 -45.68
N LEU D 1629 -25.87 27.78 -45.70
CA LEU D 1629 -25.18 28.70 -44.79
C LEU D 1629 -24.68 29.95 -45.51
N TRP D 1630 -25.15 30.23 -46.71
CA TRP D 1630 -24.69 31.39 -47.46
C TRP D 1630 -25.43 32.64 -46.99
N VAL D 1631 -24.67 33.65 -46.57
CA VAL D 1631 -25.23 34.93 -46.16
C VAL D 1631 -25.35 35.81 -47.41
N PRO D 1632 -26.52 36.40 -47.68
CA PRO D 1632 -26.70 37.20 -48.90
C PRO D 1632 -26.49 38.69 -48.73
N PHE D 1633 -26.00 39.16 -47.57
CA PHE D 1633 -25.90 40.59 -47.31
C PHE D 1633 -24.55 40.99 -46.74
N LEU D 1634 -23.48 40.28 -47.10
CA LEU D 1634 -22.18 40.56 -46.49
C LEU D 1634 -21.34 41.50 -47.34
N ASN D 1635 -21.05 41.13 -48.59
CA ASN D 1635 -20.06 41.84 -49.40
C ASN D 1635 -20.74 42.92 -50.24
N ASP D 1636 -21.26 43.93 -49.54
CA ASP D 1636 -21.82 45.14 -50.16
C ASP D 1636 -22.90 44.79 -51.18
N SER D 1637 -23.78 43.85 -50.83
CA SER D 1637 -24.87 43.43 -51.69
C SER D 1637 -26.19 43.98 -51.16
N LYS D 1638 -27.02 44.49 -52.08
CA LYS D 1638 -28.32 45.04 -51.74
C LYS D 1638 -29.41 43.99 -51.67
N LEU D 1639 -29.04 42.72 -51.47
CA LEU D 1639 -30.02 41.64 -51.39
C LEU D 1639 -30.62 41.61 -49.99
N GLU D 1640 -31.94 41.76 -49.91
CA GLU D 1640 -32.67 41.79 -48.65
C GLU D 1640 -33.82 40.79 -48.73
N PRO D 1641 -33.54 39.50 -48.52
CA PRO D 1641 -34.61 38.50 -48.62
C PRO D 1641 -35.53 38.53 -47.42
N ASP D 1642 -36.80 38.21 -47.67
CA ASP D 1642 -37.81 38.13 -46.62
C ASP D 1642 -38.05 36.67 -46.26
N VAL D 1643 -37.82 36.32 -45.00
CA VAL D 1643 -37.93 34.94 -44.53
C VAL D 1643 -38.80 34.94 -43.28
N ARG D 1644 -40.03 34.45 -43.42
CA ARG D 1644 -40.97 34.35 -42.31
C ARG D 1644 -41.81 33.09 -42.49
N TYR D 1645 -42.81 32.91 -41.56
CA TYR D 1645 -43.79 31.84 -41.49
C TYR D 1645 -45.17 32.34 -41.91
N PRO D 1646 -46.02 31.48 -42.48
CA PRO D 1646 -47.45 31.80 -42.53
C PRO D 1646 -48.03 31.71 -41.12
N VAL D 1647 -49.00 32.56 -40.82
CA VAL D 1647 -49.35 32.74 -39.42
C VAL D 1647 -50.24 31.61 -38.92
N LEU D 1648 -51.52 31.59 -39.30
CA LEU D 1648 -52.30 30.36 -39.25
C LEU D 1648 -53.25 30.23 -40.43
N ASN D 1649 -53.95 31.32 -40.73
CA ASN D 1649 -55.15 31.38 -41.58
C ASN D 1649 -55.25 32.80 -42.12
N GLU D 1650 -56.44 33.11 -42.63
CA GLU D 1650 -56.80 34.50 -42.87
C GLU D 1650 -57.22 35.16 -41.56
N GLU D 1651 -57.50 36.46 -41.64
CA GLU D 1651 -57.91 37.31 -40.52
C GLU D 1651 -57.13 36.97 -39.24
N SER D 1652 -55.81 36.92 -39.39
CA SER D 1652 -54.90 36.64 -38.29
C SER D 1652 -53.85 37.74 -38.22
N LYS D 1653 -53.34 37.96 -37.00
CA LYS D 1653 -52.35 39.02 -36.80
C LYS D 1653 -51.09 38.73 -37.59
N GLY D 1654 -50.54 39.75 -38.21
CA GLY D 1654 -49.37 39.60 -39.07
C GLY D 1654 -49.66 39.14 -40.48
N TYR D 1655 -50.91 39.17 -40.92
CA TYR D 1655 -51.26 38.73 -42.26
C TYR D 1655 -50.70 39.69 -43.31
N ILE D 1656 -50.38 39.14 -44.48
CA ILE D 1656 -49.90 39.96 -45.59
C ILE D 1656 -51.08 40.57 -46.34
N GLU D 1657 -52.28 39.99 -46.20
CA GLU D 1657 -53.52 40.52 -46.75
C GLU D 1657 -53.44 40.63 -48.28
N GLY D 1658 -53.32 39.48 -48.92
CA GLY D 1658 -53.39 39.42 -50.37
C GLY D 1658 -52.38 38.51 -51.03
N SER D 1659 -51.61 37.76 -50.24
CA SER D 1659 -50.59 36.87 -50.77
C SER D 1659 -50.96 35.39 -50.65
N ASP D 1660 -52.14 35.08 -50.10
CA ASP D 1660 -52.62 33.70 -49.90
C ASP D 1660 -51.55 32.81 -49.30
N TYR D 1661 -50.69 33.40 -48.46
CA TYR D 1661 -49.60 32.67 -47.81
C TYR D 1661 -50.10 32.17 -46.47
N THR D 1662 -50.91 31.11 -46.52
CA THR D 1662 -51.54 30.55 -45.34
C THR D 1662 -51.45 29.04 -45.38
N TYR D 1663 -51.54 28.42 -44.20
CA TYR D 1663 -51.50 26.96 -44.10
C TYR D 1663 -52.76 26.30 -44.64
N LYS D 1664 -53.89 27.02 -44.68
CA LYS D 1664 -55.13 26.43 -45.19
C LYS D 1664 -55.00 26.05 -46.66
N LYS D 1665 -54.40 26.91 -47.48
CA LYS D 1665 -54.19 26.62 -48.89
C LYS D 1665 -52.86 25.93 -49.16
N LEU D 1666 -52.04 25.71 -48.12
CA LEU D 1666 -50.72 25.12 -48.26
C LEU D 1666 -50.71 23.62 -47.96
N GLY D 1667 -51.49 23.16 -47.00
CA GLY D 1667 -51.48 21.76 -46.62
C GLY D 1667 -52.85 21.10 -46.68
N ASP D 1668 -53.68 21.51 -47.63
CA ASP D 1668 -54.99 20.94 -47.82
C ASP D 1668 -54.99 19.71 -48.74
N LYS D 1669 -53.82 19.38 -49.31
CA LYS D 1669 -53.61 18.18 -50.12
C LYS D 1669 -54.31 18.28 -51.47
N ASP D 1670 -55.10 19.34 -51.68
CA ASP D 1670 -55.70 19.59 -52.98
C ASP D 1670 -54.67 20.16 -53.94
N ASN D 1671 -54.07 21.29 -53.58
CA ASN D 1671 -52.92 21.82 -54.27
C ASN D 1671 -51.66 21.58 -53.44
N LEU D 1672 -50.51 21.63 -54.12
CA LEU D 1672 -49.22 21.40 -53.47
C LEU D 1672 -49.19 20.03 -52.80
N PRO D 1673 -49.11 18.94 -53.57
CA PRO D 1673 -49.16 17.59 -52.98
C PRO D 1673 -48.04 17.33 -51.99
N TYR D 1674 -48.13 16.20 -51.29
CA TYR D 1674 -47.18 15.89 -50.22
C TYR D 1674 -45.76 15.79 -50.76
N LYS D 1675 -45.57 15.06 -51.86
CA LYS D 1675 -44.23 14.89 -52.42
C LYS D 1675 -43.64 16.24 -52.86
N THR D 1676 -44.46 17.11 -53.45
CA THR D 1676 -43.97 18.45 -53.80
C THR D 1676 -43.61 19.24 -52.56
N ARG D 1677 -44.38 19.10 -51.48
CA ARG D 1677 -44.06 19.80 -50.24
C ARG D 1677 -42.71 19.34 -49.67
N VAL D 1678 -42.47 18.03 -49.63
CA VAL D 1678 -41.18 17.56 -49.14
C VAL D 1678 -40.05 17.96 -50.09
N LYS D 1679 -40.30 17.96 -51.40
CA LYS D 1679 -39.28 18.41 -52.33
C LYS D 1679 -38.93 19.88 -52.12
N GLY D 1680 -39.93 20.73 -51.90
CA GLY D 1680 -39.65 22.13 -51.62
C GLY D 1680 -38.95 22.35 -50.29
N LEU D 1681 -39.33 21.59 -49.27
CA LEU D 1681 -38.65 21.70 -47.98
C LEU D 1681 -37.21 21.24 -48.04
N THR D 1682 -36.93 20.20 -48.83
CA THR D 1682 -35.57 19.69 -48.94
C THR D 1682 -34.66 20.65 -49.69
N THR D 1683 -35.14 21.19 -50.82
CA THR D 1683 -34.31 22.05 -51.65
C THR D 1683 -34.09 23.39 -50.94
N PRO D 1684 -32.84 23.77 -50.68
CA PRO D 1684 -32.57 25.04 -49.99
C PRO D 1684 -32.94 26.25 -50.82
N TRP D 1685 -33.34 27.31 -50.13
CA TRP D 1685 -33.61 28.61 -50.73
C TRP D 1685 -34.66 28.53 -51.84
N SER D 1686 -35.66 27.69 -51.64
CA SER D 1686 -36.74 27.57 -52.62
C SER D 1686 -37.88 28.52 -52.25
N PRO D 1687 -38.33 29.37 -53.17
CA PRO D 1687 -39.46 30.26 -52.87
C PRO D 1687 -40.73 29.46 -52.58
N TRP D 1688 -41.55 29.99 -51.66
CA TRP D 1688 -42.74 29.29 -51.22
C TRP D 1688 -44.04 29.95 -51.63
N ASN D 1689 -44.21 31.25 -51.39
CA ASN D 1689 -45.44 31.93 -51.80
C ASN D 1689 -45.54 31.90 -53.33
N PRO D 1690 -44.49 32.30 -54.08
CA PRO D 1690 -44.47 31.92 -55.51
C PRO D 1690 -43.75 30.58 -55.68
N PHE D 1691 -44.47 29.50 -55.34
CA PHE D 1691 -43.85 28.19 -55.19
C PHE D 1691 -43.18 27.73 -56.49
N GLN D 1692 -41.86 27.64 -56.46
CA GLN D 1692 -41.04 27.21 -57.59
C GLN D 1692 -41.41 27.93 -58.89
#